data_1B6E
# 
_entry.id   1B6E 
# 
_audit_conform.dict_name       mmcif_pdbx.dic 
_audit_conform.dict_version    5.398 
_audit_conform.dict_location   http://mmcif.pdb.org/dictionaries/ascii/mmcif_pdbx.dic 
# 
loop_
_database_2.database_id 
_database_2.database_code 
_database_2.pdbx_database_accession 
_database_2.pdbx_DOI 
PDB   1B6E         pdb_00001b6e 10.2210/pdb1b6e/pdb 
WWPDB D_1000171501 ?            ?                   
# 
loop_
_pdbx_audit_revision_history.ordinal 
_pdbx_audit_revision_history.data_content_type 
_pdbx_audit_revision_history.major_revision 
_pdbx_audit_revision_history.minor_revision 
_pdbx_audit_revision_history.revision_date 
1 'Structure model' 1 0 1999-06-15 
2 'Structure model' 1 1 2008-03-24 
3 'Structure model' 1 2 2011-07-13 
4 'Structure model' 1 3 2024-11-06 
# 
_pdbx_audit_revision_details.ordinal             1 
_pdbx_audit_revision_details.revision_ordinal    1 
_pdbx_audit_revision_details.data_content_type   'Structure model' 
_pdbx_audit_revision_details.provider            repository 
_pdbx_audit_revision_details.type                'Initial release' 
_pdbx_audit_revision_details.description         ? 
_pdbx_audit_revision_details.details             ? 
# 
loop_
_pdbx_audit_revision_group.ordinal 
_pdbx_audit_revision_group.revision_ordinal 
_pdbx_audit_revision_group.data_content_type 
_pdbx_audit_revision_group.group 
1 2 'Structure model' 'Version format compliance' 
2 3 'Structure model' 'Version format compliance' 
3 4 'Structure model' 'Data collection'           
4 4 'Structure model' 'Database references'       
5 4 'Structure model' 'Structure summary'         
# 
loop_
_pdbx_audit_revision_category.ordinal 
_pdbx_audit_revision_category.revision_ordinal 
_pdbx_audit_revision_category.data_content_type 
_pdbx_audit_revision_category.category 
1 4 'Structure model' chem_comp_atom            
2 4 'Structure model' chem_comp_bond            
3 4 'Structure model' database_2                
4 4 'Structure model' pdbx_entry_details        
5 4 'Structure model' pdbx_modification_feature 
# 
loop_
_pdbx_audit_revision_item.ordinal 
_pdbx_audit_revision_item.revision_ordinal 
_pdbx_audit_revision_item.data_content_type 
_pdbx_audit_revision_item.item 
1 4 'Structure model' '_database_2.pdbx_DOI'                
2 4 'Structure model' '_database_2.pdbx_database_accession' 
# 
_pdbx_database_status.status_code                     REL 
_pdbx_database_status.entry_id                        1B6E 
_pdbx_database_status.recvd_initial_deposition_date   1999-01-14 
_pdbx_database_status.deposit_site                    ? 
_pdbx_database_status.process_site                    BNL 
_pdbx_database_status.SG_entry                        . 
_pdbx_database_status.pdb_format_compatible           Y 
_pdbx_database_status.status_code_mr                  ? 
_pdbx_database_status.status_code_sf                  ? 
_pdbx_database_status.status_code_cs                  ? 
_pdbx_database_status.status_code_nmr_data            ? 
_pdbx_database_status.methods_development_category    ? 
# 
loop_
_audit_author.name 
_audit_author.pdbx_ordinal 
'Boyington, J.C.' 1 
'Riaz, A.N.'      2 
'Patamawenu, A.'  3 
'Coligan, J.E.'   4 
'Brooks, A.G.'    5 
'Sun, P.D.'       6 
# 
_citation.id                        primary 
_citation.title                     
'Structure of CD94 reveals a novel C-type lectin fold: implications for the NK cell-associated CD94/NKG2 receptors.' 
_citation.journal_abbrev            Immunity 
_citation.journal_volume            10 
_citation.page_first                75 
_citation.page_last                 82 
_citation.year                      1999 
_citation.journal_id_ASTM           IUNIEH 
_citation.country                   US 
_citation.journal_id_ISSN           1074-7613 
_citation.journal_id_CSD            2048 
_citation.book_publisher            ? 
_citation.pdbx_database_id_PubMed   10023772 
_citation.pdbx_database_id_DOI      '10.1016/S1074-7613(00)80008-4' 
# 
loop_
_citation_author.citation_id 
_citation_author.name 
_citation_author.ordinal 
_citation_author.identifier_ORCID 
primary 'Boyington, J.C.' 1 ? 
primary 'Riaz, A.N.'      2 ? 
primary 'Patamawenu, A.'  3 ? 
primary 'Coligan, J.E.'   4 ? 
primary 'Brooks, A.G.'    5 ? 
primary 'Sun, P.D.'       6 ? 
# 
loop_
_entity.id 
_entity.type 
_entity.src_method 
_entity.pdbx_description 
_entity.formula_weight 
_entity.pdbx_number_of_molecules 
_entity.pdbx_ec 
_entity.pdbx_mutation 
_entity.pdbx_fragment 
_entity.details 
1 polymer man CD94  15004.530 1  ? ? 'C-TYPE LECTIN DOMAIN' ? 
2 water   nat water 18.015    39 ? ? ?                      ? 
# 
_entity_poly.entity_id                      1 
_entity_poly.type                           'polypeptide(L)' 
_entity_poly.nstd_linkage                   no 
_entity_poly.nstd_monomer                   no 
_entity_poly.pdbx_seq_one_letter_code       
;LQKDSDCCSCQEKWVGYRCNCYFISSEQKTWNESRHLCASQKSSLLQLQNTDELDFMSSSQQFYWIGLSYSEEHTAWLWE
NGSALSQYLFPSFETFNTKNCIAYNPNGNALDESCEDKNRYICKQQLI
;
_entity_poly.pdbx_seq_one_letter_code_can   
;LQKDSDCCSCQEKWVGYRCNCYFISSEQKTWNESRHLCASQKSSLLQLQNTDELDFMSSSQQFYWIGLSYSEEHTAWLWE
NGSALSQYLFPSFETFNTKNCIAYNPNGNALDESCEDKNRYICKQQLI
;
_entity_poly.pdbx_strand_id                 A 
_entity_poly.pdbx_target_identifier         ? 
# 
_pdbx_entity_nonpoly.entity_id   2 
_pdbx_entity_nonpoly.name        water 
_pdbx_entity_nonpoly.comp_id     HOH 
# 
loop_
_entity_poly_seq.entity_id 
_entity_poly_seq.num 
_entity_poly_seq.mon_id 
_entity_poly_seq.hetero 
1 1   LEU n 
1 2   GLN n 
1 3   LYS n 
1 4   ASP n 
1 5   SER n 
1 6   ASP n 
1 7   CYS n 
1 8   CYS n 
1 9   SER n 
1 10  CYS n 
1 11  GLN n 
1 12  GLU n 
1 13  LYS n 
1 14  TRP n 
1 15  VAL n 
1 16  GLY n 
1 17  TYR n 
1 18  ARG n 
1 19  CYS n 
1 20  ASN n 
1 21  CYS n 
1 22  TYR n 
1 23  PHE n 
1 24  ILE n 
1 25  SER n 
1 26  SER n 
1 27  GLU n 
1 28  GLN n 
1 29  LYS n 
1 30  THR n 
1 31  TRP n 
1 32  ASN n 
1 33  GLU n 
1 34  SER n 
1 35  ARG n 
1 36  HIS n 
1 37  LEU n 
1 38  CYS n 
1 39  ALA n 
1 40  SER n 
1 41  GLN n 
1 42  LYS n 
1 43  SER n 
1 44  SER n 
1 45  LEU n 
1 46  LEU n 
1 47  GLN n 
1 48  LEU n 
1 49  GLN n 
1 50  ASN n 
1 51  THR n 
1 52  ASP n 
1 53  GLU n 
1 54  LEU n 
1 55  ASP n 
1 56  PHE n 
1 57  MET n 
1 58  SER n 
1 59  SER n 
1 60  SER n 
1 61  GLN n 
1 62  GLN n 
1 63  PHE n 
1 64  TYR n 
1 65  TRP n 
1 66  ILE n 
1 67  GLY n 
1 68  LEU n 
1 69  SER n 
1 70  TYR n 
1 71  SER n 
1 72  GLU n 
1 73  GLU n 
1 74  HIS n 
1 75  THR n 
1 76  ALA n 
1 77  TRP n 
1 78  LEU n 
1 79  TRP n 
1 80  GLU n 
1 81  ASN n 
1 82  GLY n 
1 83  SER n 
1 84  ALA n 
1 85  LEU n 
1 86  SER n 
1 87  GLN n 
1 88  TYR n 
1 89  LEU n 
1 90  PHE n 
1 91  PRO n 
1 92  SER n 
1 93  PHE n 
1 94  GLU n 
1 95  THR n 
1 96  PHE n 
1 97  ASN n 
1 98  THR n 
1 99  LYS n 
1 100 ASN n 
1 101 CYS n 
1 102 ILE n 
1 103 ALA n 
1 104 TYR n 
1 105 ASN n 
1 106 PRO n 
1 107 ASN n 
1 108 GLY n 
1 109 ASN n 
1 110 ALA n 
1 111 LEU n 
1 112 ASP n 
1 113 GLU n 
1 114 SER n 
1 115 CYS n 
1 116 GLU n 
1 117 ASP n 
1 118 LYS n 
1 119 ASN n 
1 120 ARG n 
1 121 TYR n 
1 122 ILE n 
1 123 CYS n 
1 124 LYS n 
1 125 GLN n 
1 126 GLN n 
1 127 LEU n 
1 128 ILE n 
# 
_entity_src_gen.entity_id                          1 
_entity_src_gen.pdbx_src_id                        1 
_entity_src_gen.pdbx_alt_source_flag               sample 
_entity_src_gen.pdbx_seq_type                      ? 
_entity_src_gen.pdbx_beg_seq_num                   ? 
_entity_src_gen.pdbx_end_seq_num                   ? 
_entity_src_gen.gene_src_common_name               human 
_entity_src_gen.gene_src_genus                     Homo 
_entity_src_gen.pdbx_gene_src_gene                 ? 
_entity_src_gen.gene_src_species                   ? 
_entity_src_gen.gene_src_strain                    ? 
_entity_src_gen.gene_src_tissue                    ? 
_entity_src_gen.gene_src_tissue_fraction           ? 
_entity_src_gen.gene_src_details                   ? 
_entity_src_gen.pdbx_gene_src_fragment             ? 
_entity_src_gen.pdbx_gene_src_scientific_name      'Homo sapiens' 
_entity_src_gen.pdbx_gene_src_ncbi_taxonomy_id     9606 
_entity_src_gen.pdbx_gene_src_variant              ? 
_entity_src_gen.pdbx_gene_src_cell_line            ? 
_entity_src_gen.pdbx_gene_src_atcc                 ? 
_entity_src_gen.pdbx_gene_src_organ                ? 
_entity_src_gen.pdbx_gene_src_organelle            ? 
_entity_src_gen.pdbx_gene_src_cell                 'NATURAL KILLER CELL' 
_entity_src_gen.pdbx_gene_src_cellular_location    'CELL SURFACE' 
_entity_src_gen.host_org_common_name               ? 
_entity_src_gen.pdbx_host_org_scientific_name      'Escherichia coli BL21' 
_entity_src_gen.pdbx_host_org_ncbi_taxonomy_id     511693 
_entity_src_gen.host_org_genus                     Escherichia 
_entity_src_gen.pdbx_host_org_gene                 ? 
_entity_src_gen.pdbx_host_org_organ                ? 
_entity_src_gen.host_org_species                   'Escherichia coli' 
_entity_src_gen.pdbx_host_org_tissue               ? 
_entity_src_gen.pdbx_host_org_tissue_fraction      ? 
_entity_src_gen.pdbx_host_org_strain               BL21 
_entity_src_gen.pdbx_host_org_variant              ? 
_entity_src_gen.pdbx_host_org_cell_line            ? 
_entity_src_gen.pdbx_host_org_atcc                 ? 
_entity_src_gen.pdbx_host_org_culture_collection   ? 
_entity_src_gen.pdbx_host_org_cell                 ? 
_entity_src_gen.pdbx_host_org_organelle            ? 
_entity_src_gen.pdbx_host_org_cellular_location    'INCLUSION BODIES' 
_entity_src_gen.pdbx_host_org_vector_type          PLASMID 
_entity_src_gen.pdbx_host_org_vector               ? 
_entity_src_gen.host_org_details                   ? 
_entity_src_gen.expression_system_id               ? 
_entity_src_gen.plasmid_name                       'MODIFIED PET30' 
_entity_src_gen.plasmid_details                    ? 
_entity_src_gen.pdbx_description                   ? 
# 
loop_
_chem_comp.id 
_chem_comp.type 
_chem_comp.mon_nstd_flag 
_chem_comp.name 
_chem_comp.pdbx_synonyms 
_chem_comp.formula 
_chem_comp.formula_weight 
ALA 'L-peptide linking' y ALANINE         ? 'C3 H7 N O2'     89.093  
ARG 'L-peptide linking' y ARGININE        ? 'C6 H15 N4 O2 1' 175.209 
ASN 'L-peptide linking' y ASPARAGINE      ? 'C4 H8 N2 O3'    132.118 
ASP 'L-peptide linking' y 'ASPARTIC ACID' ? 'C4 H7 N O4'     133.103 
CYS 'L-peptide linking' y CYSTEINE        ? 'C3 H7 N O2 S'   121.158 
GLN 'L-peptide linking' y GLUTAMINE       ? 'C5 H10 N2 O3'   146.144 
GLU 'L-peptide linking' y 'GLUTAMIC ACID' ? 'C5 H9 N O4'     147.129 
GLY 'peptide linking'   y GLYCINE         ? 'C2 H5 N O2'     75.067  
HIS 'L-peptide linking' y HISTIDINE       ? 'C6 H10 N3 O2 1' 156.162 
HOH non-polymer         . WATER           ? 'H2 O'           18.015  
ILE 'L-peptide linking' y ISOLEUCINE      ? 'C6 H13 N O2'    131.173 
LEU 'L-peptide linking' y LEUCINE         ? 'C6 H13 N O2'    131.173 
LYS 'L-peptide linking' y LYSINE          ? 'C6 H15 N2 O2 1' 147.195 
MET 'L-peptide linking' y METHIONINE      ? 'C5 H11 N O2 S'  149.211 
PHE 'L-peptide linking' y PHENYLALANINE   ? 'C9 H11 N O2'    165.189 
PRO 'L-peptide linking' y PROLINE         ? 'C5 H9 N O2'     115.130 
SER 'L-peptide linking' y SERINE          ? 'C3 H7 N O3'     105.093 
THR 'L-peptide linking' y THREONINE       ? 'C4 H9 N O3'     119.119 
TRP 'L-peptide linking' y TRYPTOPHAN      ? 'C11 H12 N2 O2'  204.225 
TYR 'L-peptide linking' y TYROSINE        ? 'C9 H11 N O3'    181.189 
VAL 'L-peptide linking' y VALINE          ? 'C5 H11 N O2'    117.146 
# 
loop_
_pdbx_poly_seq_scheme.asym_id 
_pdbx_poly_seq_scheme.entity_id 
_pdbx_poly_seq_scheme.seq_id 
_pdbx_poly_seq_scheme.mon_id 
_pdbx_poly_seq_scheme.ndb_seq_num 
_pdbx_poly_seq_scheme.pdb_seq_num 
_pdbx_poly_seq_scheme.auth_seq_num 
_pdbx_poly_seq_scheme.pdb_mon_id 
_pdbx_poly_seq_scheme.auth_mon_id 
_pdbx_poly_seq_scheme.pdb_strand_id 
_pdbx_poly_seq_scheme.pdb_ins_code 
_pdbx_poly_seq_scheme.hetero 
A 1 1   LEU 1   52  ?   ?   ?   A . n 
A 1 2   GLN 2   53  ?   ?   ?   A . n 
A 1 3   LYS 3   54  ?   ?   ?   A . n 
A 1 4   ASP 4   55  ?   ?   ?   A . n 
A 1 5   SER 5   56  ?   ?   ?   A . n 
A 1 6   ASP 6   57  ?   ?   ?   A . n 
A 1 7   CYS 7   58  ?   ?   ?   A . n 
A 1 8   CYS 8   59  59  CYS CYS A . n 
A 1 9   SER 9   60  60  SER SER A . n 
A 1 10  CYS 10  61  61  CYS CYS A . n 
A 1 11  GLN 11  62  62  GLN GLN A . n 
A 1 12  GLU 12  63  63  GLU GLU A . n 
A 1 13  LYS 13  64  64  LYS LYS A . n 
A 1 14  TRP 14  65  65  TRP TRP A . n 
A 1 15  VAL 15  66  66  VAL VAL A . n 
A 1 16  GLY 16  67  67  GLY GLY A . n 
A 1 17  TYR 17  68  68  TYR TYR A . n 
A 1 18  ARG 18  69  69  ARG ARG A . n 
A 1 19  CYS 19  70  70  CYS CYS A . n 
A 1 20  ASN 20  71  71  ASN ASN A . n 
A 1 21  CYS 21  72  72  CYS CYS A . n 
A 1 22  TYR 22  73  73  TYR TYR A . n 
A 1 23  PHE 23  74  74  PHE PHE A . n 
A 1 24  ILE 24  75  75  ILE ILE A . n 
A 1 25  SER 25  76  76  SER SER A . n 
A 1 26  SER 26  77  77  SER SER A . n 
A 1 27  GLU 27  78  78  GLU GLU A . n 
A 1 28  GLN 28  79  79  GLN GLN A . n 
A 1 29  LYS 29  80  80  LYS LYS A . n 
A 1 30  THR 30  81  81  THR THR A . n 
A 1 31  TRP 31  82  82  TRP TRP A . n 
A 1 32  ASN 32  83  83  ASN ASN A . n 
A 1 33  GLU 33  84  84  GLU GLU A . n 
A 1 34  SER 34  85  85  SER SER A . n 
A 1 35  ARG 35  86  86  ARG ARG A . n 
A 1 36  HIS 36  87  87  HIS HIS A . n 
A 1 37  LEU 37  88  88  LEU LEU A . n 
A 1 38  CYS 38  89  89  CYS CYS A . n 
A 1 39  ALA 39  90  90  ALA ALA A . n 
A 1 40  SER 40  91  91  SER SER A . n 
A 1 41  GLN 41  92  92  GLN GLN A . n 
A 1 42  LYS 42  93  93  LYS LYS A . n 
A 1 43  SER 43  94  94  SER SER A . n 
A 1 44  SER 44  95  95  SER SER A . n 
A 1 45  LEU 45  96  96  LEU LEU A . n 
A 1 46  LEU 46  97  97  LEU LEU A . n 
A 1 47  GLN 47  98  98  GLN GLN A . n 
A 1 48  LEU 48  99  99  LEU LEU A . n 
A 1 49  GLN 49  100 100 GLN GLN A . n 
A 1 50  ASN 50  101 101 ASN ASN A . n 
A 1 51  THR 51  102 102 THR THR A . n 
A 1 52  ASP 52  103 103 ASP ASP A . n 
A 1 53  GLU 53  104 104 GLU GLU A . n 
A 1 54  LEU 54  105 105 LEU LEU A . n 
A 1 55  ASP 55  106 106 ASP ASP A . n 
A 1 56  PHE 56  107 107 PHE PHE A . n 
A 1 57  MET 57  108 108 MET MET A . n 
A 1 58  SER 58  109 109 SER SER A . n 
A 1 59  SER 59  110 110 SER SER A . n 
A 1 60  SER 60  111 111 SER SER A . n 
A 1 61  GLN 61  112 112 GLN GLN A . n 
A 1 62  GLN 62  113 113 GLN GLN A . n 
A 1 63  PHE 63  114 114 PHE PHE A . n 
A 1 64  TYR 64  115 115 TYR TYR A . n 
A 1 65  TRP 65  116 116 TRP TRP A . n 
A 1 66  ILE 66  117 117 ILE ILE A . n 
A 1 67  GLY 67  118 118 GLY GLY A . n 
A 1 68  LEU 68  119 119 LEU LEU A . n 
A 1 69  SER 69  120 120 SER SER A . n 
A 1 70  TYR 70  121 121 TYR TYR A . n 
A 1 71  SER 71  122 122 SER SER A . n 
A 1 72  GLU 72  123 123 GLU GLU A . n 
A 1 73  GLU 73  124 124 GLU GLU A . n 
A 1 74  HIS 74  125 125 HIS HIS A . n 
A 1 75  THR 75  126 126 THR THR A . n 
A 1 76  ALA 76  127 127 ALA ALA A . n 
A 1 77  TRP 77  128 128 TRP TRP A . n 
A 1 78  LEU 78  129 129 LEU LEU A . n 
A 1 79  TRP 79  130 130 TRP TRP A . n 
A 1 80  GLU 80  131 131 GLU GLU A . n 
A 1 81  ASN 81  132 132 ASN ASN A . n 
A 1 82  GLY 82  133 133 GLY GLY A . n 
A 1 83  SER 83  134 134 SER SER A . n 
A 1 84  ALA 84  135 135 ALA ALA A . n 
A 1 85  LEU 85  136 136 LEU LEU A . n 
A 1 86  SER 86  137 137 SER SER A . n 
A 1 87  GLN 87  138 138 GLN GLN A . n 
A 1 88  TYR 88  139 139 TYR TYR A . n 
A 1 89  LEU 89  140 140 LEU LEU A . n 
A 1 90  PHE 90  141 141 PHE PHE A . n 
A 1 91  PRO 91  142 142 PRO PRO A . n 
A 1 92  SER 92  143 143 SER SER A . n 
A 1 93  PHE 93  144 144 PHE PHE A . n 
A 1 94  GLU 94  145 145 GLU GLU A . n 
A 1 95  THR 95  146 146 THR THR A . n 
A 1 96  PHE 96  147 147 PHE PHE A . n 
A 1 97  ASN 97  148 148 ASN ASN A . n 
A 1 98  THR 98  149 149 THR THR A . n 
A 1 99  LYS 99  150 150 LYS LYS A . n 
A 1 100 ASN 100 151 151 ASN ASN A . n 
A 1 101 CYS 101 152 152 CYS CYS A . n 
A 1 102 ILE 102 153 153 ILE ILE A . n 
A 1 103 ALA 103 154 154 ALA ALA A . n 
A 1 104 TYR 104 155 155 TYR TYR A . n 
A 1 105 ASN 105 156 156 ASN ASN A . n 
A 1 106 PRO 106 157 157 PRO PRO A . n 
A 1 107 ASN 107 158 158 ASN ASN A . n 
A 1 108 GLY 108 159 159 GLY GLY A . n 
A 1 109 ASN 109 160 160 ASN ASN A . n 
A 1 110 ALA 110 161 161 ALA ALA A . n 
A 1 111 LEU 111 162 162 LEU LEU A . n 
A 1 112 ASP 112 163 163 ASP ASP A . n 
A 1 113 GLU 113 164 164 GLU GLU A . n 
A 1 114 SER 114 165 165 SER SER A . n 
A 1 115 CYS 115 166 166 CYS CYS A . n 
A 1 116 GLU 116 167 167 GLU GLU A . n 
A 1 117 ASP 117 168 168 ASP ASP A . n 
A 1 118 LYS 118 169 169 LYS LYS A . n 
A 1 119 ASN 119 170 170 ASN ASN A . n 
A 1 120 ARG 120 171 171 ARG ARG A . n 
A 1 121 TYR 121 172 172 TYR TYR A . n 
A 1 122 ILE 122 173 173 ILE ILE A . n 
A 1 123 CYS 123 174 174 CYS CYS A . n 
A 1 124 LYS 124 175 175 LYS LYS A . n 
A 1 125 GLN 125 176 176 GLN GLN A . n 
A 1 126 GLN 126 177 177 GLN GLN A . n 
A 1 127 LEU 127 178 178 LEU LEU A . n 
A 1 128 ILE 128 179 179 ILE ILE A . n 
# 
loop_
_pdbx_nonpoly_scheme.asym_id 
_pdbx_nonpoly_scheme.entity_id 
_pdbx_nonpoly_scheme.mon_id 
_pdbx_nonpoly_scheme.ndb_seq_num 
_pdbx_nonpoly_scheme.pdb_seq_num 
_pdbx_nonpoly_scheme.auth_seq_num 
_pdbx_nonpoly_scheme.pdb_mon_id 
_pdbx_nonpoly_scheme.auth_mon_id 
_pdbx_nonpoly_scheme.pdb_strand_id 
_pdbx_nonpoly_scheme.pdb_ins_code 
B 2 HOH 1  1  1  HOH HOH A . 
B 2 HOH 2  2  2  HOH HOH A . 
B 2 HOH 3  3  3  HOH HOH A . 
B 2 HOH 4  4  4  HOH HOH A . 
B 2 HOH 5  5  5  HOH HOH A . 
B 2 HOH 6  6  6  HOH HOH A . 
B 2 HOH 7  7  7  HOH HOH A . 
B 2 HOH 8  8  8  HOH HOH A . 
B 2 HOH 9  9  9  HOH HOH A . 
B 2 HOH 10 10 10 HOH HOH A . 
B 2 HOH 11 11 11 HOH HOH A . 
B 2 HOH 12 12 12 HOH HOH A . 
B 2 HOH 13 13 13 HOH HOH A . 
B 2 HOH 14 14 14 HOH HOH A . 
B 2 HOH 15 15 15 HOH HOH A . 
B 2 HOH 16 16 16 HOH HOH A . 
B 2 HOH 17 17 17 HOH HOH A . 
B 2 HOH 18 18 18 HOH HOH A . 
B 2 HOH 19 19 19 HOH HOH A . 
B 2 HOH 20 20 20 HOH HOH A . 
B 2 HOH 21 21 21 HOH HOH A . 
B 2 HOH 22 22 22 HOH HOH A . 
B 2 HOH 23 23 23 HOH HOH A . 
B 2 HOH 24 24 24 HOH HOH A . 
B 2 HOH 25 25 25 HOH HOH A . 
B 2 HOH 26 26 26 HOH HOH A . 
B 2 HOH 27 27 27 HOH HOH A . 
B 2 HOH 28 28 28 HOH HOH A . 
B 2 HOH 29 29 29 HOH HOH A . 
B 2 HOH 30 30 30 HOH HOH A . 
B 2 HOH 31 31 31 HOH HOH A . 
B 2 HOH 32 32 32 HOH HOH A . 
B 2 HOH 33 33 33 HOH HOH A . 
B 2 HOH 34 34 34 HOH HOH A . 
B 2 HOH 35 35 35 HOH HOH A . 
B 2 HOH 36 36 36 HOH HOH A . 
B 2 HOH 37 37 37 HOH HOH A . 
B 2 HOH 38 38 38 HOH HOH A . 
B 2 HOH 39 39 39 HOH HOH A . 
# 
loop_
_software.name 
_software.classification 
_software.version 
_software.citation_id 
_software.pdbx_ordinal 
DENZO     'data reduction' .     ? 1 
SCALEPACK 'data scaling'   .     ? 2 
X-PLOR    'model building' 3.851 ? 3 
X-PLOR    refinement       3.851 ? 4 
X-PLOR    phasing          3.851 ? 5 
# 
_cell.entry_id           1B6E 
_cell.length_a           91.710 
_cell.length_b           91.710 
_cell.length_c           84.230 
_cell.angle_alpha        90.00 
_cell.angle_beta         90.00 
_cell.angle_gamma        120.00 
_cell.Z_PDB              12 
_cell.pdbx_unique_axis   ? 
# 
_symmetry.entry_id                         1B6E 
_symmetry.space_group_name_H-M             'P 65 2 2' 
_symmetry.pdbx_full_space_group_name_H-M   ? 
_symmetry.cell_setting                     ? 
_symmetry.Int_Tables_number                179 
# 
_exptl.entry_id          1B6E 
_exptl.method            'X-RAY DIFFRACTION' 
_exptl.crystals_number   1 
# 
_exptl_crystal.id                    1 
_exptl_crystal.density_meas          ? 
_exptl_crystal.density_Matthews      3.4 
_exptl_crystal.density_percent_sol   63.7 
_exptl_crystal.description           ? 
# 
_exptl_crystal_grow.crystal_id      1 
_exptl_crystal_grow.method          ? 
_exptl_crystal_grow.temp            ? 
_exptl_crystal_grow.temp_details    ? 
_exptl_crystal_grow.pH              7.5 
_exptl_crystal_grow.pdbx_pH_range   ? 
_exptl_crystal_grow.pdbx_details    'pH 7.5' 
# 
_diffrn.id                     1 
_diffrn.ambient_temp           100 
_diffrn.ambient_temp_details   ? 
_diffrn.crystal_id             1 
# 
_diffrn_detector.diffrn_id              1 
_diffrn_detector.detector               'IMAGE PLATE' 
_diffrn_detector.type                   MARRESEARCH 
_diffrn_detector.pdbx_collection_date   1998-01 
_diffrn_detector.details                ? 
# 
_diffrn_radiation.diffrn_id                        1 
_diffrn_radiation.wavelength_id                    1 
_diffrn_radiation.pdbx_monochromatic_or_laue_m_l   M 
_diffrn_radiation.monochromator                    ? 
_diffrn_radiation.pdbx_diffrn_protocol             ? 
_diffrn_radiation.pdbx_scattering_type             x-ray 
# 
_diffrn_radiation_wavelength.id           1 
_diffrn_radiation_wavelength.wavelength   0.9795 
_diffrn_radiation_wavelength.wt           1.0 
# 
_diffrn_source.diffrn_id                   1 
_diffrn_source.source                      SYNCHROTRON 
_diffrn_source.type                        'NSLS BEAMLINE X9B' 
_diffrn_source.pdbx_synchrotron_site       NSLS 
_diffrn_source.pdbx_synchrotron_beamline   X9B 
_diffrn_source.pdbx_wavelength             0.9795 
_diffrn_source.pdbx_wavelength_list        ? 
# 
_reflns.entry_id                     1B6E 
_reflns.observed_criterion_sigma_I   0.0 
_reflns.observed_criterion_sigma_F   ? 
_reflns.d_resolution_low             20.0 
_reflns.d_resolution_high            2.6 
_reflns.number_obs                   6450 
_reflns.number_all                   ? 
_reflns.percent_possible_obs         94.5 
_reflns.pdbx_Rmerge_I_obs            ? 
_reflns.pdbx_Rsym_value              0.063 
_reflns.pdbx_netI_over_sigmaI        12.5 
_reflns.B_iso_Wilson_estimate        ? 
_reflns.pdbx_redundancy              4.8 
_reflns.pdbx_diffrn_id               1 
_reflns.pdbx_ordinal                 1 
# 
_reflns_shell.d_res_high             2.6 
_reflns_shell.d_res_low              2.7 
_reflns_shell.percent_possible_all   91.7 
_reflns_shell.Rmerge_I_obs           ? 
_reflns_shell.pdbx_Rsym_value        0.301 
_reflns_shell.meanI_over_sigI_obs    ? 
_reflns_shell.pdbx_redundancy        ? 
_reflns_shell.pdbx_diffrn_id         ? 
_reflns_shell.pdbx_ordinal           1 
# 
_refine.entry_id                                 1B6E 
_refine.ls_number_reflns_obs                     5667 
_refine.ls_number_reflns_all                     ? 
_refine.pdbx_ls_sigma_I                          ? 
_refine.pdbx_ls_sigma_F                          2.0 
_refine.pdbx_data_cutoff_high_absF               1000000.00 
_refine.pdbx_data_cutoff_low_absF                0.01 
_refine.pdbx_data_cutoff_high_rms_absF           ? 
_refine.ls_d_res_low                             8.00 
_refine.ls_d_res_high                            2.60 
_refine.ls_percent_reflns_obs                    86.4 
_refine.ls_R_factor_obs                          0.22 
_refine.ls_R_factor_all                          ? 
_refine.ls_R_factor_R_work                       0.22 
_refine.ls_R_factor_R_free                       0.322 
_refine.ls_R_factor_R_free_error                 0.019 
_refine.ls_R_factor_R_free_error_details         ? 
_refine.ls_percent_reflns_R_free                 4.9 
_refine.ls_number_reflns_R_free                  279 
_refine.ls_number_parameters                     ? 
_refine.ls_number_restraints                     ? 
_refine.occupancy_min                            ? 
_refine.occupancy_max                            ? 
_refine.B_iso_mean                               40.6 
_refine.aniso_B[1][1]                            -18.587 
_refine.aniso_B[2][2]                            -18.587 
_refine.aniso_B[3][3]                            10.638 
_refine.aniso_B[1][2]                            -10.633 
_refine.aniso_B[1][3]                            0.000 
_refine.aniso_B[2][3]                            0.000 
_refine.solvent_model_details                    ? 
_refine.solvent_model_param_ksol                 ? 
_refine.solvent_model_param_bsol                 ? 
_refine.pdbx_ls_cross_valid_method               THROUGHOUT 
_refine.details                                  'BULK SOLVENT CORRECTION DURING REFINEMENT' 
_refine.pdbx_starting_model                      ? 
_refine.pdbx_method_to_determine_struct          MIRAS 
_refine.pdbx_isotropic_thermal_model             RESTRAINED 
_refine.pdbx_stereochemistry_target_values       ? 
_refine.pdbx_stereochem_target_val_spec_case     ? 
_refine.pdbx_R_Free_selection_details            RANDOM 
_refine.pdbx_overall_ESU_R                       ? 
_refine.pdbx_overall_ESU_R_Free                  ? 
_refine.overall_SU_ML                            ? 
_refine.overall_SU_B                             ? 
_refine.pdbx_refine_id                           'X-RAY DIFFRACTION' 
_refine.pdbx_diffrn_id                           1 
_refine.pdbx_TLS_residual_ADP_flag               ? 
_refine.correlation_coeff_Fo_to_Fc               ? 
_refine.correlation_coeff_Fo_to_Fc_free          ? 
_refine.pdbx_solvent_vdw_probe_radii             ? 
_refine.pdbx_solvent_ion_probe_radii             ? 
_refine.pdbx_solvent_shrinkage_radii             ? 
_refine.pdbx_overall_phase_error                 ? 
_refine.overall_SU_R_Cruickshank_DPI             ? 
_refine.pdbx_overall_SU_R_free_Cruickshank_DPI   ? 
_refine.pdbx_overall_SU_R_Blow_DPI               ? 
_refine.pdbx_overall_SU_R_free_Blow_DPI          ? 
# 
_refine_hist.pdbx_refine_id                   'X-RAY DIFFRACTION' 
_refine_hist.cycle_id                         LAST 
_refine_hist.pdbx_number_atoms_protein        997 
_refine_hist.pdbx_number_atoms_nucleic_acid   0 
_refine_hist.pdbx_number_atoms_ligand         0 
_refine_hist.number_atoms_solvent             39 
_refine_hist.number_atoms_total               1036 
_refine_hist.d_res_high                       2.60 
_refine_hist.d_res_low                        8.00 
# 
loop_
_refine_ls_restr.type 
_refine_ls_restr.dev_ideal 
_refine_ls_restr.dev_ideal_target 
_refine_ls_restr.weight 
_refine_ls_restr.number 
_refine_ls_restr.pdbx_refine_id 
_refine_ls_restr.pdbx_restraint_function 
x_bond_d                0.009 ?   ? ? 'X-RAY DIFFRACTION' ? 
x_bond_d_na             ?     ?   ? ? 'X-RAY DIFFRACTION' ? 
x_bond_d_prot           ?     ?   ? ? 'X-RAY DIFFRACTION' ? 
x_angle_d               ?     ?   ? ? 'X-RAY DIFFRACTION' ? 
x_angle_d_na            ?     ?   ? ? 'X-RAY DIFFRACTION' ? 
x_angle_d_prot          ?     ?   ? ? 'X-RAY DIFFRACTION' ? 
x_angle_deg             1.6   ?   ? ? 'X-RAY DIFFRACTION' ? 
x_angle_deg_na          ?     ?   ? ? 'X-RAY DIFFRACTION' ? 
x_angle_deg_prot        ?     ?   ? ? 'X-RAY DIFFRACTION' ? 
x_dihedral_angle_d      27.9  ?   ? ? 'X-RAY DIFFRACTION' ? 
x_dihedral_angle_d_na   ?     ?   ? ? 'X-RAY DIFFRACTION' ? 
x_dihedral_angle_d_prot ?     ?   ? ? 'X-RAY DIFFRACTION' ? 
x_improper_angle_d      0.75  ?   ? ? 'X-RAY DIFFRACTION' ? 
x_improper_angle_d_na   ?     ?   ? ? 'X-RAY DIFFRACTION' ? 
x_improper_angle_d_prot ?     ?   ? ? 'X-RAY DIFFRACTION' ? 
x_mcbond_it             1.9   1.5 ? ? 'X-RAY DIFFRACTION' ? 
x_mcangle_it            3.2   2.0 ? ? 'X-RAY DIFFRACTION' ? 
x_scbond_it             2.6   2.0 ? ? 'X-RAY DIFFRACTION' ? 
x_scangle_it            3.9   2.5 ? ? 'X-RAY DIFFRACTION' ? 
# 
_refine_ls_shell.pdbx_total_number_of_bins_used   10 
_refine_ls_shell.d_res_high                       2.6 
_refine_ls_shell.d_res_low                        2.7 
_refine_ls_shell.number_reflns_R_work             387 
_refine_ls_shell.R_factor_R_work                  0.348 
_refine_ls_shell.percent_reflns_obs               62.9 
_refine_ls_shell.R_factor_R_free                  ? 
_refine_ls_shell.R_factor_R_free_error            ? 
_refine_ls_shell.percent_reflns_R_free            ? 
_refine_ls_shell.number_reflns_R_free             ? 
_refine_ls_shell.pdbx_refine_id                   'X-RAY DIFFRACTION' 
_refine_ls_shell.number_reflns_all                ? 
_refine_ls_shell.R_factor_all                     ? 
# 
loop_
_pdbx_xplor_file.serial_no 
_pdbx_xplor_file.param_file 
_pdbx_xplor_file.topol_file 
_pdbx_xplor_file.pdbx_refine_id 
1 PROTEIN_REP.PARAM TOPHCSDX.PRO 'X-RAY DIFFRACTION' 
2 PARAM11.WAT       TOPH11.WAT   'X-RAY DIFFRACTION' 
# 
_struct.entry_id                  1B6E 
_struct.title                     'HUMAN CD94' 
_struct.pdbx_model_details        ? 
_struct.pdbx_CASP_flag            ? 
_struct.pdbx_model_type_details   ? 
# 
_struct_keywords.entry_id        1B6E 
_struct_keywords.pdbx_keywords   'NK CELL' 
_struct_keywords.text            'NK CELL, RECEPTOR, C-TYPE LECTIN, C-TYPE LECTIN-LIKE, NKD' 
# 
loop_
_struct_asym.id 
_struct_asym.pdbx_blank_PDB_chainid_flag 
_struct_asym.pdbx_modified 
_struct_asym.entity_id 
_struct_asym.details 
A N N 1 ? 
B N N 2 ? 
# 
_struct_ref.id                         1 
_struct_ref.db_name                    UNP 
_struct_ref.db_code                    KLRD1_HUMAN 
_struct_ref.entity_id                  1 
_struct_ref.pdbx_db_accession          Q13241 
_struct_ref.pdbx_align_begin           1 
_struct_ref.pdbx_seq_one_letter_code   
;MAVFKTTLWRLISGTLGIICLSLMATLGILLKNSFTKLSIEPAFTPGPNIELQKDSDCCSCQEKWVGYRCNCYFISSEQK
TWNESRHLCASQKSSLLQLQNTDELDFMSSSQQFYWIGLSYSEEHTAWLWENGSALSQYLFPSFETFNTKNCIAYNPNGN
ALDESCEDKNRYICKQQLI
;
_struct_ref.pdbx_db_isoform            ? 
# 
_struct_ref_seq.align_id                      1 
_struct_ref_seq.ref_id                        1 
_struct_ref_seq.pdbx_PDB_id_code              1B6E 
_struct_ref_seq.pdbx_strand_id                A 
_struct_ref_seq.seq_align_beg                 1 
_struct_ref_seq.pdbx_seq_align_beg_ins_code   ? 
_struct_ref_seq.seq_align_end                 128 
_struct_ref_seq.pdbx_seq_align_end_ins_code   ? 
_struct_ref_seq.pdbx_db_accession             Q13241 
_struct_ref_seq.db_align_beg                  52 
_struct_ref_seq.pdbx_db_align_beg_ins_code    ? 
_struct_ref_seq.db_align_end                  179 
_struct_ref_seq.pdbx_db_align_end_ins_code    ? 
_struct_ref_seq.pdbx_auth_seq_align_beg       52 
_struct_ref_seq.pdbx_auth_seq_align_end       179 
# 
_pdbx_struct_assembly.id                   1 
_pdbx_struct_assembly.details              author_defined_assembly 
_pdbx_struct_assembly.method_details       ? 
_pdbx_struct_assembly.oligomeric_details   monomeric 
_pdbx_struct_assembly.oligomeric_count     1 
# 
_pdbx_struct_assembly_gen.assembly_id       1 
_pdbx_struct_assembly_gen.oper_expression   1 
_pdbx_struct_assembly_gen.asym_id_list      A,B 
# 
_pdbx_struct_oper_list.id                   1 
_pdbx_struct_oper_list.type                 'identity operation' 
_pdbx_struct_oper_list.name                 1_555 
_pdbx_struct_oper_list.symmetry_operation   x,y,z 
_pdbx_struct_oper_list.matrix[1][1]         1.0000000000 
_pdbx_struct_oper_list.matrix[1][2]         0.0000000000 
_pdbx_struct_oper_list.matrix[1][3]         0.0000000000 
_pdbx_struct_oper_list.vector[1]            0.0000000000 
_pdbx_struct_oper_list.matrix[2][1]         0.0000000000 
_pdbx_struct_oper_list.matrix[2][2]         1.0000000000 
_pdbx_struct_oper_list.matrix[2][3]         0.0000000000 
_pdbx_struct_oper_list.vector[2]            0.0000000000 
_pdbx_struct_oper_list.matrix[3][1]         0.0000000000 
_pdbx_struct_oper_list.matrix[3][2]         0.0000000000 
_pdbx_struct_oper_list.matrix[3][3]         1.0000000000 
_pdbx_struct_oper_list.vector[3]            0.0000000000 
# 
_struct_biol.id   1 
# 
_struct_conf.conf_type_id            HELX_P 
_struct_conf.id                      HELX_P1 
_struct_conf.pdbx_PDB_helix_id       H1 
_struct_conf.beg_label_comp_id       TRP 
_struct_conf.beg_label_asym_id       A 
_struct_conf.beg_label_seq_id        31 
_struct_conf.pdbx_beg_PDB_ins_code   ? 
_struct_conf.end_label_comp_id       SER 
_struct_conf.end_label_asym_id       A 
_struct_conf.end_label_seq_id        40 
_struct_conf.pdbx_end_PDB_ins_code   ? 
_struct_conf.beg_auth_comp_id        TRP 
_struct_conf.beg_auth_asym_id        A 
_struct_conf.beg_auth_seq_id         82 
_struct_conf.end_auth_comp_id        SER 
_struct_conf.end_auth_asym_id        A 
_struct_conf.end_auth_seq_id         91 
_struct_conf.pdbx_PDB_helix_class    1 
_struct_conf.details                 ? 
_struct_conf.pdbx_PDB_helix_length   10 
# 
_struct_conf_type.id          HELX_P 
_struct_conf_type.criteria    ? 
_struct_conf_type.reference   ? 
# 
loop_
_struct_conn.id 
_struct_conn.conn_type_id 
_struct_conn.pdbx_leaving_atom_flag 
_struct_conn.pdbx_PDB_id 
_struct_conn.ptnr1_label_asym_id 
_struct_conn.ptnr1_label_comp_id 
_struct_conn.ptnr1_label_seq_id 
_struct_conn.ptnr1_label_atom_id 
_struct_conn.pdbx_ptnr1_label_alt_id 
_struct_conn.pdbx_ptnr1_PDB_ins_code 
_struct_conn.pdbx_ptnr1_standard_comp_id 
_struct_conn.ptnr1_symmetry 
_struct_conn.ptnr2_label_asym_id 
_struct_conn.ptnr2_label_comp_id 
_struct_conn.ptnr2_label_seq_id 
_struct_conn.ptnr2_label_atom_id 
_struct_conn.pdbx_ptnr2_label_alt_id 
_struct_conn.pdbx_ptnr2_PDB_ins_code 
_struct_conn.ptnr1_auth_asym_id 
_struct_conn.ptnr1_auth_comp_id 
_struct_conn.ptnr1_auth_seq_id 
_struct_conn.ptnr2_auth_asym_id 
_struct_conn.ptnr2_auth_comp_id 
_struct_conn.ptnr2_auth_seq_id 
_struct_conn.ptnr2_symmetry 
_struct_conn.pdbx_ptnr3_label_atom_id 
_struct_conn.pdbx_ptnr3_label_seq_id 
_struct_conn.pdbx_ptnr3_label_comp_id 
_struct_conn.pdbx_ptnr3_label_asym_id 
_struct_conn.pdbx_ptnr3_label_alt_id 
_struct_conn.pdbx_ptnr3_PDB_ins_code 
_struct_conn.details 
_struct_conn.pdbx_dist_value 
_struct_conn.pdbx_value_order 
_struct_conn.pdbx_role 
disulf1 disulf ? ? A CYS 8   SG ? ? ? 1_555 A CYS 19  SG ? ? A CYS 59  A CYS 70  1_555 ? ? ? ? ? ? ? 2.036 ? ? 
disulf2 disulf ? ? A CYS 10  SG ? ? ? 1_555 A CYS 21  SG ? ? A CYS 61  A CYS 72  1_555 ? ? ? ? ? ? ? 2.025 ? ? 
disulf3 disulf ? ? A CYS 38  SG ? ? ? 1_555 A CYS 123 SG ? ? A CYS 89  A CYS 174 1_555 ? ? ? ? ? ? ? 2.027 ? ? 
disulf4 disulf ? ? A CYS 101 SG ? ? ? 1_555 A CYS 115 SG ? ? A CYS 152 A CYS 166 1_555 ? ? ? ? ? ? ? 2.026 ? ? 
# 
_struct_conn_type.id          disulf 
_struct_conn_type.criteria    ? 
_struct_conn_type.reference   ? 
# 
loop_
_pdbx_modification_feature.ordinal 
_pdbx_modification_feature.label_comp_id 
_pdbx_modification_feature.label_asym_id 
_pdbx_modification_feature.label_seq_id 
_pdbx_modification_feature.label_alt_id 
_pdbx_modification_feature.modified_residue_label_comp_id 
_pdbx_modification_feature.modified_residue_label_asym_id 
_pdbx_modification_feature.modified_residue_label_seq_id 
_pdbx_modification_feature.modified_residue_label_alt_id 
_pdbx_modification_feature.auth_comp_id 
_pdbx_modification_feature.auth_asym_id 
_pdbx_modification_feature.auth_seq_id 
_pdbx_modification_feature.PDB_ins_code 
_pdbx_modification_feature.symmetry 
_pdbx_modification_feature.modified_residue_auth_comp_id 
_pdbx_modification_feature.modified_residue_auth_asym_id 
_pdbx_modification_feature.modified_residue_auth_seq_id 
_pdbx_modification_feature.modified_residue_PDB_ins_code 
_pdbx_modification_feature.modified_residue_symmetry 
_pdbx_modification_feature.comp_id_linking_atom 
_pdbx_modification_feature.modified_residue_id_linking_atom 
_pdbx_modification_feature.modified_residue_id 
_pdbx_modification_feature.ref_pcm_id 
_pdbx_modification_feature.ref_comp_id 
_pdbx_modification_feature.type 
_pdbx_modification_feature.category 
1 CYS A 8   ? CYS A 19  ? CYS A 59  ? 1_555 CYS A 70  ? 1_555 SG SG . . . None 'Disulfide bridge' 
2 CYS A 10  ? CYS A 21  ? CYS A 61  ? 1_555 CYS A 72  ? 1_555 SG SG . . . None 'Disulfide bridge' 
3 CYS A 38  ? CYS A 123 ? CYS A 89  ? 1_555 CYS A 174 ? 1_555 SG SG . . . None 'Disulfide bridge' 
4 CYS A 101 ? CYS A 115 ? CYS A 152 ? 1_555 CYS A 166 ? 1_555 SG SG . . . None 'Disulfide bridge' 
# 
loop_
_struct_sheet.id 
_struct_sheet.type 
_struct_sheet.number_strands 
_struct_sheet.details 
S1 ? 3 ? 
S2 ? 4 ? 
# 
loop_
_struct_sheet_order.sheet_id 
_struct_sheet_order.range_id_1 
_struct_sheet_order.range_id_2 
_struct_sheet_order.offset 
_struct_sheet_order.sense 
S1 1 2 ? anti-parallel 
S1 2 3 ? anti-parallel 
S2 1 2 ? anti-parallel 
S2 2 3 ? anti-parallel 
S2 3 4 ? anti-parallel 
# 
loop_
_struct_sheet_range.sheet_id 
_struct_sheet_range.id 
_struct_sheet_range.beg_label_comp_id 
_struct_sheet_range.beg_label_asym_id 
_struct_sheet_range.beg_label_seq_id 
_struct_sheet_range.pdbx_beg_PDB_ins_code 
_struct_sheet_range.end_label_comp_id 
_struct_sheet_range.end_label_asym_id 
_struct_sheet_range.end_label_seq_id 
_struct_sheet_range.pdbx_end_PDB_ins_code 
_struct_sheet_range.beg_auth_comp_id 
_struct_sheet_range.beg_auth_asym_id 
_struct_sheet_range.beg_auth_seq_id 
_struct_sheet_range.end_auth_comp_id 
_struct_sheet_range.end_auth_asym_id 
_struct_sheet_range.end_auth_seq_id 
S1 1 VAL A 15  ? TYR A 17  ? VAL A 66  TYR A 68  
S1 2 ASN A 20  ? ILE A 24  ? ASN A 71  ILE A 75  
S1 3 ARG A 120 ? GLN A 125 ? ARG A 171 GLN A 176 
S2 1 ALA A 76  ? LEU A 78  ? ALA A 127 LEU A 129 
S2 2 TYR A 64  ? SER A 71  ? TYR A 115 SER A 122 
S2 3 ASN A 100 ? TYR A 104 ? ASN A 151 TYR A 155 
S2 4 ALA A 110 ? SER A 114 ? ALA A 161 SER A 165 
# 
_pdbx_entry_details.entry_id                   1B6E 
_pdbx_entry_details.compound_details           ? 
_pdbx_entry_details.source_details             ? 
_pdbx_entry_details.nonpolymer_details         ? 
_pdbx_entry_details.sequence_details           ? 
_pdbx_entry_details.has_ligand_of_interest     ? 
_pdbx_entry_details.has_protein_modification   Y 
# 
loop_
_pdbx_validate_torsion.id 
_pdbx_validate_torsion.PDB_model_num 
_pdbx_validate_torsion.auth_comp_id 
_pdbx_validate_torsion.auth_asym_id 
_pdbx_validate_torsion.auth_seq_id 
_pdbx_validate_torsion.PDB_ins_code 
_pdbx_validate_torsion.label_alt_id 
_pdbx_validate_torsion.phi 
_pdbx_validate_torsion.psi 
1  1 GLU A 63  ? ? -27.45  -115.12 
2  1 LYS A 64  ? ? -69.75  46.77   
3  1 LYS A 93  ? ? 48.82   29.04   
4  1 SER A 94  ? ? -129.14 -154.41 
5  1 SER A 95  ? ? -173.55 143.52  
6  1 LEU A 96  ? ? -43.17  92.32   
7  1 LEU A 97  ? ? 1.28    117.57  
8  1 ASN A 101 ? ? 160.38  152.03  
9  1 ASP A 103 ? ? -98.93  44.55   
10 1 MET A 108 ? ? -58.62  3.35    
11 1 SER A 109 ? ? -10.23  -36.00  
12 1 SER A 111 ? ? -17.78  109.86  
13 1 GLN A 112 ? ? -84.10  38.00   
14 1 THR A 126 ? ? 28.09   72.88   
15 1 LEU A 140 ? ? -64.23  -88.76  
16 1 SER A 143 ? ? -35.54  -33.89  
17 1 PHE A 144 ? ? 13.03   -96.08  
18 1 GLU A 145 ? ? -34.35  -20.80  
19 1 PHE A 147 ? ? -25.40  108.34  
20 1 THR A 149 ? ? -31.13  -16.77  
21 1 SER A 165 ? ? -29.56  125.06  
22 1 CYS A 166 ? ? -57.66  -4.94   
# 
loop_
_pdbx_unobs_or_zero_occ_residues.id 
_pdbx_unobs_or_zero_occ_residues.PDB_model_num 
_pdbx_unobs_or_zero_occ_residues.polymer_flag 
_pdbx_unobs_or_zero_occ_residues.occupancy_flag 
_pdbx_unobs_or_zero_occ_residues.auth_asym_id 
_pdbx_unobs_or_zero_occ_residues.auth_comp_id 
_pdbx_unobs_or_zero_occ_residues.auth_seq_id 
_pdbx_unobs_or_zero_occ_residues.PDB_ins_code 
_pdbx_unobs_or_zero_occ_residues.label_asym_id 
_pdbx_unobs_or_zero_occ_residues.label_comp_id 
_pdbx_unobs_or_zero_occ_residues.label_seq_id 
1 1 Y 1 A LEU 52 ? A LEU 1 
2 1 Y 1 A GLN 53 ? A GLN 2 
3 1 Y 1 A LYS 54 ? A LYS 3 
4 1 Y 1 A ASP 55 ? A ASP 4 
5 1 Y 1 A SER 56 ? A SER 5 
6 1 Y 1 A ASP 57 ? A ASP 6 
7 1 Y 1 A CYS 58 ? A CYS 7 
# 
loop_
_chem_comp_atom.comp_id 
_chem_comp_atom.atom_id 
_chem_comp_atom.type_symbol 
_chem_comp_atom.pdbx_aromatic_flag 
_chem_comp_atom.pdbx_stereo_config 
_chem_comp_atom.pdbx_ordinal 
ALA N    N N N 1   
ALA CA   C N S 2   
ALA C    C N N 3   
ALA O    O N N 4   
ALA CB   C N N 5   
ALA OXT  O N N 6   
ALA H    H N N 7   
ALA H2   H N N 8   
ALA HA   H N N 9   
ALA HB1  H N N 10  
ALA HB2  H N N 11  
ALA HB3  H N N 12  
ALA HXT  H N N 13  
ARG N    N N N 14  
ARG CA   C N S 15  
ARG C    C N N 16  
ARG O    O N N 17  
ARG CB   C N N 18  
ARG CG   C N N 19  
ARG CD   C N N 20  
ARG NE   N N N 21  
ARG CZ   C N N 22  
ARG NH1  N N N 23  
ARG NH2  N N N 24  
ARG OXT  O N N 25  
ARG H    H N N 26  
ARG H2   H N N 27  
ARG HA   H N N 28  
ARG HB2  H N N 29  
ARG HB3  H N N 30  
ARG HG2  H N N 31  
ARG HG3  H N N 32  
ARG HD2  H N N 33  
ARG HD3  H N N 34  
ARG HE   H N N 35  
ARG HH11 H N N 36  
ARG HH12 H N N 37  
ARG HH21 H N N 38  
ARG HH22 H N N 39  
ARG HXT  H N N 40  
ASN N    N N N 41  
ASN CA   C N S 42  
ASN C    C N N 43  
ASN O    O N N 44  
ASN CB   C N N 45  
ASN CG   C N N 46  
ASN OD1  O N N 47  
ASN ND2  N N N 48  
ASN OXT  O N N 49  
ASN H    H N N 50  
ASN H2   H N N 51  
ASN HA   H N N 52  
ASN HB2  H N N 53  
ASN HB3  H N N 54  
ASN HD21 H N N 55  
ASN HD22 H N N 56  
ASN HXT  H N N 57  
ASP N    N N N 58  
ASP CA   C N S 59  
ASP C    C N N 60  
ASP O    O N N 61  
ASP CB   C N N 62  
ASP CG   C N N 63  
ASP OD1  O N N 64  
ASP OD2  O N N 65  
ASP OXT  O N N 66  
ASP H    H N N 67  
ASP H2   H N N 68  
ASP HA   H N N 69  
ASP HB2  H N N 70  
ASP HB3  H N N 71  
ASP HD2  H N N 72  
ASP HXT  H N N 73  
CYS N    N N N 74  
CYS CA   C N R 75  
CYS C    C N N 76  
CYS O    O N N 77  
CYS CB   C N N 78  
CYS SG   S N N 79  
CYS OXT  O N N 80  
CYS H    H N N 81  
CYS H2   H N N 82  
CYS HA   H N N 83  
CYS HB2  H N N 84  
CYS HB3  H N N 85  
CYS HG   H N N 86  
CYS HXT  H N N 87  
GLN N    N N N 88  
GLN CA   C N S 89  
GLN C    C N N 90  
GLN O    O N N 91  
GLN CB   C N N 92  
GLN CG   C N N 93  
GLN CD   C N N 94  
GLN OE1  O N N 95  
GLN NE2  N N N 96  
GLN OXT  O N N 97  
GLN H    H N N 98  
GLN H2   H N N 99  
GLN HA   H N N 100 
GLN HB2  H N N 101 
GLN HB3  H N N 102 
GLN HG2  H N N 103 
GLN HG3  H N N 104 
GLN HE21 H N N 105 
GLN HE22 H N N 106 
GLN HXT  H N N 107 
GLU N    N N N 108 
GLU CA   C N S 109 
GLU C    C N N 110 
GLU O    O N N 111 
GLU CB   C N N 112 
GLU CG   C N N 113 
GLU CD   C N N 114 
GLU OE1  O N N 115 
GLU OE2  O N N 116 
GLU OXT  O N N 117 
GLU H    H N N 118 
GLU H2   H N N 119 
GLU HA   H N N 120 
GLU HB2  H N N 121 
GLU HB3  H N N 122 
GLU HG2  H N N 123 
GLU HG3  H N N 124 
GLU HE2  H N N 125 
GLU HXT  H N N 126 
GLY N    N N N 127 
GLY CA   C N N 128 
GLY C    C N N 129 
GLY O    O N N 130 
GLY OXT  O N N 131 
GLY H    H N N 132 
GLY H2   H N N 133 
GLY HA2  H N N 134 
GLY HA3  H N N 135 
GLY HXT  H N N 136 
HIS N    N N N 137 
HIS CA   C N S 138 
HIS C    C N N 139 
HIS O    O N N 140 
HIS CB   C N N 141 
HIS CG   C Y N 142 
HIS ND1  N Y N 143 
HIS CD2  C Y N 144 
HIS CE1  C Y N 145 
HIS NE2  N Y N 146 
HIS OXT  O N N 147 
HIS H    H N N 148 
HIS H2   H N N 149 
HIS HA   H N N 150 
HIS HB2  H N N 151 
HIS HB3  H N N 152 
HIS HD1  H N N 153 
HIS HD2  H N N 154 
HIS HE1  H N N 155 
HIS HE2  H N N 156 
HIS HXT  H N N 157 
HOH O    O N N 158 
HOH H1   H N N 159 
HOH H2   H N N 160 
ILE N    N N N 161 
ILE CA   C N S 162 
ILE C    C N N 163 
ILE O    O N N 164 
ILE CB   C N S 165 
ILE CG1  C N N 166 
ILE CG2  C N N 167 
ILE CD1  C N N 168 
ILE OXT  O N N 169 
ILE H    H N N 170 
ILE H2   H N N 171 
ILE HA   H N N 172 
ILE HB   H N N 173 
ILE HG12 H N N 174 
ILE HG13 H N N 175 
ILE HG21 H N N 176 
ILE HG22 H N N 177 
ILE HG23 H N N 178 
ILE HD11 H N N 179 
ILE HD12 H N N 180 
ILE HD13 H N N 181 
ILE HXT  H N N 182 
LEU N    N N N 183 
LEU CA   C N S 184 
LEU C    C N N 185 
LEU O    O N N 186 
LEU CB   C N N 187 
LEU CG   C N N 188 
LEU CD1  C N N 189 
LEU CD2  C N N 190 
LEU OXT  O N N 191 
LEU H    H N N 192 
LEU H2   H N N 193 
LEU HA   H N N 194 
LEU HB2  H N N 195 
LEU HB3  H N N 196 
LEU HG   H N N 197 
LEU HD11 H N N 198 
LEU HD12 H N N 199 
LEU HD13 H N N 200 
LEU HD21 H N N 201 
LEU HD22 H N N 202 
LEU HD23 H N N 203 
LEU HXT  H N N 204 
LYS N    N N N 205 
LYS CA   C N S 206 
LYS C    C N N 207 
LYS O    O N N 208 
LYS CB   C N N 209 
LYS CG   C N N 210 
LYS CD   C N N 211 
LYS CE   C N N 212 
LYS NZ   N N N 213 
LYS OXT  O N N 214 
LYS H    H N N 215 
LYS H2   H N N 216 
LYS HA   H N N 217 
LYS HB2  H N N 218 
LYS HB3  H N N 219 
LYS HG2  H N N 220 
LYS HG3  H N N 221 
LYS HD2  H N N 222 
LYS HD3  H N N 223 
LYS HE2  H N N 224 
LYS HE3  H N N 225 
LYS HZ1  H N N 226 
LYS HZ2  H N N 227 
LYS HZ3  H N N 228 
LYS HXT  H N N 229 
MET N    N N N 230 
MET CA   C N S 231 
MET C    C N N 232 
MET O    O N N 233 
MET CB   C N N 234 
MET CG   C N N 235 
MET SD   S N N 236 
MET CE   C N N 237 
MET OXT  O N N 238 
MET H    H N N 239 
MET H2   H N N 240 
MET HA   H N N 241 
MET HB2  H N N 242 
MET HB3  H N N 243 
MET HG2  H N N 244 
MET HG3  H N N 245 
MET HE1  H N N 246 
MET HE2  H N N 247 
MET HE3  H N N 248 
MET HXT  H N N 249 
PHE N    N N N 250 
PHE CA   C N S 251 
PHE C    C N N 252 
PHE O    O N N 253 
PHE CB   C N N 254 
PHE CG   C Y N 255 
PHE CD1  C Y N 256 
PHE CD2  C Y N 257 
PHE CE1  C Y N 258 
PHE CE2  C Y N 259 
PHE CZ   C Y N 260 
PHE OXT  O N N 261 
PHE H    H N N 262 
PHE H2   H N N 263 
PHE HA   H N N 264 
PHE HB2  H N N 265 
PHE HB3  H N N 266 
PHE HD1  H N N 267 
PHE HD2  H N N 268 
PHE HE1  H N N 269 
PHE HE2  H N N 270 
PHE HZ   H N N 271 
PHE HXT  H N N 272 
PRO N    N N N 273 
PRO CA   C N S 274 
PRO C    C N N 275 
PRO O    O N N 276 
PRO CB   C N N 277 
PRO CG   C N N 278 
PRO CD   C N N 279 
PRO OXT  O N N 280 
PRO H    H N N 281 
PRO HA   H N N 282 
PRO HB2  H N N 283 
PRO HB3  H N N 284 
PRO HG2  H N N 285 
PRO HG3  H N N 286 
PRO HD2  H N N 287 
PRO HD3  H N N 288 
PRO HXT  H N N 289 
SER N    N N N 290 
SER CA   C N S 291 
SER C    C N N 292 
SER O    O N N 293 
SER CB   C N N 294 
SER OG   O N N 295 
SER OXT  O N N 296 
SER H    H N N 297 
SER H2   H N N 298 
SER HA   H N N 299 
SER HB2  H N N 300 
SER HB3  H N N 301 
SER HG   H N N 302 
SER HXT  H N N 303 
THR N    N N N 304 
THR CA   C N S 305 
THR C    C N N 306 
THR O    O N N 307 
THR CB   C N R 308 
THR OG1  O N N 309 
THR CG2  C N N 310 
THR OXT  O N N 311 
THR H    H N N 312 
THR H2   H N N 313 
THR HA   H N N 314 
THR HB   H N N 315 
THR HG1  H N N 316 
THR HG21 H N N 317 
THR HG22 H N N 318 
THR HG23 H N N 319 
THR HXT  H N N 320 
TRP N    N N N 321 
TRP CA   C N S 322 
TRP C    C N N 323 
TRP O    O N N 324 
TRP CB   C N N 325 
TRP CG   C Y N 326 
TRP CD1  C Y N 327 
TRP CD2  C Y N 328 
TRP NE1  N Y N 329 
TRP CE2  C Y N 330 
TRP CE3  C Y N 331 
TRP CZ2  C Y N 332 
TRP CZ3  C Y N 333 
TRP CH2  C Y N 334 
TRP OXT  O N N 335 
TRP H    H N N 336 
TRP H2   H N N 337 
TRP HA   H N N 338 
TRP HB2  H N N 339 
TRP HB3  H N N 340 
TRP HD1  H N N 341 
TRP HE1  H N N 342 
TRP HE3  H N N 343 
TRP HZ2  H N N 344 
TRP HZ3  H N N 345 
TRP HH2  H N N 346 
TRP HXT  H N N 347 
TYR N    N N N 348 
TYR CA   C N S 349 
TYR C    C N N 350 
TYR O    O N N 351 
TYR CB   C N N 352 
TYR CG   C Y N 353 
TYR CD1  C Y N 354 
TYR CD2  C Y N 355 
TYR CE1  C Y N 356 
TYR CE2  C Y N 357 
TYR CZ   C Y N 358 
TYR OH   O N N 359 
TYR OXT  O N N 360 
TYR H    H N N 361 
TYR H2   H N N 362 
TYR HA   H N N 363 
TYR HB2  H N N 364 
TYR HB3  H N N 365 
TYR HD1  H N N 366 
TYR HD2  H N N 367 
TYR HE1  H N N 368 
TYR HE2  H N N 369 
TYR HH   H N N 370 
TYR HXT  H N N 371 
VAL N    N N N 372 
VAL CA   C N S 373 
VAL C    C N N 374 
VAL O    O N N 375 
VAL CB   C N N 376 
VAL CG1  C N N 377 
VAL CG2  C N N 378 
VAL OXT  O N N 379 
VAL H    H N N 380 
VAL H2   H N N 381 
VAL HA   H N N 382 
VAL HB   H N N 383 
VAL HG11 H N N 384 
VAL HG12 H N N 385 
VAL HG13 H N N 386 
VAL HG21 H N N 387 
VAL HG22 H N N 388 
VAL HG23 H N N 389 
VAL HXT  H N N 390 
# 
loop_
_chem_comp_bond.comp_id 
_chem_comp_bond.atom_id_1 
_chem_comp_bond.atom_id_2 
_chem_comp_bond.value_order 
_chem_comp_bond.pdbx_aromatic_flag 
_chem_comp_bond.pdbx_stereo_config 
_chem_comp_bond.pdbx_ordinal 
ALA N   CA   sing N N 1   
ALA N   H    sing N N 2   
ALA N   H2   sing N N 3   
ALA CA  C    sing N N 4   
ALA CA  CB   sing N N 5   
ALA CA  HA   sing N N 6   
ALA C   O    doub N N 7   
ALA C   OXT  sing N N 8   
ALA CB  HB1  sing N N 9   
ALA CB  HB2  sing N N 10  
ALA CB  HB3  sing N N 11  
ALA OXT HXT  sing N N 12  
ARG N   CA   sing N N 13  
ARG N   H    sing N N 14  
ARG N   H2   sing N N 15  
ARG CA  C    sing N N 16  
ARG CA  CB   sing N N 17  
ARG CA  HA   sing N N 18  
ARG C   O    doub N N 19  
ARG C   OXT  sing N N 20  
ARG CB  CG   sing N N 21  
ARG CB  HB2  sing N N 22  
ARG CB  HB3  sing N N 23  
ARG CG  CD   sing N N 24  
ARG CG  HG2  sing N N 25  
ARG CG  HG3  sing N N 26  
ARG CD  NE   sing N N 27  
ARG CD  HD2  sing N N 28  
ARG CD  HD3  sing N N 29  
ARG NE  CZ   sing N N 30  
ARG NE  HE   sing N N 31  
ARG CZ  NH1  sing N N 32  
ARG CZ  NH2  doub N N 33  
ARG NH1 HH11 sing N N 34  
ARG NH1 HH12 sing N N 35  
ARG NH2 HH21 sing N N 36  
ARG NH2 HH22 sing N N 37  
ARG OXT HXT  sing N N 38  
ASN N   CA   sing N N 39  
ASN N   H    sing N N 40  
ASN N   H2   sing N N 41  
ASN CA  C    sing N N 42  
ASN CA  CB   sing N N 43  
ASN CA  HA   sing N N 44  
ASN C   O    doub N N 45  
ASN C   OXT  sing N N 46  
ASN CB  CG   sing N N 47  
ASN CB  HB2  sing N N 48  
ASN CB  HB3  sing N N 49  
ASN CG  OD1  doub N N 50  
ASN CG  ND2  sing N N 51  
ASN ND2 HD21 sing N N 52  
ASN ND2 HD22 sing N N 53  
ASN OXT HXT  sing N N 54  
ASP N   CA   sing N N 55  
ASP N   H    sing N N 56  
ASP N   H2   sing N N 57  
ASP CA  C    sing N N 58  
ASP CA  CB   sing N N 59  
ASP CA  HA   sing N N 60  
ASP C   O    doub N N 61  
ASP C   OXT  sing N N 62  
ASP CB  CG   sing N N 63  
ASP CB  HB2  sing N N 64  
ASP CB  HB3  sing N N 65  
ASP CG  OD1  doub N N 66  
ASP CG  OD2  sing N N 67  
ASP OD2 HD2  sing N N 68  
ASP OXT HXT  sing N N 69  
CYS N   CA   sing N N 70  
CYS N   H    sing N N 71  
CYS N   H2   sing N N 72  
CYS CA  C    sing N N 73  
CYS CA  CB   sing N N 74  
CYS CA  HA   sing N N 75  
CYS C   O    doub N N 76  
CYS C   OXT  sing N N 77  
CYS CB  SG   sing N N 78  
CYS CB  HB2  sing N N 79  
CYS CB  HB3  sing N N 80  
CYS SG  HG   sing N N 81  
CYS OXT HXT  sing N N 82  
GLN N   CA   sing N N 83  
GLN N   H    sing N N 84  
GLN N   H2   sing N N 85  
GLN CA  C    sing N N 86  
GLN CA  CB   sing N N 87  
GLN CA  HA   sing N N 88  
GLN C   O    doub N N 89  
GLN C   OXT  sing N N 90  
GLN CB  CG   sing N N 91  
GLN CB  HB2  sing N N 92  
GLN CB  HB3  sing N N 93  
GLN CG  CD   sing N N 94  
GLN CG  HG2  sing N N 95  
GLN CG  HG3  sing N N 96  
GLN CD  OE1  doub N N 97  
GLN CD  NE2  sing N N 98  
GLN NE2 HE21 sing N N 99  
GLN NE2 HE22 sing N N 100 
GLN OXT HXT  sing N N 101 
GLU N   CA   sing N N 102 
GLU N   H    sing N N 103 
GLU N   H2   sing N N 104 
GLU CA  C    sing N N 105 
GLU CA  CB   sing N N 106 
GLU CA  HA   sing N N 107 
GLU C   O    doub N N 108 
GLU C   OXT  sing N N 109 
GLU CB  CG   sing N N 110 
GLU CB  HB2  sing N N 111 
GLU CB  HB3  sing N N 112 
GLU CG  CD   sing N N 113 
GLU CG  HG2  sing N N 114 
GLU CG  HG3  sing N N 115 
GLU CD  OE1  doub N N 116 
GLU CD  OE2  sing N N 117 
GLU OE2 HE2  sing N N 118 
GLU OXT HXT  sing N N 119 
GLY N   CA   sing N N 120 
GLY N   H    sing N N 121 
GLY N   H2   sing N N 122 
GLY CA  C    sing N N 123 
GLY CA  HA2  sing N N 124 
GLY CA  HA3  sing N N 125 
GLY C   O    doub N N 126 
GLY C   OXT  sing N N 127 
GLY OXT HXT  sing N N 128 
HIS N   CA   sing N N 129 
HIS N   H    sing N N 130 
HIS N   H2   sing N N 131 
HIS CA  C    sing N N 132 
HIS CA  CB   sing N N 133 
HIS CA  HA   sing N N 134 
HIS C   O    doub N N 135 
HIS C   OXT  sing N N 136 
HIS CB  CG   sing N N 137 
HIS CB  HB2  sing N N 138 
HIS CB  HB3  sing N N 139 
HIS CG  ND1  sing Y N 140 
HIS CG  CD2  doub Y N 141 
HIS ND1 CE1  doub Y N 142 
HIS ND1 HD1  sing N N 143 
HIS CD2 NE2  sing Y N 144 
HIS CD2 HD2  sing N N 145 
HIS CE1 NE2  sing Y N 146 
HIS CE1 HE1  sing N N 147 
HIS NE2 HE2  sing N N 148 
HIS OXT HXT  sing N N 149 
HOH O   H1   sing N N 150 
HOH O   H2   sing N N 151 
ILE N   CA   sing N N 152 
ILE N   H    sing N N 153 
ILE N   H2   sing N N 154 
ILE CA  C    sing N N 155 
ILE CA  CB   sing N N 156 
ILE CA  HA   sing N N 157 
ILE C   O    doub N N 158 
ILE C   OXT  sing N N 159 
ILE CB  CG1  sing N N 160 
ILE CB  CG2  sing N N 161 
ILE CB  HB   sing N N 162 
ILE CG1 CD1  sing N N 163 
ILE CG1 HG12 sing N N 164 
ILE CG1 HG13 sing N N 165 
ILE CG2 HG21 sing N N 166 
ILE CG2 HG22 sing N N 167 
ILE CG2 HG23 sing N N 168 
ILE CD1 HD11 sing N N 169 
ILE CD1 HD12 sing N N 170 
ILE CD1 HD13 sing N N 171 
ILE OXT HXT  sing N N 172 
LEU N   CA   sing N N 173 
LEU N   H    sing N N 174 
LEU N   H2   sing N N 175 
LEU CA  C    sing N N 176 
LEU CA  CB   sing N N 177 
LEU CA  HA   sing N N 178 
LEU C   O    doub N N 179 
LEU C   OXT  sing N N 180 
LEU CB  CG   sing N N 181 
LEU CB  HB2  sing N N 182 
LEU CB  HB3  sing N N 183 
LEU CG  CD1  sing N N 184 
LEU CG  CD2  sing N N 185 
LEU CG  HG   sing N N 186 
LEU CD1 HD11 sing N N 187 
LEU CD1 HD12 sing N N 188 
LEU CD1 HD13 sing N N 189 
LEU CD2 HD21 sing N N 190 
LEU CD2 HD22 sing N N 191 
LEU CD2 HD23 sing N N 192 
LEU OXT HXT  sing N N 193 
LYS N   CA   sing N N 194 
LYS N   H    sing N N 195 
LYS N   H2   sing N N 196 
LYS CA  C    sing N N 197 
LYS CA  CB   sing N N 198 
LYS CA  HA   sing N N 199 
LYS C   O    doub N N 200 
LYS C   OXT  sing N N 201 
LYS CB  CG   sing N N 202 
LYS CB  HB2  sing N N 203 
LYS CB  HB3  sing N N 204 
LYS CG  CD   sing N N 205 
LYS CG  HG2  sing N N 206 
LYS CG  HG3  sing N N 207 
LYS CD  CE   sing N N 208 
LYS CD  HD2  sing N N 209 
LYS CD  HD3  sing N N 210 
LYS CE  NZ   sing N N 211 
LYS CE  HE2  sing N N 212 
LYS CE  HE3  sing N N 213 
LYS NZ  HZ1  sing N N 214 
LYS NZ  HZ2  sing N N 215 
LYS NZ  HZ3  sing N N 216 
LYS OXT HXT  sing N N 217 
MET N   CA   sing N N 218 
MET N   H    sing N N 219 
MET N   H2   sing N N 220 
MET CA  C    sing N N 221 
MET CA  CB   sing N N 222 
MET CA  HA   sing N N 223 
MET C   O    doub N N 224 
MET C   OXT  sing N N 225 
MET CB  CG   sing N N 226 
MET CB  HB2  sing N N 227 
MET CB  HB3  sing N N 228 
MET CG  SD   sing N N 229 
MET CG  HG2  sing N N 230 
MET CG  HG3  sing N N 231 
MET SD  CE   sing N N 232 
MET CE  HE1  sing N N 233 
MET CE  HE2  sing N N 234 
MET CE  HE3  sing N N 235 
MET OXT HXT  sing N N 236 
PHE N   CA   sing N N 237 
PHE N   H    sing N N 238 
PHE N   H2   sing N N 239 
PHE CA  C    sing N N 240 
PHE CA  CB   sing N N 241 
PHE CA  HA   sing N N 242 
PHE C   O    doub N N 243 
PHE C   OXT  sing N N 244 
PHE CB  CG   sing N N 245 
PHE CB  HB2  sing N N 246 
PHE CB  HB3  sing N N 247 
PHE CG  CD1  doub Y N 248 
PHE CG  CD2  sing Y N 249 
PHE CD1 CE1  sing Y N 250 
PHE CD1 HD1  sing N N 251 
PHE CD2 CE2  doub Y N 252 
PHE CD2 HD2  sing N N 253 
PHE CE1 CZ   doub Y N 254 
PHE CE1 HE1  sing N N 255 
PHE CE2 CZ   sing Y N 256 
PHE CE2 HE2  sing N N 257 
PHE CZ  HZ   sing N N 258 
PHE OXT HXT  sing N N 259 
PRO N   CA   sing N N 260 
PRO N   CD   sing N N 261 
PRO N   H    sing N N 262 
PRO CA  C    sing N N 263 
PRO CA  CB   sing N N 264 
PRO CA  HA   sing N N 265 
PRO C   O    doub N N 266 
PRO C   OXT  sing N N 267 
PRO CB  CG   sing N N 268 
PRO CB  HB2  sing N N 269 
PRO CB  HB3  sing N N 270 
PRO CG  CD   sing N N 271 
PRO CG  HG2  sing N N 272 
PRO CG  HG3  sing N N 273 
PRO CD  HD2  sing N N 274 
PRO CD  HD3  sing N N 275 
PRO OXT HXT  sing N N 276 
SER N   CA   sing N N 277 
SER N   H    sing N N 278 
SER N   H2   sing N N 279 
SER CA  C    sing N N 280 
SER CA  CB   sing N N 281 
SER CA  HA   sing N N 282 
SER C   O    doub N N 283 
SER C   OXT  sing N N 284 
SER CB  OG   sing N N 285 
SER CB  HB2  sing N N 286 
SER CB  HB3  sing N N 287 
SER OG  HG   sing N N 288 
SER OXT HXT  sing N N 289 
THR N   CA   sing N N 290 
THR N   H    sing N N 291 
THR N   H2   sing N N 292 
THR CA  C    sing N N 293 
THR CA  CB   sing N N 294 
THR CA  HA   sing N N 295 
THR C   O    doub N N 296 
THR C   OXT  sing N N 297 
THR CB  OG1  sing N N 298 
THR CB  CG2  sing N N 299 
THR CB  HB   sing N N 300 
THR OG1 HG1  sing N N 301 
THR CG2 HG21 sing N N 302 
THR CG2 HG22 sing N N 303 
THR CG2 HG23 sing N N 304 
THR OXT HXT  sing N N 305 
TRP N   CA   sing N N 306 
TRP N   H    sing N N 307 
TRP N   H2   sing N N 308 
TRP CA  C    sing N N 309 
TRP CA  CB   sing N N 310 
TRP CA  HA   sing N N 311 
TRP C   O    doub N N 312 
TRP C   OXT  sing N N 313 
TRP CB  CG   sing N N 314 
TRP CB  HB2  sing N N 315 
TRP CB  HB3  sing N N 316 
TRP CG  CD1  doub Y N 317 
TRP CG  CD2  sing Y N 318 
TRP CD1 NE1  sing Y N 319 
TRP CD1 HD1  sing N N 320 
TRP CD2 CE2  doub Y N 321 
TRP CD2 CE3  sing Y N 322 
TRP NE1 CE2  sing Y N 323 
TRP NE1 HE1  sing N N 324 
TRP CE2 CZ2  sing Y N 325 
TRP CE3 CZ3  doub Y N 326 
TRP CE3 HE3  sing N N 327 
TRP CZ2 CH2  doub Y N 328 
TRP CZ2 HZ2  sing N N 329 
TRP CZ3 CH2  sing Y N 330 
TRP CZ3 HZ3  sing N N 331 
TRP CH2 HH2  sing N N 332 
TRP OXT HXT  sing N N 333 
TYR N   CA   sing N N 334 
TYR N   H    sing N N 335 
TYR N   H2   sing N N 336 
TYR CA  C    sing N N 337 
TYR CA  CB   sing N N 338 
TYR CA  HA   sing N N 339 
TYR C   O    doub N N 340 
TYR C   OXT  sing N N 341 
TYR CB  CG   sing N N 342 
TYR CB  HB2  sing N N 343 
TYR CB  HB3  sing N N 344 
TYR CG  CD1  doub Y N 345 
TYR CG  CD2  sing Y N 346 
TYR CD1 CE1  sing Y N 347 
TYR CD1 HD1  sing N N 348 
TYR CD2 CE2  doub Y N 349 
TYR CD2 HD2  sing N N 350 
TYR CE1 CZ   doub Y N 351 
TYR CE1 HE1  sing N N 352 
TYR CE2 CZ   sing Y N 353 
TYR CE2 HE2  sing N N 354 
TYR CZ  OH   sing N N 355 
TYR OH  HH   sing N N 356 
TYR OXT HXT  sing N N 357 
VAL N   CA   sing N N 358 
VAL N   H    sing N N 359 
VAL N   H2   sing N N 360 
VAL CA  C    sing N N 361 
VAL CA  CB   sing N N 362 
VAL CA  HA   sing N N 363 
VAL C   O    doub N N 364 
VAL C   OXT  sing N N 365 
VAL CB  CG1  sing N N 366 
VAL CB  CG2  sing N N 367 
VAL CB  HB   sing N N 368 
VAL CG1 HG11 sing N N 369 
VAL CG1 HG12 sing N N 370 
VAL CG1 HG13 sing N N 371 
VAL CG2 HG21 sing N N 372 
VAL CG2 HG22 sing N N 373 
VAL CG2 HG23 sing N N 374 
VAL OXT HXT  sing N N 375 
# 
_atom_sites.entry_id                    1B6E 
_atom_sites.fract_transf_matrix[1][1]   0.00248044 
_atom_sites.fract_transf_matrix[1][2]   0.00611830 
_atom_sites.fract_transf_matrix[1][3]   0.01072092 
_atom_sites.fract_transf_matrix[2][1]   0.00130821 
_atom_sites.fract_transf_matrix[2][2]   0.01252273 
_atom_sites.fract_transf_matrix[2][3]   -0.00005619 
_atom_sites.fract_transf_matrix[3][1]   -0.01163910 
_atom_sites.fract_transf_matrix[3][2]   0.00122484 
_atom_sites.fract_transf_matrix[3][3]   0.00199387 
_atom_sites.fract_transf_vector[1]      0.656616 
_atom_sites.fract_transf_vector[2]      0.497110 
_atom_sites.fract_transf_vector[3]      0.426092 
# 
loop_
_atom_type.symbol 
C 
N 
O 
S 
# 
loop_
_atom_site.group_PDB 
_atom_site.id 
_atom_site.type_symbol 
_atom_site.label_atom_id 
_atom_site.label_alt_id 
_atom_site.label_comp_id 
_atom_site.label_asym_id 
_atom_site.label_entity_id 
_atom_site.label_seq_id 
_atom_site.pdbx_PDB_ins_code 
_atom_site.Cartn_x 
_atom_site.Cartn_y 
_atom_site.Cartn_z 
_atom_site.occupancy 
_atom_site.B_iso_or_equiv 
_atom_site.pdbx_formal_charge 
_atom_site.auth_seq_id 
_atom_site.auth_comp_id 
_atom_site.auth_asym_id 
_atom_site.auth_atom_id 
_atom_site.pdbx_PDB_model_num 
ATOM   1    N N   . CYS A 1 8   ? 4.712   -11.535 -18.714 1.00 63.30 ? 59  CYS A N   1 
ATOM   2    C CA  . CYS A 1 8   ? 3.972   -11.113 -17.494 1.00 62.08 ? 59  CYS A CA  1 
ATOM   3    C C   . CYS A 1 8   ? 3.035   -9.945  -17.826 1.00 62.32 ? 59  CYS A C   1 
ATOM   4    O O   . CYS A 1 8   ? 3.056   -8.900  -17.167 1.00 62.44 ? 59  CYS A O   1 
ATOM   5    C CB  . CYS A 1 8   ? 4.976   -10.710 -16.409 1.00 60.77 ? 59  CYS A CB  1 
ATOM   6    S SG  . CYS A 1 8   ? 6.302   -11.932 -16.111 1.00 56.55 ? 59  CYS A SG  1 
ATOM   7    N N   . SER A 1 9   ? 2.210   -10.133 -18.853 1.00 61.45 ? 60  SER A N   1 
ATOM   8    C CA  . SER A 1 9   ? 1.274   -9.100  -19.285 1.00 60.37 ? 60  SER A CA  1 
ATOM   9    C C   . SER A 1 9   ? 0.225   -8.780  -18.216 1.00 59.23 ? 60  SER A C   1 
ATOM   10   O O   . SER A 1 9   ? -0.132  -9.635  -17.398 1.00 59.08 ? 60  SER A O   1 
ATOM   11   C CB  . SER A 1 9   ? 0.572   -9.538  -20.572 1.00 60.89 ? 60  SER A CB  1 
ATOM   12   O OG  . SER A 1 9   ? -0.533  -10.380 -20.277 1.00 61.49 ? 60  SER A OG  1 
ATOM   13   N N   . CYS A 1 10  ? -0.268  -7.543  -18.241 1.00 57.22 ? 61  CYS A N   1 
ATOM   14   C CA  . CYS A 1 10  ? -1.280  -7.085  -17.290 1.00 54.82 ? 61  CYS A CA  1 
ATOM   15   C C   . CYS A 1 10  ? -2.498  -6.463  -17.984 1.00 55.99 ? 61  CYS A C   1 
ATOM   16   O O   . CYS A 1 10  ? -2.517  -6.292  -19.204 1.00 53.71 ? 61  CYS A O   1 
ATOM   17   C CB  . CYS A 1 10  ? -0.676  -6.055  -16.333 1.00 50.50 ? 61  CYS A CB  1 
ATOM   18   S SG  . CYS A 1 10  ? 0.902   -6.537  -15.571 1.00 41.84 ? 61  CYS A SG  1 
ATOM   19   N N   . GLN A 1 11  ? -3.510  -6.119  -17.189 1.00 58.85 ? 62  GLN A N   1 
ATOM   20   C CA  . GLN A 1 11  ? -4.731  -5.510  -17.716 1.00 61.49 ? 62  GLN A CA  1 
ATOM   21   C C   . GLN A 1 11  ? -4.514  -4.064  -18.177 1.00 61.08 ? 62  GLN A C   1 
ATOM   22   O O   . GLN A 1 11  ? -3.423  -3.508  -18.021 1.00 61.25 ? 62  GLN A O   1 
ATOM   23   C CB  . GLN A 1 11  ? -5.833  -5.551  -16.654 1.00 64.16 ? 62  GLN A CB  1 
ATOM   24   C CG  . GLN A 1 11  ? -6.095  -6.936  -16.097 1.00 69.80 ? 62  GLN A CG  1 
ATOM   25   C CD  . GLN A 1 11  ? -6.820  -7.841  -17.085 1.00 73.67 ? 62  GLN A CD  1 
ATOM   26   O OE1 . GLN A 1 11  ? -7.048  -9.020  -16.806 1.00 77.01 ? 62  GLN A OE1 1 
ATOM   27   N NE2 . GLN A 1 11  ? -7.188  -7.295  -18.241 1.00 75.58 ? 62  GLN A NE2 1 
ATOM   28   N N   . GLU A 1 12  ? -5.564  -3.464  -18.731 1.00 59.88 ? 63  GLU A N   1 
ATOM   29   C CA  . GLU A 1 12  ? -5.516  -2.095  -19.240 1.00 60.13 ? 63  GLU A CA  1 
ATOM   30   C C   . GLU A 1 12  ? -4.514  -1.130  -18.605 1.00 58.20 ? 63  GLU A C   1 
ATOM   31   O O   . GLU A 1 12  ? -3.304  -1.320  -18.730 1.00 58.91 ? 63  GLU A O   1 
ATOM   32   C CB  . GLU A 1 12  ? -6.908  -1.463  -19.193 1.00 63.14 ? 63  GLU A CB  1 
ATOM   33   C CG  . GLU A 1 12  ? -7.208  -0.610  -20.422 1.00 68.17 ? 63  GLU A CG  1 
ATOM   34   C CD  . GLU A 1 12  ? -8.090  0.592   -20.123 1.00 71.95 ? 63  GLU A CD  1 
ATOM   35   O OE1 . GLU A 1 12  ? -9.002  0.470   -19.269 1.00 74.04 ? 63  GLU A OE1 1 
ATOM   36   O OE2 . GLU A 1 12  ? -7.871  1.657   -20.753 1.00 73.69 ? 63  GLU A OE2 1 
ATOM   37   N N   . LYS A 1 13  ? -5.023  -0.089  -17.942 1.00 54.67 ? 64  LYS A N   1 
ATOM   38   C CA  . LYS A 1 13  ? -4.180  0.930   -17.319 1.00 51.12 ? 64  LYS A CA  1 
ATOM   39   C C   . LYS A 1 13  ? -3.396  0.463   -16.098 1.00 47.89 ? 64  LYS A C   1 
ATOM   40   O O   . LYS A 1 13  ? -3.370  1.142   -15.070 1.00 45.48 ? 64  LYS A O   1 
ATOM   41   C CB  . LYS A 1 13  ? -5.022  2.151   -16.938 1.00 53.89 ? 64  LYS A CB  1 
ATOM   42   C CG  . LYS A 1 13  ? -4.197  3.378   -16.530 1.00 56.14 ? 64  LYS A CG  1 
ATOM   43   C CD  . LYS A 1 13  ? -4.968  4.685   -16.748 1.00 59.92 ? 64  LYS A CD  1 
ATOM   44   C CE  . LYS A 1 13  ? -4.510  5.432   -17.998 1.00 59.70 ? 64  LYS A CE  1 
ATOM   45   N NZ  . LYS A 1 13  ? -5.118  4.872   -19.247 1.00 61.61 ? 64  LYS A NZ  1 
ATOM   46   N N   . TRP A 1 14  ? -2.757  -0.693  -16.220 1.00 45.35 ? 65  TRP A N   1 
ATOM   47   C CA  . TRP A 1 14  ? -1.949  -1.255  -15.140 1.00 45.45 ? 65  TRP A CA  1 
ATOM   48   C C   . TRP A 1 14  ? -0.474  -1.209  -15.584 1.00 42.39 ? 65  TRP A C   1 
ATOM   49   O O   . TRP A 1 14  ? -0.195  -1.327  -16.779 1.00 43.20 ? 65  TRP A O   1 
ATOM   50   C CB  . TRP A 1 14  ? -2.400  -2.700  -14.869 1.00 48.06 ? 65  TRP A CB  1 
ATOM   51   C CG  . TRP A 1 14  ? -3.715  -2.773  -14.156 1.00 50.97 ? 65  TRP A CG  1 
ATOM   52   C CD1 . TRP A 1 14  ? -4.950  -2.534  -14.687 1.00 53.71 ? 65  TRP A CD1 1 
ATOM   53   C CD2 . TRP A 1 14  ? -3.926  -3.073  -12.773 1.00 52.75 ? 65  TRP A CD2 1 
ATOM   54   N NE1 . TRP A 1 14  ? -5.920  -2.667  -13.716 1.00 54.14 ? 65  TRP A NE1 1 
ATOM   55   C CE2 . TRP A 1 14  ? -5.317  -2.998  -12.533 1.00 54.06 ? 65  TRP A CE2 1 
ATOM   56   C CE3 . TRP A 1 14  ? -3.075  -3.399  -11.712 1.00 53.68 ? 65  TRP A CE3 1 
ATOM   57   C CZ2 . TRP A 1 14  ? -5.870  -3.235  -11.276 1.00 54.14 ? 65  TRP A CZ2 1 
ATOM   58   C CZ3 . TRP A 1 14  ? -3.632  -3.636  -10.460 1.00 53.96 ? 65  TRP A CZ3 1 
ATOM   59   C CH2 . TRP A 1 14  ? -5.015  -3.553  -10.256 1.00 53.23 ? 65  TRP A CH2 1 
ATOM   60   N N   . VAL A 1 15  ? 0.462   -1.033  -14.647 1.00 36.28 ? 66  VAL A N   1 
ATOM   61   C CA  . VAL A 1 15  ? 1.880   -0.957  -15.011 1.00 31.07 ? 66  VAL A CA  1 
ATOM   62   C C   . VAL A 1 15  ? 2.689   -2.171  -14.561 1.00 30.12 ? 66  VAL A C   1 
ATOM   63   O O   . VAL A 1 15  ? 2.703   -2.522  -13.388 1.00 30.80 ? 66  VAL A O   1 
ATOM   64   C CB  . VAL A 1 15  ? 2.540   0.351   -14.460 1.00 28.44 ? 66  VAL A CB  1 
ATOM   65   C CG1 . VAL A 1 15  ? 1.814   0.840   -13.226 1.00 25.79 ? 66  VAL A CG1 1 
ATOM   66   C CG2 . VAL A 1 15  ? 4.002   0.110   -14.153 1.00 25.77 ? 66  VAL A CG2 1 
ATOM   67   N N   . GLY A 1 16  ? 3.374   -2.810  -15.500 1.00 28.32 ? 67  GLY A N   1 
ATOM   68   C CA  . GLY A 1 16  ? 4.151   -3.989  -15.161 1.00 28.26 ? 67  GLY A CA  1 
ATOM   69   C C   . GLY A 1 16  ? 5.613   -3.786  -14.777 1.00 29.36 ? 67  GLY A C   1 
ATOM   70   O O   . GLY A 1 16  ? 6.356   -3.044  -15.426 1.00 26.14 ? 67  GLY A O   1 
ATOM   71   N N   . TYR A 1 17  ? 6.026   -4.467  -13.712 1.00 30.76 ? 68  TYR A N   1 
ATOM   72   C CA  . TYR A 1 17  ? 7.392   -4.395  -13.224 1.00 31.69 ? 68  TYR A CA  1 
ATOM   73   C C   . TYR A 1 17  ? 7.679   -5.641  -12.393 1.00 33.57 ? 68  TYR A C   1 
ATOM   74   O O   . TYR A 1 17  ? 6.805   -6.149  -11.694 1.00 32.30 ? 68  TYR A O   1 
ATOM   75   C CB  . TYR A 1 17  ? 7.574   -3.147  -12.380 1.00 32.03 ? 68  TYR A CB  1 
ATOM   76   C CG  . TYR A 1 17  ? 9.013   -2.713  -12.178 1.00 34.99 ? 68  TYR A CG  1 
ATOM   77   C CD1 . TYR A 1 17  ? 9.832   -2.384  -13.259 1.00 36.88 ? 68  TYR A CD1 1 
ATOM   78   C CD2 . TYR A 1 17  ? 9.526   -2.554  -10.903 1.00 35.09 ? 68  TYR A CD2 1 
ATOM   79   C CE1 . TYR A 1 17  ? 11.112  -1.899  -13.061 1.00 37.61 ? 68  TYR A CE1 1 
ATOM   80   C CE2 . TYR A 1 17  ? 10.801  -2.068  -10.695 1.00 37.53 ? 68  TYR A CE2 1 
ATOM   81   C CZ  . TYR A 1 17  ? 11.585  -1.737  -11.767 1.00 37.95 ? 68  TYR A CZ  1 
ATOM   82   O OH  . TYR A 1 17  ? 12.819  -1.182  -11.524 1.00 40.38 ? 68  TYR A OH  1 
ATOM   83   N N   . ARG A 1 18  ? 8.911   -6.126  -12.480 1.00 37.22 ? 69  ARG A N   1 
ATOM   84   C CA  . ARG A 1 18  ? 9.341   -7.324  -11.773 1.00 40.36 ? 69  ARG A CA  1 
ATOM   85   C C   . ARG A 1 18  ? 8.260   -8.384  -11.853 1.00 41.47 ? 69  ARG A C   1 
ATOM   86   O O   . ARG A 1 18  ? 7.912   -8.992  -10.846 1.00 43.88 ? 69  ARG A O   1 
ATOM   87   C CB  . ARG A 1 18  ? 9.669   -7.017  -10.308 1.00 42.88 ? 69  ARG A CB  1 
ATOM   88   C CG  . ARG A 1 18  ? 8.779   -5.961  -9.669  1.00 51.49 ? 69  ARG A CG  1 
ATOM   89   C CD  . ARG A 1 18  ? 9.379   -5.425  -8.368  1.00 56.99 ? 69  ARG A CD  1 
ATOM   90   N NE  . ARG A 1 18  ? 10.718  -4.883  -8.588  1.00 60.75 ? 69  ARG A NE  1 
ATOM   91   C CZ  . ARG A 1 18  ? 11.469  -4.335  -7.640  1.00 61.58 ? 69  ARG A CZ  1 
ATOM   92   N NH1 . ARG A 1 18  ? 11.014  -4.253  -6.393  1.00 62.56 ? 69  ARG A NH1 1 
ATOM   93   N NH2 . ARG A 1 18  ? 12.674  -3.868  -7.941  1.00 61.89 ? 69  ARG A NH2 1 
ATOM   94   N N   . CYS A 1 19  ? 7.739   -8.601  -13.059 1.00 42.69 ? 70  CYS A N   1 
ATOM   95   C CA  . CYS A 1 19  ? 6.679   -9.584  -13.299 1.00 44.87 ? 70  CYS A CA  1 
ATOM   96   C C   . CYS A 1 19  ? 5.568   -9.440  -12.256 1.00 44.37 ? 70  CYS A C   1 
ATOM   97   O O   . CYS A 1 19  ? 5.166   -10.406 -11.601 1.00 43.08 ? 70  CYS A O   1 
ATOM   98   C CB  . CYS A 1 19  ? 7.252   -11.008 -13.295 1.00 45.94 ? 70  CYS A CB  1 
ATOM   99   S SG  . CYS A 1 19  ? 6.192   -12.265 -14.105 1.00 55.74 ? 70  CYS A SG  1 
ATOM   100  N N   . ASN A 1 20  ? 5.092   -8.204  -12.118 1.00 44.68 ? 71  ASN A N   1 
ATOM   101  C CA  . ASN A 1 20  ? 4.037   -7.847  -11.176 1.00 43.39 ? 71  ASN A CA  1 
ATOM   102  C C   . ASN A 1 20  ? 3.213   -6.750  -11.807 1.00 41.73 ? 71  ASN A C   1 
ATOM   103  O O   . ASN A 1 20  ? 3.743   -5.941  -12.576 1.00 43.17 ? 71  ASN A O   1 
ATOM   104  C CB  . ASN A 1 20  ? 4.636   -7.314  -9.872  1.00 43.77 ? 71  ASN A CB  1 
ATOM   105  C CG  . ASN A 1 20  ? 5.015   -8.415  -8.929  1.00 46.47 ? 71  ASN A CG  1 
ATOM   106  O OD1 . ASN A 1 20  ? 4.558   -9.544  -9.077  1.00 48.26 ? 71  ASN A OD1 1 
ATOM   107  N ND2 . ASN A 1 20  ? 5.859   -8.107  -7.955  1.00 47.34 ? 71  ASN A ND2 1 
ATOM   108  N N   . CYS A 1 21  ? 1.921   -6.722  -11.501 1.00 37.25 ? 72  CYS A N   1 
ATOM   109  C CA  . CYS A 1 21  ? 1.084   -5.676  -12.050 1.00 35.83 ? 72  CYS A CA  1 
ATOM   110  C C   . CYS A 1 21  ? 0.681   -4.720  -10.960 1.00 33.44 ? 72  CYS A C   1 
ATOM   111  O O   . CYS A 1 21  ? 0.213   -5.117  -9.899  1.00 35.42 ? 72  CYS A O   1 
ATOM   112  C CB  . CYS A 1 21  ? -0.140  -6.263  -12.718 1.00 36.77 ? 72  CYS A CB  1 
ATOM   113  S SG  . CYS A 1 21  ? 0.327   -7.544  -13.910 1.00 43.32 ? 72  CYS A SG  1 
ATOM   114  N N   . TYR A 1 22  ? 0.884   -3.443  -11.227 1.00 30.52 ? 73  TYR A N   1 
ATOM   115  C CA  . TYR A 1 22  ? 0.559   -2.412  -10.265 1.00 26.60 ? 73  TYR A CA  1 
ATOM   116  C C   . TYR A 1 22  ? -0.492  -1.486  -10.860 1.00 26.81 ? 73  TYR A C   1 
ATOM   117  O O   . TYR A 1 22  ? -0.583  -1.333  -12.082 1.00 25.76 ? 73  TYR A O   1 
ATOM   118  C CB  . TYR A 1 22  ? 1.823   -1.598  -9.920  1.00 24.01 ? 73  TYR A CB  1 
ATOM   119  C CG  . TYR A 1 22  ? 2.953   -2.377  -9.246  1.00 20.51 ? 73  TYR A CG  1 
ATOM   120  C CD1 . TYR A 1 22  ? 3.914   -3.040  -10.006 1.00 19.73 ? 73  TYR A CD1 1 
ATOM   121  C CD2 . TYR A 1 22  ? 3.032   -2.482  -7.851  1.00 16.96 ? 73  TYR A CD2 1 
ATOM   122  C CE1 . TYR A 1 22  ? 4.922   -3.801  -9.398  1.00 20.45 ? 73  TYR A CE1 1 
ATOM   123  C CE2 . TYR A 1 22  ? 4.028   -3.236  -7.238  1.00 17.32 ? 73  TYR A CE2 1 
ATOM   124  C CZ  . TYR A 1 22  ? 4.969   -3.902  -8.009  1.00 18.88 ? 73  TYR A CZ  1 
ATOM   125  O OH  . TYR A 1 22  ? 5.930   -4.708  -7.419  1.00 17.67 ? 73  TYR A OH  1 
ATOM   126  N N   . PHE A 1 23  ? -1.297  -0.894  -9.983  1.00 26.14 ? 74  PHE A N   1 
ATOM   127  C CA  . PHE A 1 23  ? -2.307  0.066   -10.380 1.00 23.79 ? 74  PHE A CA  1 
ATOM   128  C C   . PHE A 1 23  ? -2.085  1.320   -9.519  1.00 25.24 ? 74  PHE A C   1 
ATOM   129  O O   . PHE A 1 23  ? -2.227  1.277   -8.293  1.00 24.07 ? 74  PHE A O   1 
ATOM   130  C CB  . PHE A 1 23  ? -3.715  -0.485  -10.151 1.00 25.20 ? 74  PHE A CB  1 
ATOM   131  C CG  . PHE A 1 23  ? -4.795  0.458   -10.594 1.00 26.95 ? 74  PHE A CG  1 
ATOM   132  C CD1 . PHE A 1 23  ? -5.219  1.489   -9.757  1.00 27.37 ? 74  PHE A CD1 1 
ATOM   133  C CD2 . PHE A 1 23  ? -5.281  0.409   -11.889 1.00 26.42 ? 74  PHE A CD2 1 
ATOM   134  C CE1 . PHE A 1 23  ? -6.091  2.458   -10.209 1.00 25.74 ? 74  PHE A CE1 1 
ATOM   135  C CE2 . PHE A 1 23  ? -6.148  1.371   -12.344 1.00 27.08 ? 74  PHE A CE2 1 
ATOM   136  C CZ  . PHE A 1 23  ? -6.552  2.401   -11.503 1.00 25.79 ? 74  PHE A CZ  1 
ATOM   137  N N   . ILE A 1 24  ? -1.721  2.434   -10.149 1.00 25.36 ? 75  ILE A N   1 
ATOM   138  C CA  . ILE A 1 24  ? -1.480  3.663   -9.402  1.00 25.56 ? 75  ILE A CA  1 
ATOM   139  C C   . ILE A 1 24  ? -2.548  4.695   -9.735  1.00 27.31 ? 75  ILE A C   1 
ATOM   140  O O   . ILE A 1 24  ? -2.400  5.497   -10.647 1.00 30.58 ? 75  ILE A O   1 
ATOM   141  C CB  . ILE A 1 24  ? -0.054  4.238   -9.687  1.00 23.76 ? 75  ILE A CB  1 
ATOM   142  C CG1 . ILE A 1 24  ? 0.765   3.261   -10.543 1.00 20.01 ? 75  ILE A CG1 1 
ATOM   143  C CG2 . ILE A 1 24  ? 0.651   4.527   -8.364  1.00 23.48 ? 75  ILE A CG2 1 
ATOM   144  C CD1 . ILE A 1 24  ? 2.094   2.797   -9.930  1.00 20.00 ? 75  ILE A CD1 1 
ATOM   145  N N   . SER A 1 25  ? -3.638  4.647   -8.979  1.00 30.81 ? 76  SER A N   1 
ATOM   146  C CA  . SER A 1 25  ? -4.803  5.522   -9.137  1.00 30.93 ? 76  SER A CA  1 
ATOM   147  C C   . SER A 1 25  ? -4.559  7.041   -9.214  1.00 32.65 ? 76  SER A C   1 
ATOM   148  O O   . SER A 1 25  ? -3.575  7.544   -8.673  1.00 31.18 ? 76  SER A O   1 
ATOM   149  C CB  . SER A 1 25  ? -5.739  5.266   -7.973  1.00 29.20 ? 76  SER A CB  1 
ATOM   150  O OG  . SER A 1 25  ? -5.311  6.049   -6.859  1.00 24.88 ? 76  SER A OG  1 
ATOM   151  N N   . SER A 1 26  ? -5.475  7.762   -9.877  1.00 34.96 ? 77  SER A N   1 
ATOM   152  C CA  . SER A 1 26  ? -5.403  9.226   -9.983  1.00 36.62 ? 77  SER A CA  1 
ATOM   153  C C   . SER A 1 26  ? -6.326  9.804   -8.927  1.00 39.18 ? 77  SER A C   1 
ATOM   154  O O   . SER A 1 26  ? -5.976  10.783  -8.259  1.00 41.61 ? 77  SER A O   1 
ATOM   155  C CB  . SER A 1 26  ? -5.867  9.747   -11.352 1.00 34.38 ? 77  SER A CB  1 
ATOM   156  O OG  . SER A 1 26  ? -6.250  8.710   -12.231 1.00 36.37 ? 77  SER A OG  1 
ATOM   157  N N   . GLU A 1 27  ? -7.503  9.194   -8.776  1.00 38.83 ? 78  GLU A N   1 
ATOM   158  C CA  . GLU A 1 27  ? -8.489  9.647   -7.796  1.00 41.14 ? 78  GLU A CA  1 
ATOM   159  C C   . GLU A 1 27  ? -8.000  9.503   -6.365  1.00 40.68 ? 78  GLU A C   1 
ATOM   160  O O   . GLU A 1 27  ? -7.160  8.659   -6.075  1.00 40.50 ? 78  GLU A O   1 
ATOM   161  C CB  . GLU A 1 27  ? -9.788  8.853   -7.929  1.00 44.51 ? 78  GLU A CB  1 
ATOM   162  C CG  . GLU A 1 27  ? -9.939  8.097   -9.223  1.00 53.84 ? 78  GLU A CG  1 
ATOM   163  C CD  . GLU A 1 27  ? -11.369 8.136   -9.754  1.00 59.90 ? 78  GLU A CD  1 
ATOM   164  O OE1 . GLU A 1 27  ? -12.273 7.638   -9.050  1.00 65.19 ? 78  GLU A OE1 1 
ATOM   165  O OE2 . GLU A 1 27  ? -11.594 8.657   -10.872 1.00 61.96 ? 78  GLU A OE2 1 
ATOM   166  N N   . GLN A 1 28  ? -8.530  10.327  -5.467  1.00 41.66 ? 79  GLN A N   1 
ATOM   167  C CA  . GLN A 1 28  ? -8.160  10.239  -4.054  1.00 43.50 ? 79  GLN A CA  1 
ATOM   168  C C   . GLN A 1 28  ? -9.343  9.630   -3.336  1.00 41.98 ? 79  GLN A C   1 
ATOM   169  O O   . GLN A 1 28  ? -10.456 10.117  -3.465  1.00 43.25 ? 79  GLN A O   1 
ATOM   170  C CB  . GLN A 1 28  ? -7.882  11.615  -3.459  1.00 45.70 ? 79  GLN A CB  1 
ATOM   171  C CG  . GLN A 1 28  ? -7.450  12.640  -4.476  1.00 50.43 ? 79  GLN A CG  1 
ATOM   172  C CD  . GLN A 1 28  ? -6.060  13.140  -4.213  1.00 51.21 ? 79  GLN A CD  1 
ATOM   173  O OE1 . GLN A 1 28  ? -5.322  13.456  -5.147  1.00 53.75 ? 79  GLN A OE1 1 
ATOM   174  N NE2 . GLN A 1 28  ? -5.686  13.216  -2.933  1.00 50.76 ? 79  GLN A NE2 1 
ATOM   175  N N   . LYS A 1 29  ? -9.111  8.564   -2.582  1.00 40.25 ? 80  LYS A N   1 
ATOM   176  C CA  . LYS A 1 29  ? -10.208 7.923   -1.888  1.00 38.17 ? 80  LYS A CA  1 
ATOM   177  C C   . LYS A 1 29  ? -9.923  7.598   -0.436  1.00 38.94 ? 80  LYS A C   1 
ATOM   178  O O   . LYS A 1 29  ? -8.920  8.027   0.138   1.00 40.13 ? 80  LYS A O   1 
ATOM   179  C CB  . LYS A 1 29  ? -10.594 6.650   -2.628  1.00 34.87 ? 80  LYS A CB  1 
ATOM   180  C CG  . LYS A 1 29  ? -10.571 6.804   -4.126  1.00 34.27 ? 80  LYS A CG  1 
ATOM   181  C CD  . LYS A 1 29  ? -11.584 7.834   -4.602  1.00 35.63 ? 80  LYS A CD  1 
ATOM   182  C CE  . LYS A 1 29  ? -12.765 7.165   -5.306  1.00 39.57 ? 80  LYS A CE  1 
ATOM   183  N NZ  . LYS A 1 29  ? -13.709 8.132   -5.953  1.00 36.50 ? 80  LYS A NZ  1 
ATOM   184  N N   . THR A 1 30  ? -10.836 6.852   0.165   1.00 39.65 ? 81  THR A N   1 
ATOM   185  C CA  . THR A 1 30  ? -10.675 6.443   1.546   1.00 41.09 ? 81  THR A CA  1 
ATOM   186  C C   . THR A 1 30  ? -9.914  5.124   1.510   1.00 39.14 ? 81  THR A C   1 
ATOM   187  O O   . THR A 1 30  ? -9.973  4.400   0.514   1.00 40.40 ? 81  THR A O   1 
ATOM   188  C CB  . THR A 1 30  ? -12.042 6.220   2.245   1.00 42.68 ? 81  THR A CB  1 
ATOM   189  O OG1 . THR A 1 30  ? -13.085 6.801   1.456   1.00 42.35 ? 81  THR A OG1 1 
ATOM   190  C CG2 . THR A 1 30  ? -12.050 6.878   3.622   1.00 44.47 ? 81  THR A CG2 1 
ATOM   191  N N   . TRP A 1 31  ? -9.205  4.817   2.589   1.00 35.69 ? 82  TRP A N   1 
ATOM   192  C CA  . TRP A 1 31  ? -8.436  3.591   2.670   1.00 33.96 ? 82  TRP A CA  1 
ATOM   193  C C   . TRP A 1 31  ? -9.322  2.349   2.638   1.00 34.87 ? 82  TRP A C   1 
ATOM   194  O O   . TRP A 1 31  ? -8.900  1.278   2.169   1.00 35.03 ? 82  TRP A O   1 
ATOM   195  C CB  . TRP A 1 31  ? -7.598  3.589   3.936   1.00 31.23 ? 82  TRP A CB  1 
ATOM   196  C CG  . TRP A 1 31  ? -6.700  2.410   4.068   1.00 27.78 ? 82  TRP A CG  1 
ATOM   197  C CD1 . TRP A 1 31  ? -5.349  2.407   3.953   1.00 27.08 ? 82  TRP A CD1 1 
ATOM   198  C CD2 . TRP A 1 31  ? -7.069  1.094   4.505   1.00 26.84 ? 82  TRP A CD2 1 
ATOM   199  N NE1 . TRP A 1 31  ? -4.851  1.181   4.300   1.00 26.69 ? 82  TRP A NE1 1 
ATOM   200  C CE2 . TRP A 1 31  ? -5.886  0.357   4.647   1.00 25.19 ? 82  TRP A CE2 1 
ATOM   201  C CE3 . TRP A 1 31  ? -8.287  0.473   4.801   1.00 28.35 ? 82  TRP A CE3 1 
ATOM   202  C CZ2 . TRP A 1 31  ? -5.875  -0.970  5.066   1.00 26.08 ? 82  TRP A CZ2 1 
ATOM   203  C CZ3 . TRP A 1 31  ? -8.276  -0.851  5.222   1.00 28.67 ? 82  TRP A CZ3 1 
ATOM   204  C CH2 . TRP A 1 31  ? -7.075  -1.555  5.350   1.00 26.29 ? 82  TRP A CH2 1 
ATOM   205  N N   . ASN A 1 32  ? -10.542 2.468   3.141   1.00 32.82 ? 83  ASN A N   1 
ATOM   206  C CA  . ASN A 1 32  ? -11.415 1.319   3.100   1.00 30.33 ? 83  ASN A CA  1 
ATOM   207  C C   . ASN A 1 32  ? -12.038 1.191   1.709   1.00 29.93 ? 83  ASN A C   1 
ATOM   208  O O   . ASN A 1 32  ? -12.443 0.103   1.289   1.00 30.14 ? 83  ASN A O   1 
ATOM   209  C CB  . ASN A 1 32  ? -12.490 1.428   4.153   1.00 29.48 ? 83  ASN A CB  1 
ATOM   210  C CG  . ASN A 1 32  ? -12.997 0.086   4.567   1.00 35.54 ? 83  ASN A CG  1 
ATOM   211  O OD1 . ASN A 1 32  ? -12.208 -0.786  4.946   1.00 36.68 ? 83  ASN A OD1 1 
ATOM   212  N ND2 . ASN A 1 32  ? -14.318 -0.110  4.488   1.00 38.15 ? 83  ASN A ND2 1 
ATOM   213  N N   . GLU A 1 33  ? -12.104 2.302   0.987   1.00 27.12 ? 84  GLU A N   1 
ATOM   214  C CA  . GLU A 1 33  ? -12.654 2.271   -0.357  1.00 29.20 ? 84  GLU A CA  1 
ATOM   215  C C   . GLU A 1 33  ? -11.666 1.592   -1.297  1.00 30.52 ? 84  GLU A C   1 
ATOM   216  O O   . GLU A 1 33  ? -11.954 0.546   -1.893  1.00 27.03 ? 84  GLU A O   1 
ATOM   217  C CB  . GLU A 1 33  ? -12.872 3.683   -0.858  1.00 33.90 ? 84  GLU A CB  1 
ATOM   218  C CG  . GLU A 1 33  ? -13.574 4.572   0.099   1.00 37.70 ? 84  GLU A CG  1 
ATOM   219  C CD  . GLU A 1 33  ? -14.550 5.460   -0.621  1.00 41.26 ? 84  GLU A CD  1 
ATOM   220  O OE1 . GLU A 1 33  ? -15.551 4.906   -1.132  1.00 43.95 ? 84  GLU A OE1 1 
ATOM   221  O OE2 . GLU A 1 33  ? -14.318 6.696   -0.687  1.00 39.48 ? 84  GLU A OE2 1 
ATOM   222  N N   . SER A 1 34  ? -10.505 2.241   -1.440  1.00 31.95 ? 85  SER A N   1 
ATOM   223  C CA  . SER A 1 34  ? -9.411  1.777   -2.283  1.00 28.53 ? 85  SER A CA  1 
ATOM   224  C C   . SER A 1 34  ? -9.228  0.326   -1.961  1.00 28.74 ? 85  SER A C   1 
ATOM   225  O O   . SER A 1 34  ? -9.144  -0.518  -2.858  1.00 28.67 ? 85  SER A O   1 
ATOM   226  C CB  . SER A 1 34  ? -8.153  2.542   -1.935  1.00 27.62 ? 85  SER A CB  1 
ATOM   227  O OG  . SER A 1 34  ? -8.286  3.104   -0.645  1.00 23.83 ? 85  SER A OG  1 
ATOM   228  N N   . ARG A 1 35  ? -9.187  0.047   -0.661  1.00 28.46 ? 86  ARG A N   1 
ATOM   229  C CA  . ARG A 1 35  ? -9.054  -1.322  -0.162  1.00 29.59 ? 86  ARG A CA  1 
ATOM   230  C C   . ARG A 1 35  ? -9.996  -2.233  -0.928  1.00 29.95 ? 86  ARG A C   1 
ATOM   231  O O   . ARG A 1 35  ? -9.645  -3.340  -1.330  1.00 29.58 ? 86  ARG A O   1 
ATOM   232  C CB  . ARG A 1 35  ? -9.433  -1.377  1.310   1.00 27.24 ? 86  ARG A CB  1 
ATOM   233  C CG  . ARG A 1 35  ? -8.867  -2.558  2.027   1.00 26.49 ? 86  ARG A CG  1 
ATOM   234  C CD  . ARG A 1 35  ? -9.654  -2.855  3.261   1.00 25.96 ? 86  ARG A CD  1 
ATOM   235  N NE  . ARG A 1 35  ? -10.228 -4.181  3.154   1.00 32.26 ? 86  ARG A NE  1 
ATOM   236  C CZ  . ARG A 1 35  ? -11.316 -4.567  3.806   1.00 34.37 ? 86  ARG A CZ  1 
ATOM   237  N NH1 . ARG A 1 35  ? -11.937 -3.710  4.613   1.00 34.10 ? 86  ARG A NH1 1 
ATOM   238  N NH2 . ARG A 1 35  ? -11.780 -5.810  3.644   1.00 34.07 ? 86  ARG A NH2 1 
ATOM   239  N N   . HIS A 1 36  ? -11.207 -1.735  -1.122  1.00 30.73 ? 87  HIS A N   1 
ATOM   240  C CA  . HIS A 1 36  ? -12.232 -2.471  -1.818  1.00 30.51 ? 87  HIS A CA  1 
ATOM   241  C C   . HIS A 1 36  ? -12.097 -2.370  -3.331  1.00 31.21 ? 87  HIS A C   1 
ATOM   242  O O   . HIS A 1 36  ? -12.384 -3.328  -4.050  1.00 31.95 ? 87  HIS A O   1 
ATOM   243  C CB  . HIS A 1 36  ? -13.594 -1.953  -1.367  1.00 30.27 ? 87  HIS A CB  1 
ATOM   244  C CG  . HIS A 1 36  ? -14.113 -2.637  -0.142  1.00 29.58 ? 87  HIS A CG  1 
ATOM   245  N ND1 . HIS A 1 36  ? -14.377 -1.968  1.034   1.00 29.11 ? 87  HIS A ND1 1 
ATOM   246  C CD2 . HIS A 1 36  ? -14.407 -3.938  0.087   1.00 26.97 ? 87  HIS A CD2 1 
ATOM   247  C CE1 . HIS A 1 36  ? -14.812 -2.827  1.938   1.00 27.01 ? 87  HIS A CE1 1 
ATOM   248  N NE2 . HIS A 1 36  ? -14.840 -4.029  1.388   1.00 27.00 ? 87  HIS A NE2 1 
ATOM   249  N N   . LEU A 1 37  ? -11.658 -1.222  -3.828  1.00 29.70 ? 88  LEU A N   1 
ATOM   250  C CA  . LEU A 1 37  ? -11.535 -1.084  -5.264  1.00 30.59 ? 88  LEU A CA  1 
ATOM   251  C C   . LEU A 1 37  ? -10.507 -2.082  -5.792  1.00 29.99 ? 88  LEU A C   1 
ATOM   252  O O   . LEU A 1 37  ? -10.745 -2.749  -6.801  1.00 29.36 ? 88  LEU A O   1 
ATOM   253  C CB  . LEU A 1 37  ? -11.144 0.349   -5.624  1.00 32.68 ? 88  LEU A CB  1 
ATOM   254  C CG  . LEU A 1 37  ? -12.255 1.361   -5.329  1.00 34.52 ? 88  LEU A CG  1 
ATOM   255  C CD1 . LEU A 1 37  ? -11.762 2.393   -4.346  1.00 35.35 ? 88  LEU A CD1 1 
ATOM   256  C CD2 . LEU A 1 37  ? -12.699 2.034   -6.614  1.00 36.23 ? 88  LEU A CD2 1 
ATOM   257  N N   . CYS A 1 38  ? -9.373  -2.185  -5.098  1.00 27.73 ? 89  CYS A N   1 
ATOM   258  C CA  . CYS A 1 38  ? -8.309  -3.099  -5.490  1.00 26.91 ? 89  CYS A CA  1 
ATOM   259  C C   . CYS A 1 38  ? -8.845  -4.525  -5.425  1.00 29.27 ? 89  CYS A C   1 
ATOM   260  O O   . CYS A 1 38  ? -8.675  -5.332  -6.350  1.00 30.23 ? 89  CYS A O   1 
ATOM   261  C CB  . CYS A 1 38  ? -7.129  -2.966  -4.529  1.00 27.50 ? 89  CYS A CB  1 
ATOM   262  S SG  . CYS A 1 38  ? -6.233  -1.392  -4.632  1.00 25.10 ? 89  CYS A SG  1 
ATOM   263  N N   . ALA A 1 39  ? -9.507  -4.826  -4.313  1.00 30.31 ? 90  ALA A N   1 
ATOM   264  C CA  . ALA A 1 39  ? -10.076 -6.145  -4.088  1.00 29.31 ? 90  ALA A CA  1 
ATOM   265  C C   . ALA A 1 39  ? -11.099 -6.402  -5.177  1.00 29.76 ? 90  ALA A C   1 
ATOM   266  O O   . ALA A 1 39  ? -11.275 -7.529  -5.653  1.00 28.01 ? 90  ALA A O   1 
ATOM   267  C CB  . ALA A 1 39  ? -10.728 -6.190  -2.716  1.00 27.17 ? 90  ALA A CB  1 
ATOM   268  N N   . SER A 1 40  ? -11.761 -5.326  -5.578  1.00 31.07 ? 91  SER A N   1 
ATOM   269  C CA  . SER A 1 40  ? -12.771 -5.407  -6.597  1.00 31.74 ? 91  SER A CA  1 
ATOM   270  C C   . SER A 1 40  ? -12.119 -5.918  -7.862  1.00 35.04 ? 91  SER A C   1 
ATOM   271  O O   . SER A 1 40  ? -12.758 -6.637  -8.635  1.00 37.91 ? 91  SER A O   1 
ATOM   272  C CB  . SER A 1 40  ? -13.364 -4.033  -6.847  1.00 30.10 ? 91  SER A CB  1 
ATOM   273  O OG  . SER A 1 40  ? -12.927 -3.539  -8.094  1.00 34.84 ? 91  SER A OG  1 
ATOM   274  N N   . GLN A 1 41  ? -10.846 -5.565  -8.064  1.00 34.65 ? 92  GLN A N   1 
ATOM   275  C CA  . GLN A 1 41  ? -10.124 -5.973  -9.267  1.00 33.30 ? 92  GLN A CA  1 
ATOM   276  C C   . GLN A 1 41  ? -9.175  -7.128  -9.093  1.00 33.25 ? 92  GLN A C   1 
ATOM   277  O O   . GLN A 1 41  ? -8.099  -7.142  -9.682  1.00 32.86 ? 92  GLN A O   1 
ATOM   278  C CB  . GLN A 1 41  ? -9.355  -4.802  -9.857  1.00 31.69 ? 92  GLN A CB  1 
ATOM   279  C CG  . GLN A 1 41  ? -10.181 -3.955  -10.803 1.00 35.77 ? 92  GLN A CG  1 
ATOM   280  C CD  . GLN A 1 41  ? -9.879  -2.457  -10.680 1.00 36.94 ? 92  GLN A CD  1 
ATOM   281  O OE1 . GLN A 1 41  ? -9.537  -1.960  -9.608  1.00 33.72 ? 92  GLN A OE1 1 
ATOM   282  N NE2 . GLN A 1 41  ? -10.003 -1.740  -11.790 1.00 40.86 ? 92  GLN A NE2 1 
ATOM   283  N N   . LYS A 1 42  ? -9.568  -8.105  -8.292  1.00 32.94 ? 93  LYS A N   1 
ATOM   284  C CA  . LYS A 1 42  ? -8.717  -9.268  -8.087  1.00 34.57 ? 93  LYS A CA  1 
ATOM   285  C C   . LYS A 1 42  ? -7.266  -8.917  -7.755  1.00 32.39 ? 93  LYS A C   1 
ATOM   286  O O   . LYS A 1 42  ? -6.353  -9.678  -8.075  1.00 32.17 ? 93  LYS A O   1 
ATOM   287  C CB  . LYS A 1 42  ? -8.745  -10.145 -9.333  1.00 38.98 ? 93  LYS A CB  1 
ATOM   288  C CG  . LYS A 1 42  ? -9.903  -9.839  -10.277 1.00 44.80 ? 93  LYS A CG  1 
ATOM   289  C CD  . LYS A 1 42  ? -9.394  -9.228  -11.575 1.00 50.39 ? 93  LYS A CD  1 
ATOM   290  C CE  . LYS A 1 42  ? -8.583  -10.240 -12.387 1.00 54.07 ? 93  LYS A CE  1 
ATOM   291  N NZ  . LYS A 1 42  ? -8.170  -9.709  -13.728 1.00 57.04 ? 93  LYS A NZ  1 
ATOM   292  N N   . SER A 1 43  ? -7.057  -7.766  -7.124  1.00 29.46 ? 94  SER A N   1 
ATOM   293  C CA  . SER A 1 43  ? -5.719  -7.333  -6.729  1.00 26.25 ? 94  SER A CA  1 
ATOM   294  C C   . SER A 1 43  ? -5.812  -6.957  -5.244  1.00 25.80 ? 94  SER A C   1 
ATOM   295  O O   . SER A 1 43  ? -6.676  -7.498  -4.577  1.00 26.51 ? 94  SER A O   1 
ATOM   296  C CB  . SER A 1 43  ? -5.292  -6.145  -7.586  1.00 25.11 ? 94  SER A CB  1 
ATOM   297  O OG  . SER A 1 43  ? -6.019  -4.988  -7.239  1.00 25.10 ? 94  SER A OG  1 
ATOM   298  N N   . SER A 1 44  ? -4.956  -6.072  -4.708  1.00 23.14 ? 95  SER A N   1 
ATOM   299  C CA  . SER A 1 44  ? -5.062  -5.703  -3.285  1.00 19.94 ? 95  SER A CA  1 
ATOM   300  C C   . SER A 1 44  ? -4.144  -4.580  -2.809  1.00 21.36 ? 95  SER A C   1 
ATOM   301  O O   . SER A 1 44  ? -3.005  -4.476  -3.240  1.00 21.19 ? 95  SER A O   1 
ATOM   302  C CB  . SER A 1 44  ? -4.859  -6.929  -2.390  1.00 19.24 ? 95  SER A CB  1 
ATOM   303  O OG  . SER A 1 44  ? -3.537  -7.438  -2.455  1.00 19.84 ? 95  SER A OG  1 
ATOM   304  N N   . LEU A 1 45  ? -4.649  -3.749  -1.901  1.00 20.53 ? 96  LEU A N   1 
ATOM   305  C CA  . LEU A 1 45  ? -3.901  -2.607  -1.380  1.00 20.29 ? 96  LEU A CA  1 
ATOM   306  C C   . LEU A 1 45  ? -2.413  -2.851  -1.027  1.00 23.36 ? 96  LEU A C   1 
ATOM   307  O O   . LEU A 1 45  ? -2.089  -3.239  0.086   1.00 29.33 ? 96  LEU A O   1 
ATOM   308  C CB  . LEU A 1 45  ? -4.640  -2.019  -0.161  1.00 14.02 ? 96  LEU A CB  1 
ATOM   309  C CG  . LEU A 1 45  ? -4.608  -0.486  -0.113  1.00 12.38 ? 96  LEU A CG  1 
ATOM   310  C CD1 . LEU A 1 45  ? -5.134  0.041   -1.436  1.00 4.03  ? 96  LEU A CD1 1 
ATOM   311  C CD2 . LEU A 1 45  ? -5.435  0.068   1.039   1.00 5.40  ? 96  LEU A CD2 1 
ATOM   312  N N   . LEU A 1 46  ? -1.516  -2.602  -1.974  1.00 22.63 ? 97  LEU A N   1 
ATOM   313  C CA  . LEU A 1 46  ? -0.063  -2.763  -1.808  1.00 21.76 ? 97  LEU A CA  1 
ATOM   314  C C   . LEU A 1 46  ? 0.604   -3.267  -0.525  1.00 22.17 ? 97  LEU A C   1 
ATOM   315  O O   . LEU A 1 46  ? 0.544   -2.640  0.526   1.00 20.91 ? 97  LEU A O   1 
ATOM   316  C CB  . LEU A 1 46  ? 0.630   -1.455  -2.176  1.00 21.44 ? 97  LEU A CB  1 
ATOM   317  C CG  . LEU A 1 46  ? 2.106   -1.569  -2.564  1.00 20.54 ? 97  LEU A CG  1 
ATOM   318  C CD1 . LEU A 1 46  ? 2.268   -2.262  -3.925  1.00 15.97 ? 97  LEU A CD1 1 
ATOM   319  C CD2 . LEU A 1 46  ? 2.688   -0.164  -2.585  1.00 17.81 ? 97  LEU A CD2 1 
ATOM   320  N N   . GLN A 1 47  ? 1.278   -4.403  -0.648  1.00 26.69 ? 98  GLN A N   1 
ATOM   321  C CA  . GLN A 1 47  ? 2.038   -5.004  0.449   1.00 29.56 ? 98  GLN A CA  1 
ATOM   322  C C   . GLN A 1 47  ? 3.483   -4.892  -0.027  1.00 29.74 ? 98  GLN A C   1 
ATOM   323  O O   . GLN A 1 47  ? 3.884   -5.593  -0.975  1.00 28.11 ? 98  GLN A O   1 
ATOM   324  C CB  . GLN A 1 47  ? 1.697   -6.488  0.630   1.00 32.76 ? 98  GLN A CB  1 
ATOM   325  C CG  . GLN A 1 47  ? 2.771   -7.279  1.390   1.00 36.66 ? 98  GLN A CG  1 
ATOM   326  C CD  . GLN A 1 47  ? 2.394   -8.744  1.627   1.00 41.89 ? 98  GLN A CD  1 
ATOM   327  O OE1 . GLN A 1 47  ? 3.074   -9.462  2.366   1.00 42.98 ? 98  GLN A OE1 1 
ATOM   328  N NE2 . GLN A 1 47  ? 1.308   -9.190  0.999   1.00 42.00 ? 98  GLN A NE2 1 
ATOM   329  N N   . LEU A 1 48  ? 4.252   -4.015  0.623   1.00 28.75 ? 99  LEU A N   1 
ATOM   330  C CA  . LEU A 1 48  ? 5.643   -3.781  0.257   1.00 27.06 ? 99  LEU A CA  1 
ATOM   331  C C   . LEU A 1 48  ? 6.566   -4.950  0.569   1.00 29.22 ? 99  LEU A C   1 
ATOM   332  O O   . LEU A 1 48  ? 6.795   -5.276  1.737   1.00 29.91 ? 99  LEU A O   1 
ATOM   333  C CB  . LEU A 1 48  ? 6.149   -2.531  0.958   1.00 24.87 ? 99  LEU A CB  1 
ATOM   334  C CG  . LEU A 1 48  ? 5.782   -1.230  0.248   1.00 28.49 ? 99  LEU A CG  1 
ATOM   335  C CD1 . LEU A 1 48  ? 5.837   -0.100  1.252   1.00 29.53 ? 99  LEU A CD1 1 
ATOM   336  C CD2 . LEU A 1 48  ? 6.734   -0.942  -0.907  1.00 25.88 ? 99  LEU A CD2 1 
ATOM   337  N N   . GLN A 1 49  ? 7.093   -5.585  -0.476  1.00 29.29 ? 100 GLN A N   1 
ATOM   338  C CA  . GLN A 1 49  ? 8.000   -6.703  -0.281  1.00 32.77 ? 100 GLN A CA  1 
ATOM   339  C C   . GLN A 1 49  ? 9.377   -6.177  0.093   1.00 34.24 ? 100 GLN A C   1 
ATOM   340  O O   . GLN A 1 49  ? 10.289  -6.955  0.378   1.00 36.02 ? 100 GLN A O   1 
ATOM   341  C CB  . GLN A 1 49  ? 8.082   -7.548  -1.544  1.00 36.14 ? 100 GLN A CB  1 
ATOM   342  C CG  . GLN A 1 49  ? 6.783   -8.252  -1.887  1.00 41.64 ? 100 GLN A CG  1 
ATOM   343  C CD  . GLN A 1 49  ? 6.395   -9.295  -0.855  1.00 44.05 ? 100 GLN A CD  1 
ATOM   344  O OE1 . GLN A 1 49  ? 7.170   -9.600  0.060   1.00 45.10 ? 100 GLN A OE1 1 
ATOM   345  N NE2 . GLN A 1 49  ? 5.192   -9.851  -0.996  1.00 43.15 ? 100 GLN A NE2 1 
ATOM   346  N N   . ASN A 1 50  ? 9.499   -4.846  0.068   1.00 34.65 ? 101 ASN A N   1 
ATOM   347  C CA  . ASN A 1 50  ? 10.701  -4.080  0.432   1.00 34.96 ? 101 ASN A CA  1 
ATOM   348  C C   . ASN A 1 50  ? 10.679  -2.658  -0.152  1.00 35.57 ? 101 ASN A C   1 
ATOM   349  O O   . ASN A 1 50  ? 10.054  -2.397  -1.179  1.00 32.53 ? 101 ASN A O   1 
ATOM   350  C CB  . ASN A 1 50  ? 11.998  -4.804  0.042   1.00 35.98 ? 101 ASN A CB  1 
ATOM   351  C CG  . ASN A 1 50  ? 12.121  -5.029  -1.432  1.00 38.27 ? 101 ASN A CG  1 
ATOM   352  O OD1 . ASN A 1 50  ? 12.466  -4.115  -2.189  1.00 38.49 ? 101 ASN A OD1 1 
ATOM   353  N ND2 . ASN A 1 50  ? 11.847  -6.261  -1.865  1.00 39.45 ? 101 ASN A ND2 1 
ATOM   354  N N   . THR A 1 51  ? 11.353  -1.741  0.540   1.00 36.97 ? 102 THR A N   1 
ATOM   355  C CA  . THR A 1 51  ? 11.416  -0.331  0.170   1.00 36.26 ? 102 THR A CA  1 
ATOM   356  C C   . THR A 1 51  ? 11.661  -0.078  -1.284  1.00 38.43 ? 102 THR A C   1 
ATOM   357  O O   . THR A 1 51  ? 11.272  0.962   -1.798  1.00 39.84 ? 102 THR A O   1 
ATOM   358  C CB  . THR A 1 51  ? 12.535  0.395   0.905   1.00 37.71 ? 102 THR A CB  1 
ATOM   359  O OG1 . THR A 1 51  ? 13.433  -0.570  1.476   1.00 37.34 ? 102 THR A OG1 1 
ATOM   360  C CG2 . THR A 1 51  ? 11.961  1.308   1.983   1.00 35.18 ? 102 THR A CG2 1 
ATOM   361  N N   . ASP A 1 52  ? 12.319  -1.021  -1.946  1.00 39.68 ? 103 ASP A N   1 
ATOM   362  C CA  . ASP A 1 52  ? 12.645  -0.865  -3.356  1.00 40.94 ? 103 ASP A CA  1 
ATOM   363  C C   . ASP A 1 52  ? 11.691  -1.582  -4.293  1.00 40.29 ? 103 ASP A C   1 
ATOM   364  O O   . ASP A 1 52  ? 12.120  -2.230  -5.244  1.00 40.99 ? 103 ASP A O   1 
ATOM   365  C CB  . ASP A 1 52  ? 14.072  -1.356  -3.609  1.00 44.46 ? 103 ASP A CB  1 
ATOM   366  C CG  . ASP A 1 52  ? 15.021  -0.227  -3.961  1.00 48.58 ? 103 ASP A CG  1 
ATOM   367  O OD1 . ASP A 1 52  ? 14.943  0.850   -3.322  1.00 50.50 ? 103 ASP A OD1 1 
ATOM   368  O OD2 . ASP A 1 52  ? 15.847  -0.419  -4.882  1.00 52.74 ? 103 ASP A OD2 1 
ATOM   369  N N   . GLU A 1 53  ? 10.395  -1.461  -4.034  1.00 38.54 ? 104 GLU A N   1 
ATOM   370  C CA  . GLU A 1 53  ? 9.410   -2.115  -4.887  1.00 36.36 ? 104 GLU A CA  1 
ATOM   371  C C   . GLU A 1 53  ? 8.956   -1.191  -6.005  1.00 35.31 ? 104 GLU A C   1 
ATOM   372  O O   . GLU A 1 53  ? 8.491   -1.649  -7.050  1.00 32.60 ? 104 GLU A O   1 
ATOM   373  C CB  . GLU A 1 53  ? 8.200   -2.534  -4.065  1.00 35.13 ? 104 GLU A CB  1 
ATOM   374  C CG  . GLU A 1 53  ? 7.050   -3.053  -4.894  1.00 37.07 ? 104 GLU A CG  1 
ATOM   375  C CD  . GLU A 1 53  ? 6.487   -4.324  -4.324  1.00 38.16 ? 104 GLU A CD  1 
ATOM   376  O OE1 . GLU A 1 53  ? 7.090   -4.846  -3.363  1.00 40.26 ? 104 GLU A OE1 1 
ATOM   377  O OE2 . GLU A 1 53  ? 5.449   -4.805  -4.822  1.00 39.10 ? 104 GLU A OE2 1 
ATOM   378  N N   . LEU A 1 54  ? 9.099   0.111   -5.779  1.00 34.59 ? 105 LEU A N   1 
ATOM   379  C CA  . LEU A 1 54  ? 8.675   1.089   -6.762  1.00 36.55 ? 105 LEU A CA  1 
ATOM   380  C C   . LEU A 1 54  ? 9.815   1.945   -7.322  1.00 37.90 ? 105 LEU A C   1 
ATOM   381  O O   . LEU A 1 54  ? 9.668   3.161   -7.484  1.00 39.54 ? 105 LEU A O   1 
ATOM   382  C CB  . LEU A 1 54  ? 7.570   1.972   -6.158  1.00 36.41 ? 105 LEU A CB  1 
ATOM   383  C CG  . LEU A 1 54  ? 6.388   1.186   -5.563  1.00 32.77 ? 105 LEU A CG  1 
ATOM   384  C CD1 . LEU A 1 54  ? 5.709   1.973   -4.473  1.00 33.76 ? 105 LEU A CD1 1 
ATOM   385  C CD2 . LEU A 1 54  ? 5.403   0.861   -6.649  1.00 32.09 ? 105 LEU A CD2 1 
ATOM   386  N N   . ASP A 1 55  ? 10.933  1.288   -7.646  1.00 40.03 ? 106 ASP A N   1 
ATOM   387  C CA  . ASP A 1 55  ? 12.121  1.943   -8.205  1.00 38.55 ? 106 ASP A CA  1 
ATOM   388  C C   . ASP A 1 55  ? 11.729  3.040   -9.175  1.00 38.31 ? 106 ASP A C   1 
ATOM   389  O O   . ASP A 1 55  ? 12.132  4.190   -9.017  1.00 36.20 ? 106 ASP A O   1 
ATOM   390  C CB  . ASP A 1 55  ? 12.998  0.946   -8.975  1.00 38.64 ? 106 ASP A CB  1 
ATOM   391  C CG  . ASP A 1 55  ? 13.640  -0.090  -8.083  1.00 43.19 ? 106 ASP A CG  1 
ATOM   392  O OD1 . ASP A 1 55  ? 12.891  -0.830  -7.406  1.00 45.40 ? 106 ASP A OD1 1 
ATOM   393  O OD2 . ASP A 1 55  ? 14.893  -0.178  -8.062  1.00 43.97 ? 106 ASP A OD2 1 
ATOM   394  N N   . PHE A 1 56  ? 10.939  2.669   -10.179 1.00 38.54 ? 107 PHE A N   1 
ATOM   395  C CA  . PHE A 1 56  ? 10.536  3.617   -11.190 1.00 40.62 ? 107 PHE A CA  1 
ATOM   396  C C   . PHE A 1 56  ? 9.952   4.892   -10.633 1.00 41.95 ? 107 PHE A C   1 
ATOM   397  O O   . PHE A 1 56  ? 10.505  5.972   -10.858 1.00 43.31 ? 107 PHE A O   1 
ATOM   398  C CB  . PHE A 1 56  ? 9.580   2.973   -12.218 1.00 41.42 ? 107 PHE A CB  1 
ATOM   399  C CG  . PHE A 1 56  ? 8.375   2.307   -11.632 1.00 40.58 ? 107 PHE A CG  1 
ATOM   400  C CD1 . PHE A 1 56  ? 8.435   0.995   -11.194 1.00 41.67 ? 107 PHE A CD1 1 
ATOM   401  C CD2 . PHE A 1 56  ? 7.153   2.980   -11.566 1.00 40.67 ? 107 PHE A CD2 1 
ATOM   402  C CE1 . PHE A 1 56  ? 7.273   0.355   -10.694 1.00 44.25 ? 107 PHE A CE1 1 
ATOM   403  C CE2 . PHE A 1 56  ? 5.991   2.353   -11.072 1.00 37.85 ? 107 PHE A CE2 1 
ATOM   404  C CZ  . PHE A 1 56  ? 6.050   1.042   -10.638 1.00 39.00 ? 107 PHE A CZ  1 
ATOM   405  N N   . MET A 1 57  ? 8.868   4.788   -9.880  1.00 43.57 ? 108 MET A N   1 
ATOM   406  C CA  . MET A 1 57  ? 8.247   5.985   -9.314  1.00 47.90 ? 108 MET A CA  1 
ATOM   407  C C   . MET A 1 57  ? 9.233   6.757   -8.427  1.00 51.21 ? 108 MET A C   1 
ATOM   408  O O   . MET A 1 57  ? 8.880   7.763   -7.794  1.00 53.02 ? 108 MET A O   1 
ATOM   409  C CB  . MET A 1 57  ? 7.019   5.598   -8.494  1.00 46.96 ? 108 MET A CB  1 
ATOM   410  C CG  . MET A 1 57  ? 5.699   5.798   -9.207  1.00 45.32 ? 108 MET A CG  1 
ATOM   411  S SD  . MET A 1 57  ? 4.562   4.489   -8.799  1.00 43.92 ? 108 MET A SD  1 
ATOM   412  C CE  . MET A 1 57  ? 5.130   4.052   -7.162  1.00 45.07 ? 108 MET A CE  1 
ATOM   413  N N   . SER A 1 58  ? 10.463  6.257   -8.387  1.00 51.91 ? 109 SER A N   1 
ATOM   414  C CA  . SER A 1 58  ? 11.550  6.813   -7.608  1.00 52.33 ? 109 SER A CA  1 
ATOM   415  C C   . SER A 1 58  ? 11.415  8.172   -6.940  1.00 52.58 ? 109 SER A C   1 
ATOM   416  O O   . SER A 1 58  ? 11.939  8.353   -5.853  1.00 51.44 ? 109 SER A O   1 
ATOM   417  C CB  . SER A 1 58  ? 12.819  6.834   -8.449  1.00 53.93 ? 109 SER A CB  1 
ATOM   418  O OG  . SER A 1 58  ? 13.918  7.274   -7.665  1.00 57.81 ? 109 SER A OG  1 
ATOM   419  N N   . SER A 1 59  ? 10.735  9.129   -7.559  1.00 53.97 ? 110 SER A N   1 
ATOM   420  C CA  . SER A 1 59  ? 10.670  10.457  -6.954  1.00 57.79 ? 110 SER A CA  1 
ATOM   421  C C   . SER A 1 59  ? 9.373   11.027  -6.388  1.00 60.38 ? 110 SER A C   1 
ATOM   422  O O   . SER A 1 59  ? 9.404   11.725  -5.370  1.00 62.44 ? 110 SER A O   1 
ATOM   423  C CB  . SER A 1 59  ? 11.247  11.478  -7.922  1.00 58.06 ? 110 SER A CB  1 
ATOM   424  O OG  . SER A 1 59  ? 12.089  12.379  -7.234  1.00 61.80 ? 110 SER A OG  1 
ATOM   425  N N   . SER A 1 60  ? 8.248   10.767  -7.043  1.00 61.77 ? 111 SER A N   1 
ATOM   426  C CA  . SER A 1 60  ? 6.958   11.275  -6.587  1.00 62.75 ? 111 SER A CA  1 
ATOM   427  C C   . SER A 1 60  ? 6.905   11.748  -5.126  1.00 63.29 ? 111 SER A C   1 
ATOM   428  O O   . SER A 1 60  ? 6.968   10.944  -4.200  1.00 63.51 ? 111 SER A O   1 
ATOM   429  C CB  . SER A 1 60  ? 5.891   10.210  -6.807  1.00 63.03 ? 111 SER A CB  1 
ATOM   430  O OG  . SER A 1 60  ? 4.792   10.756  -7.508  1.00 65.36 ? 111 SER A OG  1 
ATOM   431  N N   . GLN A 1 61  ? 6.787   13.059  -4.936  1.00 64.15 ? 112 GLN A N   1 
ATOM   432  C CA  . GLN A 1 61  ? 6.706   13.669  -3.605  1.00 64.01 ? 112 GLN A CA  1 
ATOM   433  C C   . GLN A 1 61  ? 5.255   13.640  -3.070  1.00 62.65 ? 112 GLN A C   1 
ATOM   434  O O   . GLN A 1 61  ? 4.781   14.597  -2.436  1.00 62.60 ? 112 GLN A O   1 
ATOM   435  C CB  . GLN A 1 61  ? 7.200   15.121  -3.670  1.00 66.82 ? 112 GLN A CB  1 
ATOM   436  C CG  . GLN A 1 61  ? 8.124   15.558  -2.530  1.00 72.42 ? 112 GLN A CG  1 
ATOM   437  C CD  . GLN A 1 61  ? 7.740   16.921  -1.928  1.00 75.62 ? 112 GLN A CD  1 
ATOM   438  O OE1 . GLN A 1 61  ? 6.929   17.671  -2.488  1.00 75.32 ? 112 GLN A OE1 1 
ATOM   439  N NE2 . GLN A 1 61  ? 8.328   17.236  -0.774  1.00 76.50 ? 112 GLN A NE2 1 
ATOM   440  N N   . GLN A 1 62  ? 4.544   12.550  -3.348  1.00 59.04 ? 113 GLN A N   1 
ATOM   441  C CA  . GLN A 1 62  ? 3.168   12.399  -2.879  1.00 55.35 ? 113 GLN A CA  1 
ATOM   442  C C   . GLN A 1 62  ? 3.024   11.020  -2.236  1.00 52.85 ? 113 GLN A C   1 
ATOM   443  O O   . GLN A 1 62  ? 3.731   10.081  -2.604  1.00 53.86 ? 113 GLN A O   1 
ATOM   444  C CB  . GLN A 1 62  ? 2.186   12.557  -4.046  1.00 55.40 ? 113 GLN A CB  1 
ATOM   445  C CG  . GLN A 1 62  ? 1.975   11.310  -4.897  1.00 55.05 ? 113 GLN A CG  1 
ATOM   446  C CD  . GLN A 1 62  ? 0.797   11.449  -5.863  1.00 57.06 ? 113 GLN A CD  1 
ATOM   447  O OE1 . GLN A 1 62  ? -0.351  11.220  -5.487  1.00 57.74 ? 113 GLN A OE1 1 
ATOM   448  N NE2 . GLN A 1 62  ? 1.081   11.825  -7.113  1.00 56.88 ? 113 GLN A NE2 1 
ATOM   449  N N   . PHE A 1 63  ? 2.128   10.890  -1.265  1.00 48.66 ? 114 PHE A N   1 
ATOM   450  C CA  . PHE A 1 63  ? 1.952   9.600   -0.613  1.00 44.46 ? 114 PHE A CA  1 
ATOM   451  C C   . PHE A 1 63  ? 0.855   8.759   -1.253  1.00 41.47 ? 114 PHE A C   1 
ATOM   452  O O   . PHE A 1 63  ? 0.082   9.241   -2.074  1.00 41.03 ? 114 PHE A O   1 
ATOM   453  C CB  . PHE A 1 63  ? 1.689   9.804   0.877   1.00 45.55 ? 114 PHE A CB  1 
ATOM   454  C CG  . PHE A 1 63  ? 2.937   10.082  1.666   1.00 46.22 ? 114 PHE A CG  1 
ATOM   455  C CD1 . PHE A 1 63  ? 3.441   11.373  1.766   1.00 45.97 ? 114 PHE A CD1 1 
ATOM   456  C CD2 . PHE A 1 63  ? 3.646   9.039   2.257   1.00 48.03 ? 114 PHE A CD2 1 
ATOM   457  C CE1 . PHE A 1 63  ? 4.634   11.627  2.436   1.00 47.00 ? 114 PHE A CE1 1 
ATOM   458  C CE2 . PHE A 1 63  ? 4.845   9.282   2.932   1.00 49.13 ? 114 PHE A CE2 1 
ATOM   459  C CZ  . PHE A 1 63  ? 5.341   10.581  3.019   1.00 48.17 ? 114 PHE A CZ  1 
ATOM   460  N N   . TYR A 1 64  ? 0.798   7.487   -0.892  1.00 38.94 ? 115 TYR A N   1 
ATOM   461  C CA  . TYR A 1 64  ? -0.209  6.600   -1.458  1.00 36.45 ? 115 TYR A CA  1 
ATOM   462  C C   . TYR A 1 64  ? -0.762  5.729   -0.350  1.00 34.98 ? 115 TYR A C   1 
ATOM   463  O O   . TYR A 1 64  ? -0.148  5.589   0.696   1.00 35.24 ? 115 TYR A O   1 
ATOM   464  C CB  . TYR A 1 64  ? 0.406   5.701   -2.534  1.00 35.96 ? 115 TYR A CB  1 
ATOM   465  C CG  . TYR A 1 64  ? 0.806   6.395   -3.817  1.00 32.80 ? 115 TYR A CG  1 
ATOM   466  C CD1 . TYR A 1 64  ? 2.019   7.080   -3.915  1.00 33.27 ? 115 TYR A CD1 1 
ATOM   467  C CD2 . TYR A 1 64  ? -0.012  6.340   -4.941  1.00 32.81 ? 115 TYR A CD2 1 
ATOM   468  C CE1 . TYR A 1 64  ? 2.402   7.687   -5.100  1.00 31.80 ? 115 TYR A CE1 1 
ATOM   469  C CE2 . TYR A 1 64  ? 0.360   6.941   -6.129  1.00 31.64 ? 115 TYR A CE2 1 
ATOM   470  C CZ  . TYR A 1 64  ? 1.566   7.612   -6.200  1.00 33.49 ? 115 TYR A CZ  1 
ATOM   471  O OH  . TYR A 1 64  ? 1.938   8.200   -7.381  1.00 38.34 ? 115 TYR A OH  1 
ATOM   472  N N   . TRP A 1 65  ? -1.921  5.135   -0.587  1.00 34.54 ? 116 TRP A N   1 
ATOM   473  C CA  . TRP A 1 65  ? -2.549  4.270   0.399   1.00 33.32 ? 116 TRP A CA  1 
ATOM   474  C C   . TRP A 1 65  ? -1.890  2.919   0.207   1.00 30.99 ? 116 TRP A C   1 
ATOM   475  O O   . TRP A 1 65  ? -1.520  2.584   -0.912  1.00 30.65 ? 116 TRP A O   1 
ATOM   476  C CB  . TRP A 1 65  ? -4.051  4.124   0.102   1.00 35.43 ? 116 TRP A CB  1 
ATOM   477  C CG  . TRP A 1 65  ? -4.987  5.109   0.798   1.00 38.63 ? 116 TRP A CG  1 
ATOM   478  C CD1 . TRP A 1 65  ? -6.164  5.609   0.301   1.00 38.99 ? 116 TRP A CD1 1 
ATOM   479  C CD2 . TRP A 1 65  ? -4.819  5.707   2.090   1.00 40.39 ? 116 TRP A CD2 1 
ATOM   480  N NE1 . TRP A 1 65  ? -6.730  6.477   1.199   1.00 39.08 ? 116 TRP A NE1 1 
ATOM   481  C CE2 . TRP A 1 65  ? -5.927  6.559   2.306   1.00 40.91 ? 116 TRP A CE2 1 
ATOM   482  C CE3 . TRP A 1 65  ? -3.839  5.608   3.088   1.00 42.77 ? 116 TRP A CE3 1 
ATOM   483  C CZ2 . TRP A 1 65  ? -6.081  7.310   3.479   1.00 42.33 ? 116 TRP A CZ2 1 
ATOM   484  C CZ3 . TRP A 1 65  ? -3.992  6.356   4.256   1.00 43.10 ? 116 TRP A CZ3 1 
ATOM   485  C CH2 . TRP A 1 65  ? -5.108  7.197   4.439   1.00 42.45 ? 116 TRP A CH2 1 
ATOM   486  N N   . ILE A 1 66  ? -1.706  2.157   1.278   1.00 27.95 ? 117 ILE A N   1 
ATOM   487  C CA  . ILE A 1 66  ? -1.154  0.822   1.125   1.00 27.93 ? 117 ILE A CA  1 
ATOM   488  C C   . ILE A 1 66  ? -1.872  -0.129  2.089   1.00 28.97 ? 117 ILE A C   1 
ATOM   489  O O   . ILE A 1 66  ? -2.477  0.312   3.068   1.00 27.96 ? 117 ILE A O   1 
ATOM   490  C CB  . ILE A 1 66  ? 0.396   0.808   1.293   1.00 28.09 ? 117 ILE A CB  1 
ATOM   491  C CG1 . ILE A 1 66  ? 0.805   0.499   2.736   1.00 30.47 ? 117 ILE A CG1 1 
ATOM   492  C CG2 . ILE A 1 66  ? 0.962   2.140   0.841   1.00 29.22 ? 117 ILE A CG2 1 
ATOM   493  C CD1 . ILE A 1 66  ? 2.283   0.777   3.048   1.00 23.36 ? 117 ILE A CD1 1 
ATOM   494  N N   . GLY A 1 67  ? -1.811  -1.428  1.801   1.00 28.48 ? 118 GLY A N   1 
ATOM   495  C CA  . GLY A 1 67  ? -2.509  -2.425  2.598   1.00 28.30 ? 118 GLY A CA  1 
ATOM   496  C C   . GLY A 1 67  ? -2.139  -2.721  4.032   1.00 29.33 ? 118 GLY A C   1 
ATOM   497  O O   . GLY A 1 67  ? -2.525  -3.758  4.572   1.00 30.45 ? 118 GLY A O   1 
ATOM   498  N N   . LEU A 1 68  ? -1.425  -1.811  4.672   1.00 29.75 ? 119 LEU A N   1 
ATOM   499  C CA  . LEU A 1 68  ? -1.017  -2.013  6.055   1.00 27.65 ? 119 LEU A CA  1 
ATOM   500  C C   . LEU A 1 68  ? -1.981  -1.274  6.988   1.00 29.01 ? 119 LEU A C   1 
ATOM   501  O O   . LEU A 1 68  ? -2.297  -0.098  6.775   1.00 30.98 ? 119 LEU A O   1 
ATOM   502  C CB  . LEU A 1 68  ? 0.416   -1.510  6.240   1.00 22.18 ? 119 LEU A CB  1 
ATOM   503  C CG  . LEU A 1 68  ? 1.082   -1.772  7.579   1.00 20.22 ? 119 LEU A CG  1 
ATOM   504  C CD1 . LEU A 1 68  ? 1.613   -3.177  7.602   1.00 17.53 ? 119 LEU A CD1 1 
ATOM   505  C CD2 . LEU A 1 68  ? 2.194   -0.757  7.803   1.00 17.38 ? 119 LEU A CD2 1 
ATOM   506  N N   . SER A 1 69  ? -2.438  -1.977  8.021   1.00 28.44 ? 120 SER A N   1 
ATOM   507  C CA  . SER A 1 69  ? -3.370  -1.429  8.994   1.00 28.54 ? 120 SER A CA  1 
ATOM   508  C C   . SER A 1 69  ? -3.179  -2.155  10.326  1.00 28.33 ? 120 SER A C   1 
ATOM   509  O O   . SER A 1 69  ? -2.799  -3.320  10.344  1.00 24.67 ? 120 SER A O   1 
ATOM   510  C CB  . SER A 1 69  ? -4.792  -1.642  8.484   1.00 32.01 ? 120 SER A CB  1 
ATOM   511  O OG  . SER A 1 69  ? -4.811  -2.700  7.533   1.00 33.13 ? 120 SER A OG  1 
ATOM   512  N N   . TYR A 1 70  ? -3.446  -1.484  11.442  1.00 29.37 ? 121 TYR A N   1 
ATOM   513  C CA  . TYR A 1 70  ? -3.259  -2.144  12.731  1.00 30.39 ? 121 TYR A CA  1 
ATOM   514  C C   . TYR A 1 70  ? -4.297  -3.225  12.964  1.00 30.83 ? 121 TYR A C   1 
ATOM   515  O O   . TYR A 1 70  ? -5.291  -3.288  12.251  1.00 32.26 ? 121 TYR A O   1 
ATOM   516  C CB  . TYR A 1 70  ? -3.332  -1.146  13.876  1.00 30.49 ? 121 TYR A CB  1 
ATOM   517  C CG  . TYR A 1 70  ? -2.801  -1.731  15.159  1.00 30.16 ? 121 TYR A CG  1 
ATOM   518  C CD1 . TYR A 1 70  ? -1.440  -1.802  15.399  1.00 28.04 ? 121 TYR A CD1 1 
ATOM   519  C CD2 . TYR A 1 70  ? -3.662  -2.237  16.118  1.00 32.22 ? 121 TYR A CD2 1 
ATOM   520  C CE1 . TYR A 1 70  ? -0.949  -2.363  16.560  1.00 30.69 ? 121 TYR A CE1 1 
ATOM   521  C CE2 . TYR A 1 70  ? -3.175  -2.803  17.297  1.00 32.02 ? 121 TYR A CE2 1 
ATOM   522  C CZ  . TYR A 1 70  ? -1.822  -2.862  17.507  1.00 29.41 ? 121 TYR A CZ  1 
ATOM   523  O OH  . TYR A 1 70  ? -1.342  -3.439  18.656  1.00 29.51 ? 121 TYR A OH  1 
ATOM   524  N N   . SER A 1 71  ? -4.065  -4.081  13.955  1.00 29.31 ? 122 SER A N   1 
ATOM   525  C CA  . SER A 1 71  ? -5.007  -5.151  14.258  1.00 29.97 ? 122 SER A CA  1 
ATOM   526  C C   . SER A 1 71  ? -4.880  -5.605  15.699  1.00 30.95 ? 122 SER A C   1 
ATOM   527  O O   . SER A 1 71  ? -4.060  -6.464  16.035  1.00 29.55 ? 122 SER A O   1 
ATOM   528  C CB  . SER A 1 71  ? -4.783  -6.351  13.352  1.00 28.63 ? 122 SER A CB  1 
ATOM   529  O OG  . SER A 1 71  ? -5.217  -7.523  14.014  1.00 31.44 ? 122 SER A OG  1 
ATOM   530  N N   . GLU A 1 72  ? -5.711  -5.012  16.542  1.00 31.58 ? 123 GLU A N   1 
ATOM   531  C CA  . GLU A 1 72  ? -5.730  -5.294  17.958  1.00 30.18 ? 123 GLU A CA  1 
ATOM   532  C C   . GLU A 1 72  ? -5.856  -6.761  18.268  1.00 28.70 ? 123 GLU A C   1 
ATOM   533  O O   . GLU A 1 72  ? -5.411  -7.209  19.320  1.00 27.69 ? 123 GLU A O   1 
ATOM   534  C CB  . GLU A 1 72  ? -6.885  -4.539  18.613  1.00 35.44 ? 123 GLU A CB  1 
ATOM   535  C CG  . GLU A 1 72  ? -6.456  -3.315  19.399  1.00 41.54 ? 123 GLU A CG  1 
ATOM   536  C CD  . GLU A 1 72  ? -5.389  -3.655  20.424  1.00 47.49 ? 123 GLU A CD  1 
ATOM   537  O OE1 . GLU A 1 72  ? -5.482  -4.751  21.041  1.00 47.71 ? 123 GLU A OE1 1 
ATOM   538  O OE2 . GLU A 1 72  ? -4.458  -2.830  20.604  1.00 50.23 ? 123 GLU A OE2 1 
ATOM   539  N N   . GLU A 1 73  ? -6.455  -7.533  17.373  1.00 29.17 ? 124 GLU A N   1 
ATOM   540  C CA  . GLU A 1 73  ? -6.597  -8.938  17.689  1.00 29.63 ? 124 GLU A CA  1 
ATOM   541  C C   . GLU A 1 73  ? -5.288  -9.675  17.793  1.00 30.29 ? 124 GLU A C   1 
ATOM   542  O O   . GLU A 1 73  ? -5.200  -10.654 18.524  1.00 31.72 ? 124 GLU A O   1 
ATOM   543  C CB  . GLU A 1 73  ? -7.463  -9.671  16.693  1.00 31.43 ? 124 GLU A CB  1 
ATOM   544  C CG  . GLU A 1 73  ? -7.638  -11.111 17.152  1.00 33.65 ? 124 GLU A CG  1 
ATOM   545  C CD  . GLU A 1 73  ? -8.415  -11.953 16.194  1.00 34.97 ? 124 GLU A CD  1 
ATOM   546  O OE1 . GLU A 1 73  ? -9.080  -11.378 15.303  1.00 38.54 ? 124 GLU A OE1 1 
ATOM   547  O OE2 . GLU A 1 73  ? -8.352  -13.190 16.333  1.00 37.20 ? 124 GLU A OE2 1 
ATOM   548  N N   . HIS A 1 74  ? -4.291  -9.227  17.035  1.00 30.21 ? 125 HIS A N   1 
ATOM   549  C CA  . HIS A 1 74  ? -2.956  -9.820  17.064  1.00 26.94 ? 125 HIS A CA  1 
ATOM   550  C C   . HIS A 1 74  ? -1.946  -8.755  17.518  1.00 24.12 ? 125 HIS A C   1 
ATOM   551  O O   . HIS A 1 74  ? -0.753  -8.914  17.296  1.00 21.62 ? 125 HIS A O   1 
ATOM   552  C CB  . HIS A 1 74  ? -2.546  -10.303 15.670  1.00 30.33 ? 125 HIS A CB  1 
ATOM   553  C CG  . HIS A 1 74  ? -3.658  -10.920 14.866  1.00 33.47 ? 125 HIS A CG  1 
ATOM   554  N ND1 . HIS A 1 74  ? -4.570  -10.173 14.156  1.00 34.29 ? 125 HIS A ND1 1 
ATOM   555  C CD2 . HIS A 1 74  ? -3.952  -12.220 14.603  1.00 33.45 ? 125 HIS A CD2 1 
ATOM   556  C CE1 . HIS A 1 74  ? -5.381  -10.981 13.487  1.00 32.07 ? 125 HIS A CE1 1 
ATOM   557  N NE2 . HIS A 1 74  ? -5.025  -12.228 13.743  1.00 31.83 ? 125 HIS A NE2 1 
ATOM   558  N N   . THR A 1 75  ? -2.437  -7.692  18.163  1.00 24.22 ? 126 THR A N   1 
ATOM   559  C CA  . THR A 1 75  ? -1.615  -6.549  18.603  1.00 24.02 ? 126 THR A CA  1 
ATOM   560  C C   . THR A 1 75  ? -0.442  -6.441  17.670  1.00 25.36 ? 126 THR A C   1 
ATOM   561  O O   . THR A 1 75  ? 0.676   -6.775  18.044  1.00 28.93 ? 126 THR A O   1 
ATOM   562  C CB  . THR A 1 75  ? -1.036  -6.676  20.039  1.00 20.29 ? 126 THR A CB  1 
ATOM   563  O OG1 . THR A 1 75  ? -0.807  -8.047  20.356  1.00 22.71 ? 126 THR A OG1 1 
ATOM   564  C CG2 . THR A 1 75  ? -1.978  -6.089  21.035  1.00 13.59 ? 126 THR A CG2 1 
ATOM   565  N N   . ALA A 1 76  ? -0.705  -5.984  16.453  1.00 24.26 ? 127 ALA A N   1 
ATOM   566  C CA  . ALA A 1 76  ? 0.326   -5.858  15.453  1.00 23.22 ? 127 ALA A CA  1 
ATOM   567  C C   . ALA A 1 76  ? -0.226  -5.195  14.203  1.00 25.55 ? 127 ALA A C   1 
ATOM   568  O O   . ALA A 1 76  ? -1.435  -5.166  13.976  1.00 27.17 ? 127 ALA A O   1 
ATOM   569  C CB  . ALA A 1 76  ? 0.862   -7.237  15.103  1.00 22.97 ? 127 ALA A CB  1 
ATOM   570  N N   . TRP A 1 77  ? 0.670   -4.643  13.397  1.00 26.54 ? 128 TRP A N   1 
ATOM   571  C CA  . TRP A 1 77  ? 0.278   -4.017  12.148  1.00 26.34 ? 128 TRP A CA  1 
ATOM   572  C C   . TRP A 1 77  ? 0.304   -5.177  11.158  1.00 24.54 ? 128 TRP A C   1 
ATOM   573  O O   . TRP A 1 77  ? 1.232   -5.986  11.188  1.00 23.75 ? 128 TRP A O   1 
ATOM   574  C CB  . TRP A 1 77  ? 1.305   -2.971  11.726  1.00 26.45 ? 128 TRP A CB  1 
ATOM   575  C CG  . TRP A 1 77  ? 1.227   -1.702  12.457  1.00 26.33 ? 128 TRP A CG  1 
ATOM   576  C CD1 . TRP A 1 77  ? 1.961   -1.341  13.538  1.00 27.63 ? 128 TRP A CD1 1 
ATOM   577  C CD2 . TRP A 1 77  ? 0.389   -0.589  12.145  1.00 27.78 ? 128 TRP A CD2 1 
ATOM   578  N NE1 . TRP A 1 77  ? 1.637   -0.066  13.923  1.00 29.30 ? 128 TRP A NE1 1 
ATOM   579  C CE2 . TRP A 1 77  ? 0.670   0.419   13.081  1.00 29.63 ? 128 TRP A CE2 1 
ATOM   580  C CE3 . TRP A 1 77  ? -0.574  -0.345  11.162  1.00 29.55 ? 128 TRP A CE3 1 
ATOM   581  C CZ2 . TRP A 1 77  ? 0.020   1.654   13.066  1.00 31.41 ? 128 TRP A CZ2 1 
ATOM   582  C CZ3 . TRP A 1 77  ? -1.218  0.880   11.146  1.00 28.11 ? 128 TRP A CZ3 1 
ATOM   583  C CH2 . TRP A 1 77  ? -0.918  1.864   12.091  1.00 29.86 ? 128 TRP A CH2 1 
ATOM   584  N N   . LEU A 1 78  ? -0.695  -5.259  10.288  1.00 22.33 ? 129 LEU A N   1 
ATOM   585  C CA  . LEU A 1 78  ? -0.753  -6.340  9.320   1.00 22.40 ? 129 LEU A CA  1 
ATOM   586  C C   . LEU A 1 78  ? -0.969  -5.896  7.874   1.00 23.44 ? 129 LEU A C   1 
ATOM   587  O O   . LEU A 1 78  ? -1.513  -4.816  7.601   1.00 22.88 ? 129 LEU A O   1 
ATOM   588  C CB  . LEU A 1 78  ? -1.867  -7.307  9.709   1.00 20.58 ? 129 LEU A CB  1 
ATOM   589  C CG  . LEU A 1 78  ? -1.760  -7.954  11.078  1.00 19.63 ? 129 LEU A CG  1 
ATOM   590  C CD1 . LEU A 1 78  ? -2.739  -9.103  11.193  1.00 20.61 ? 129 LEU A CD1 1 
ATOM   591  C CD2 . LEU A 1 78  ? -0.379  -8.473  11.260  1.00 22.44 ? 129 LEU A CD2 1 
ATOM   592  N N   . TRP A 1 79  ? -0.544  -6.736  6.938   1.00 23.52 ? 130 TRP A N   1 
ATOM   593  C CA  . TRP A 1 79  ? -0.748  -6.424  5.532   1.00 23.03 ? 130 TRP A CA  1 
ATOM   594  C C   . TRP A 1 79  ? -2.131  -6.962  5.229   1.00 21.66 ? 130 TRP A C   1 
ATOM   595  O O   . TRP A 1 79  ? -2.807  -7.446  6.128   1.00 22.76 ? 130 TRP A O   1 
ATOM   596  C CB  . TRP A 1 79  ? 0.320   -7.100  4.666   1.00 23.60 ? 130 TRP A CB  1 
ATOM   597  C CG  . TRP A 1 79  ? 1.691   -6.519  4.881   1.00 22.16 ? 130 TRP A CG  1 
ATOM   598  C CD1 . TRP A 1 79  ? 2.719   -7.090  5.558   1.00 25.54 ? 130 TRP A CD1 1 
ATOM   599  C CD2 . TRP A 1 79  ? 2.171   -5.244  4.425   1.00 23.38 ? 130 TRP A CD2 1 
ATOM   600  N NE1 . TRP A 1 79  ? 3.813   -6.257  5.556   1.00 26.78 ? 130 TRP A NE1 1 
ATOM   601  C CE2 . TRP A 1 79  ? 3.500   -5.117  4.865   1.00 24.85 ? 130 TRP A CE2 1 
ATOM   602  C CE3 . TRP A 1 79  ? 1.605   -4.198  3.687   1.00 21.42 ? 130 TRP A CE3 1 
ATOM   603  C CZ2 . TRP A 1 79  ? 4.272   -3.990  4.592   1.00 23.54 ? 130 TRP A CZ2 1 
ATOM   604  C CZ3 . TRP A 1 79  ? 2.364   -3.083  3.417   1.00 21.09 ? 130 TRP A CZ3 1 
ATOM   605  C CH2 . TRP A 1 79  ? 3.687   -2.984  3.869   1.00 23.30 ? 130 TRP A CH2 1 
ATOM   606  N N   . GLU A 1 80  ? -2.576  -6.891  3.988   1.00 23.06 ? 131 GLU A N   1 
ATOM   607  C CA  . GLU A 1 80  ? -3.913  -7.393  3.706   1.00 24.60 ? 131 GLU A CA  1 
ATOM   608  C C   . GLU A 1 80  ? -4.042  -8.892  3.909   1.00 23.59 ? 131 GLU A C   1 
ATOM   609  O O   . GLU A 1 80  ? -5.095  -9.345  4.340   1.00 26.97 ? 131 GLU A O   1 
ATOM   610  C CB  . GLU A 1 80  ? -4.366  -7.044  2.284   1.00 26.22 ? 131 GLU A CB  1 
ATOM   611  C CG  . GLU A 1 80  ? -4.828  -5.611  2.127   1.00 27.11 ? 131 GLU A CG  1 
ATOM   612  C CD  . GLU A 1 80  ? -6.139  -5.343  2.824   1.00 29.74 ? 131 GLU A CD  1 
ATOM   613  O OE1 . GLU A 1 80  ? -6.110  -5.019  4.033   1.00 28.32 ? 131 GLU A OE1 1 
ATOM   614  O OE2 . GLU A 1 80  ? -7.200  -5.454  2.162   1.00 31.53 ? 131 GLU A OE2 1 
ATOM   615  N N   . ASN A 1 81  ? -2.995  -9.671  3.636   1.00 21.39 ? 132 ASN A N   1 
ATOM   616  C CA  . ASN A 1 81  ? -3.128  -11.116 3.803   1.00 19.53 ? 132 ASN A CA  1 
ATOM   617  C C   . ASN A 1 81  ? -2.785  -11.615 5.194   1.00 19.08 ? 132 ASN A C   1 
ATOM   618  O O   . ASN A 1 81  ? -2.629  -12.812 5.419   1.00 19.78 ? 132 ASN A O   1 
ATOM   619  C CB  . ASN A 1 81  ? -2.310  -11.863 2.764   1.00 16.18 ? 132 ASN A CB  1 
ATOM   620  C CG  . ASN A 1 81  ? -0.877  -11.450 2.763   1.00 19.21 ? 132 ASN A CG  1 
ATOM   621  O OD1 . ASN A 1 81  ? -0.151  -11.740 1.820   1.00 22.71 ? 132 ASN A OD1 1 
ATOM   622  N ND2 . ASN A 1 81  ? -0.446  -10.772 3.822   1.00 16.23 ? 132 ASN A ND2 1 
ATOM   623  N N   . GLY A 1 82  ? -2.675  -10.690 6.134   1.00 18.29 ? 133 GLY A N   1 
ATOM   624  C CA  . GLY A 1 82  ? -2.401  -11.093 7.495   1.00 20.24 ? 133 GLY A CA  1 
ATOM   625  C C   . GLY A 1 82  ? -0.970  -11.333 7.920   1.00 18.73 ? 133 GLY A C   1 
ATOM   626  O O   . GLY A 1 82  ? -0.758  -11.914 8.983   1.00 18.54 ? 133 GLY A O   1 
ATOM   627  N N   . SER A 1 83  ? 0.004   -10.915 7.116   1.00 18.38 ? 134 SER A N   1 
ATOM   628  C CA  . SER A 1 83  ? 1.397   -11.088 7.500   1.00 20.46 ? 134 SER A CA  1 
ATOM   629  C C   . SER A 1 83  ? 1.736   -9.863  8.310   1.00 22.34 ? 134 SER A C   1 
ATOM   630  O O   . SER A 1 83  ? 1.295   -8.766  7.973   1.00 21.02 ? 134 SER A O   1 
ATOM   631  C CB  . SER A 1 83  ? 2.325   -11.170 6.283   1.00 20.71 ? 134 SER A CB  1 
ATOM   632  O OG  . SER A 1 83  ? 1.827   -10.468 5.162   1.00 25.04 ? 134 SER A OG  1 
ATOM   633  N N   . ALA A 1 84  ? 2.500   -10.044 9.383   1.00 24.26 ? 135 ALA A N   1 
ATOM   634  C CA  . ALA A 1 84  ? 2.861   -8.915  10.236  1.00 27.52 ? 135 ALA A CA  1 
ATOM   635  C C   . ALA A 1 84  ? 3.822   -7.981  9.492   1.00 29.91 ? 135 ALA A C   1 
ATOM   636  O O   . ALA A 1 84  ? 4.462   -8.380  8.515   1.00 32.23 ? 135 ALA A O   1 
ATOM   637  C CB  . ALA A 1 84  ? 3.482   -9.426  11.536  1.00 25.97 ? 135 ALA A CB  1 
ATOM   638  N N   . LEU A 1 85  ? 3.906   -6.736  9.940   1.00 29.42 ? 136 LEU A N   1 
ATOM   639  C CA  . LEU A 1 85  ? 4.778   -5.751  9.301   1.00 29.52 ? 136 LEU A CA  1 
ATOM   640  C C   . LEU A 1 85  ? 6.203   -5.951  9.810   1.00 30.65 ? 136 LEU A C   1 
ATOM   641  O O   . LEU A 1 85  ? 6.396   -6.043  11.014  1.00 34.41 ? 136 LEU A O   1 
ATOM   642  C CB  . LEU A 1 85  ? 4.258   -4.353  9.661   1.00 26.50 ? 136 LEU A CB  1 
ATOM   643  C CG  . LEU A 1 85  ? 5.122   -3.098  9.617   1.00 24.43 ? 136 LEU A CG  1 
ATOM   644  C CD1 . LEU A 1 85  ? 5.518   -2.815  8.197   1.00 24.05 ? 136 LEU A CD1 1 
ATOM   645  C CD2 . LEU A 1 85  ? 4.333   -1.921  10.175  1.00 23.00 ? 136 LEU A CD2 1 
ATOM   646  N N   . SER A 1 86  ? 7.199   -6.043  8.932   1.00 32.02 ? 137 SER A N   1 
ATOM   647  C CA  . SER A 1 86  ? 8.567   -6.220  9.441   1.00 35.20 ? 137 SER A CA  1 
ATOM   648  C C   . SER A 1 86  ? 8.989   -4.974  10.211  1.00 36.62 ? 137 SER A C   1 
ATOM   649  O O   . SER A 1 86  ? 8.837   -3.853  9.713   1.00 38.55 ? 137 SER A O   1 
ATOM   650  C CB  . SER A 1 86  ? 9.575   -6.435  8.330   1.00 33.22 ? 137 SER A CB  1 
ATOM   651  O OG  . SER A 1 86  ? 10.834  -5.978  8.797   1.00 31.96 ? 137 SER A OG  1 
ATOM   652  N N   . GLN A 1 87  ? 9.547   -5.153  11.403  1.00 36.73 ? 138 GLN A N   1 
ATOM   653  C CA  . GLN A 1 87  ? 9.931   -3.995  12.215  1.00 39.03 ? 138 GLN A CA  1 
ATOM   654  C C   . GLN A 1 87  ? 11.009  -3.087  11.648  1.00 39.95 ? 138 GLN A C   1 
ATOM   655  O O   . GLN A 1 87  ? 11.080  -1.925  12.018  1.00 41.63 ? 138 GLN A O   1 
ATOM   656  C CB  . GLN A 1 87  ? 10.308  -4.427  13.635  1.00 37.23 ? 138 GLN A CB  1 
ATOM   657  C CG  . GLN A 1 87  ? 11.783  -4.559  13.933  1.00 34.59 ? 138 GLN A CG  1 
ATOM   658  C CD  . GLN A 1 87  ? 12.042  -4.564  15.423  1.00 34.43 ? 138 GLN A CD  1 
ATOM   659  O OE1 . GLN A 1 87  ? 12.103  -3.508  16.039  1.00 38.15 ? 138 GLN A OE1 1 
ATOM   660  N NE2 . GLN A 1 87  ? 12.181  -5.753  16.015  1.00 31.33 ? 138 GLN A NE2 1 
ATOM   661  N N   . TYR A 1 88  ? 11.843  -3.604  10.753  1.00 42.00 ? 139 TYR A N   1 
ATOM   662  C CA  . TYR A 1 88  ? 12.894  -2.788  10.157  1.00 41.14 ? 139 TYR A CA  1 
ATOM   663  C C   . TYR A 1 88  ? 12.492  -2.273  8.774   1.00 42.18 ? 139 TYR A C   1 
ATOM   664  O O   . TYR A 1 88  ? 13.261  -1.570  8.125   1.00 44.18 ? 139 TYR A O   1 
ATOM   665  C CB  . TYR A 1 88  ? 14.207  -3.574  10.040  1.00 37.67 ? 139 TYR A CB  1 
ATOM   666  C CG  . TYR A 1 88  ? 14.505  -4.543  11.170  1.00 34.11 ? 139 TYR A CG  1 
ATOM   667  C CD1 . TYR A 1 88  ? 15.094  -4.113  12.363  1.00 34.81 ? 139 TYR A CD1 1 
ATOM   668  C CD2 . TYR A 1 88  ? 14.236  -5.890  11.025  1.00 32.35 ? 139 TYR A CD2 1 
ATOM   669  C CE1 . TYR A 1 88  ? 15.401  -5.015  13.383  1.00 33.51 ? 139 TYR A CE1 1 
ATOM   670  C CE2 . TYR A 1 88  ? 14.538  -6.797  12.029  1.00 32.90 ? 139 TYR A CE2 1 
ATOM   671  C CZ  . TYR A 1 88  ? 15.114  -6.368  13.208  1.00 34.04 ? 139 TYR A CZ  1 
ATOM   672  O OH  . TYR A 1 88  ? 15.358  -7.307  14.206  1.00 29.90 ? 139 TYR A OH  1 
ATOM   673  N N   . LEU A 1 89  ? 11.309  -2.643  8.301   1.00 42.74 ? 140 LEU A N   1 
ATOM   674  C CA  . LEU A 1 89  ? 10.876  -2.158  7.001   1.00 42.73 ? 140 LEU A CA  1 
ATOM   675  C C   . LEU A 1 89  ? 10.777  -0.665  7.261   1.00 44.66 ? 140 LEU A C   1 
ATOM   676  O O   . LEU A 1 89  ? 11.748  0.065   7.090   1.00 45.34 ? 140 LEU A O   1 
ATOM   677  C CB  . LEU A 1 89  ? 9.512   -2.770  6.622   1.00 39.35 ? 140 LEU A CB  1 
ATOM   678  C CG  . LEU A 1 89  ? 8.628   -2.370  5.416   1.00 34.40 ? 140 LEU A CG  1 
ATOM   679  C CD1 . LEU A 1 89  ? 8.979   -1.009  4.885   1.00 34.15 ? 140 LEU A CD1 1 
ATOM   680  C CD2 . LEU A 1 89  ? 8.761   -3.402  4.328   1.00 32.19 ? 140 LEU A CD2 1 
ATOM   681  N N   . PHE A 1 90  ? 9.616   -0.216  7.713   1.00 47.91 ? 141 PHE A N   1 
ATOM   682  C CA  . PHE A 1 90  ? 9.437   1.194   8.005   1.00 51.41 ? 141 PHE A CA  1 
ATOM   683  C C   . PHE A 1 90  ? 10.154  1.514   9.330   1.00 53.79 ? 141 PHE A C   1 
ATOM   684  O O   . PHE A 1 90  ? 10.082  0.734   10.289  1.00 54.99 ? 141 PHE A O   1 
ATOM   685  C CB  . PHE A 1 90  ? 7.937   1.519   8.081   1.00 48.73 ? 141 PHE A CB  1 
ATOM   686  C CG  . PHE A 1 90  ? 7.218   1.346   6.769   1.00 45.10 ? 141 PHE A CG  1 
ATOM   687  C CD1 . PHE A 1 90  ? 7.540   2.140   5.674   1.00 43.61 ? 141 PHE A CD1 1 
ATOM   688  C CD2 . PHE A 1 90  ? 6.249   0.367   6.615   1.00 44.08 ? 141 PHE A CD2 1 
ATOM   689  C CE1 . PHE A 1 90  ? 6.910   1.957   4.449   1.00 41.52 ? 141 PHE A CE1 1 
ATOM   690  C CE2 . PHE A 1 90  ? 5.613   0.176   5.387   1.00 42.88 ? 141 PHE A CE2 1 
ATOM   691  C CZ  . PHE A 1 90  ? 5.948   0.974   4.307   1.00 41.51 ? 141 PHE A CZ  1 
ATOM   692  N N   . PRO A 1 91  ? 10.866  2.657   9.390   1.00 54.85 ? 142 PRO A N   1 
ATOM   693  C CA  . PRO A 1 91  ? 11.581  3.031   10.616  1.00 55.05 ? 142 PRO A CA  1 
ATOM   694  C C   . PRO A 1 91  ? 10.637  3.697   11.608  1.00 54.67 ? 142 PRO A C   1 
ATOM   695  O O   . PRO A 1 91  ? 10.460  3.217   12.732  1.00 53.15 ? 142 PRO A O   1 
ATOM   696  C CB  . PRO A 1 91  ? 12.681  3.972   10.125  1.00 54.16 ? 142 PRO A CB  1 
ATOM   697  C CG  . PRO A 1 91  ? 12.183  4.505   8.795   1.00 54.89 ? 142 PRO A CG  1 
ATOM   698  C CD  . PRO A 1 91  ? 11.014  3.674   8.332   1.00 55.24 ? 142 PRO A CD  1 
ATOM   699  N N   . SER A 1 92  ? 10.027  4.797   11.170  1.00 54.81 ? 143 SER A N   1 
ATOM   700  C CA  . SER A 1 92  ? 9.071   5.538   11.986  1.00 55.38 ? 143 SER A CA  1 
ATOM   701  C C   . SER A 1 92  ? 8.250   4.564   12.848  1.00 55.40 ? 143 SER A C   1 
ATOM   702  O O   . SER A 1 92  ? 7.882   4.871   13.980  1.00 54.87 ? 143 SER A O   1 
ATOM   703  C CB  . SER A 1 92  ? 8.139   6.357   11.075  1.00 54.78 ? 143 SER A CB  1 
ATOM   704  O OG  . SER A 1 92  ? 8.438   6.171   9.694   1.00 54.13 ? 143 SER A OG  1 
ATOM   705  N N   . PHE A 1 93  ? 7.989   3.383   12.294  1.00 56.43 ? 144 PHE A N   1 
ATOM   706  C CA  . PHE A 1 93  ? 7.234   2.334   12.967  1.00 57.27 ? 144 PHE A CA  1 
ATOM   707  C C   . PHE A 1 93  ? 6.508   2.820   14.222  1.00 58.72 ? 144 PHE A C   1 
ATOM   708  O O   . PHE A 1 93  ? 5.404   3.374   14.146  1.00 57.33 ? 144 PHE A O   1 
ATOM   709  C CB  . PHE A 1 93  ? 8.183   1.180   13.323  1.00 56.15 ? 144 PHE A CB  1 
ATOM   710  C CG  . PHE A 1 93  ? 7.508   0.007   13.988  1.00 58.36 ? 144 PHE A CG  1 
ATOM   711  C CD1 . PHE A 1 93  ? 6.111   -0.109  14.008  1.00 59.70 ? 144 PHE A CD1 1 
ATOM   712  C CD2 . PHE A 1 93  ? 8.270   -0.995  14.585  1.00 58.98 ? 144 PHE A CD2 1 
ATOM   713  C CE1 . PHE A 1 93  ? 5.483   -1.206  14.612  1.00 58.58 ? 144 PHE A CE1 1 
ATOM   714  C CE2 . PHE A 1 93  ? 7.655   -2.099  15.191  1.00 59.49 ? 144 PHE A CE2 1 
ATOM   715  C CZ  . PHE A 1 93  ? 6.256   -2.203  15.203  1.00 59.89 ? 144 PHE A CZ  1 
ATOM   716  N N   . GLU A 1 94  ? 7.166   2.609   15.362  1.00 60.50 ? 145 GLU A N   1 
ATOM   717  C CA  . GLU A 1 94  ? 6.680   2.960   16.696  1.00 61.11 ? 145 GLU A CA  1 
ATOM   718  C C   . GLU A 1 94  ? 5.834   4.231   16.802  1.00 61.91 ? 145 GLU A C   1 
ATOM   719  O O   . GLU A 1 94  ? 5.095   4.407   17.777  1.00 61.84 ? 145 GLU A O   1 
ATOM   720  C CB  . GLU A 1 94  ? 7.868   3.066   17.670  1.00 61.00 ? 145 GLU A CB  1 
ATOM   721  C CG  . GLU A 1 94  ? 8.865   1.909   17.601  1.00 58.54 ? 145 GLU A CG  1 
ATOM   722  C CD  . GLU A 1 94  ? 8.478   0.750   18.506  1.00 58.80 ? 145 GLU A CD  1 
ATOM   723  O OE1 . GLU A 1 94  ? 8.006   0.998   19.642  1.00 58.10 ? 145 GLU A OE1 1 
ATOM   724  O OE2 . GLU A 1 94  ? 8.644   -0.411  18.075  1.00 59.18 ? 145 GLU A OE2 1 
ATOM   725  N N   . THR A 1 95  ? 5.953   5.122   15.823  1.00 60.93 ? 146 THR A N   1 
ATOM   726  C CA  . THR A 1 95  ? 5.178   6.348   15.846  1.00 60.16 ? 146 THR A CA  1 
ATOM   727  C C   . THR A 1 95  ? 3.716   6.069   15.448  1.00 59.74 ? 146 THR A C   1 
ATOM   728  O O   . THR A 1 95  ? 2.794   6.471   16.158  1.00 58.63 ? 146 THR A O   1 
ATOM   729  C CB  . THR A 1 95  ? 5.795   7.397   14.901  1.00 61.35 ? 146 THR A CB  1 
ATOM   730  O OG1 . THR A 1 95  ? 4.897   8.507   14.757  1.00 65.02 ? 146 THR A OG1 1 
ATOM   731  C CG2 . THR A 1 95  ? 6.055   6.790   13.539  1.00 61.25 ? 146 THR A CG2 1 
ATOM   732  N N   . PHE A 1 96  ? 3.522   5.368   14.326  1.00 58.56 ? 147 PHE A N   1 
ATOM   733  C CA  . PHE A 1 96  ? 2.195   5.008   13.791  1.00 56.87 ? 147 PHE A CA  1 
ATOM   734  C C   . PHE A 1 96  ? 1.050   4.925   14.819  1.00 56.85 ? 147 PHE A C   1 
ATOM   735  O O   . PHE A 1 96  ? 0.994   3.979   15.602  1.00 58.43 ? 147 PHE A O   1 
ATOM   736  C CB  . PHE A 1 96  ? 2.265   3.643   13.106  1.00 56.32 ? 147 PHE A CB  1 
ATOM   737  C CG  . PHE A 1 96  ? 3.061   3.613   11.836  1.00 57.69 ? 147 PHE A CG  1 
ATOM   738  C CD1 . PHE A 1 96  ? 3.564   4.778   11.268  1.00 58.18 ? 147 PHE A CD1 1 
ATOM   739  C CD2 . PHE A 1 96  ? 3.315   2.395   11.204  1.00 56.64 ? 147 PHE A CD2 1 
ATOM   740  C CE1 . PHE A 1 96  ? 4.307   4.727   10.087  1.00 55.75 ? 147 PHE A CE1 1 
ATOM   741  C CE2 . PHE A 1 96  ? 4.052   2.335   10.035  1.00 54.26 ? 147 PHE A CE2 1 
ATOM   742  C CZ  . PHE A 1 96  ? 4.550   3.501   9.473   1.00 54.63 ? 147 PHE A CZ  1 
ATOM   743  N N   . ASN A 1 97  ? 0.119   5.877   14.808  1.00 53.47 ? 148 ASN A N   1 
ATOM   744  C CA  . ASN A 1 97  ? -0.991  5.814   15.752  1.00 51.30 ? 148 ASN A CA  1 
ATOM   745  C C   . ASN A 1 97  ? -2.030  4.760   15.307  1.00 49.05 ? 148 ASN A C   1 
ATOM   746  O O   . ASN A 1 97  ? -2.856  5.001   14.412  1.00 45.28 ? 148 ASN A O   1 
ATOM   747  C CB  . ASN A 1 97  ? -1.640  7.187   15.887  1.00 53.80 ? 148 ASN A CB  1 
ATOM   748  C CG  . ASN A 1 97  ? -2.734  7.210   16.930  1.00 55.06 ? 148 ASN A CG  1 
ATOM   749  O OD1 . ASN A 1 97  ? -3.660  8.025   16.859  1.00 55.28 ? 148 ASN A OD1 1 
ATOM   750  N ND2 . ASN A 1 97  ? -2.638  6.311   17.911  1.00 56.90 ? 148 ASN A ND2 1 
ATOM   751  N N   . THR A 1 98  ? -1.975  3.605   15.971  1.00 45.37 ? 149 THR A N   1 
ATOM   752  C CA  . THR A 1 98  ? -2.823  2.452   15.686  1.00 43.01 ? 149 THR A CA  1 
ATOM   753  C C   . THR A 1 98  ? -4.209  2.718   15.156  1.00 42.41 ? 149 THR A C   1 
ATOM   754  O O   . THR A 1 98  ? -4.850  1.809   14.641  1.00 43.16 ? 149 THR A O   1 
ATOM   755  C CB  . THR A 1 98  ? -2.990  1.557   16.910  1.00 40.68 ? 149 THR A CB  1 
ATOM   756  O OG1 . THR A 1 98  ? -3.454  2.353   17.994  1.00 44.63 ? 149 THR A OG1 1 
ATOM   757  C CG2 . THR A 1 98  ? -1.677  0.908   17.294  1.00 38.18 ? 149 THR A CG2 1 
ATOM   758  N N   . LYS A 1 99  ? -4.703  3.935   15.293  1.00 42.32 ? 150 LYS A N   1 
ATOM   759  C CA  . LYS A 1 99  ? -6.030  4.226   14.765  1.00 43.32 ? 150 LYS A CA  1 
ATOM   760  C C   . LYS A 1 99  ? -5.927  4.813   13.358  1.00 43.88 ? 150 LYS A C   1 
ATOM   761  O O   . LYS A 1 99  ? -6.880  5.403   12.855  1.00 43.48 ? 150 LYS A O   1 
ATOM   762  C CB  . LYS A 1 99  ? -6.759  5.211   15.682  1.00 43.62 ? 150 LYS A CB  1 
ATOM   763  C CG  . LYS A 1 99  ? -7.104  4.631   17.047  1.00 46.68 ? 150 LYS A CG  1 
ATOM   764  C CD  . LYS A 1 99  ? -7.285  5.713   18.114  1.00 45.72 ? 150 LYS A CD  1 
ATOM   765  C CE  . LYS A 1 99  ? -8.739  5.784   18.594  1.00 46.37 ? 150 LYS A CE  1 
ATOM   766  N NZ  . LYS A 1 99  ? -9.218  4.551   19.297  1.00 41.69 ? 150 LYS A NZ  1 
ATOM   767  N N   . ASN A 1 100 ? -4.777  4.649   12.710  1.00 44.27 ? 151 ASN A N   1 
ATOM   768  C CA  . ASN A 1 100 ? -4.613  5.224   11.378  1.00 45.28 ? 151 ASN A CA  1 
ATOM   769  C C   . ASN A 1 100 ? -4.229  4.248   10.296  1.00 45.10 ? 151 ASN A C   1 
ATOM   770  O O   . ASN A 1 100 ? -3.883  3.108   10.574  1.00 46.54 ? 151 ASN A O   1 
ATOM   771  C CB  . ASN A 1 100 ? -3.563  6.324   11.416  1.00 45.01 ? 151 ASN A CB  1 
ATOM   772  C CG  . ASN A 1 100 ? -3.913  7.406   12.383  1.00 46.31 ? 151 ASN A CG  1 
ATOM   773  O OD1 . ASN A 1 100 ? -5.002  7.979   12.311  1.00 47.79 ? 151 ASN A OD1 1 
ATOM   774  N ND2 . ASN A 1 100 ? -3.007  7.694   13.308  1.00 44.03 ? 151 ASN A ND2 1 
ATOM   775  N N   . CYS A 1 101 ? -4.301  4.710   9.055   1.00 44.41 ? 152 CYS A N   1 
ATOM   776  C CA  . CYS A 1 101 ? -3.911  3.893   7.928   1.00 44.79 ? 152 CYS A CA  1 
ATOM   777  C C   . CYS A 1 101 ? -2.514  4.298   7.529   1.00 46.25 ? 152 CYS A C   1 
ATOM   778  O O   . CYS A 1 101 ? -2.007  5.333   7.970   1.00 45.20 ? 152 CYS A O   1 
ATOM   779  C CB  . CYS A 1 101 ? -4.849  4.096   6.760   1.00 44.89 ? 152 CYS A CB  1 
ATOM   780  S SG  . CYS A 1 101 ? -6.280  3.021   6.943   1.00 45.48 ? 152 CYS A SG  1 
ATOM   781  N N   . ILE A 1 102 ? -1.883  3.487   6.692   1.00 46.60 ? 153 ILE A N   1 
ATOM   782  C CA  . ILE A 1 102 ? -0.540  3.806   6.287   1.00 45.33 ? 153 ILE A CA  1 
ATOM   783  C C   . ILE A 1 102 ? -0.477  4.325   4.877   1.00 44.47 ? 153 ILE A C   1 
ATOM   784  O O   . ILE A 1 102 ? -0.979  3.707   3.934   1.00 43.80 ? 153 ILE A O   1 
ATOM   785  C CB  . ILE A 1 102 ? 0.381   2.592   6.421   1.00 47.36 ? 153 ILE A CB  1 
ATOM   786  C CG1 . ILE A 1 102 ? 0.182   1.932   7.791   1.00 47.00 ? 153 ILE A CG1 1 
ATOM   787  C CG2 . ILE A 1 102 ? 1.828   3.038   6.278   1.00 48.82 ? 153 ILE A CG2 1 
ATOM   788  C CD1 . ILE A 1 102 ? 0.423   2.876   8.973   1.00 45.68 ? 153 ILE A CD1 1 
ATOM   789  N N   . ALA A 1 103 ? 0.119   5.496   4.746   1.00 42.86 ? 154 ALA A N   1 
ATOM   790  C CA  . ALA A 1 103 ? 0.290   6.096   3.443   1.00 43.41 ? 154 ALA A CA  1 
ATOM   791  C C   . ALA A 1 103 ? 1.768   5.925   3.194   1.00 42.69 ? 154 ALA A C   1 
ATOM   792  O O   . ALA A 1 103 ? 2.559   5.949   4.126   1.00 42.39 ? 154 ALA A O   1 
ATOM   793  C CB  . ALA A 1 103 ? -0.080  7.566   3.469   1.00 44.28 ? 154 ALA A CB  1 
ATOM   794  N N   . TYR A 1 104 ? 2.141   5.754   1.936   1.00 43.51 ? 155 TYR A N   1 
ATOM   795  C CA  . TYR A 1 104 ? 3.538   5.550   1.592   1.00 44.21 ? 155 TYR A CA  1 
ATOM   796  C C   . TYR A 1 104 ? 3.981   6.402   0.392   1.00 44.88 ? 155 TYR A C   1 
ATOM   797  O O   . TYR A 1 104 ? 3.171   6.822   -0.441  1.00 43.72 ? 155 TYR A O   1 
ATOM   798  C CB  . TYR A 1 104 ? 3.764   4.051   1.332   1.00 40.96 ? 155 TYR A CB  1 
ATOM   799  C CG  . TYR A 1 104 ? 5.113   3.698   0.786   1.00 35.09 ? 155 TYR A CG  1 
ATOM   800  C CD1 . TYR A 1 104 ? 6.223   3.621   1.621   1.00 34.91 ? 155 TYR A CD1 1 
ATOM   801  C CD2 . TYR A 1 104 ? 5.275   3.425   -0.566  1.00 34.52 ? 155 TYR A CD2 1 
ATOM   802  C CE1 . TYR A 1 104 ? 7.481   3.275   1.118   1.00 36.26 ? 155 TYR A CE1 1 
ATOM   803  C CE2 . TYR A 1 104 ? 6.518   3.079   -1.086  1.00 37.26 ? 155 TYR A CE2 1 
ATOM   804  C CZ  . TYR A 1 104 ? 7.622   3.007   -0.244  1.00 35.85 ? 155 TYR A CZ  1 
ATOM   805  O OH  . TYR A 1 104 ? 8.856   2.686   -0.771  1.00 31.13 ? 155 TYR A OH  1 
ATOM   806  N N   . ASN A 1 105 ? 5.279   6.660   0.322   1.00 45.52 ? 156 ASN A N   1 
ATOM   807  C CA  . ASN A 1 105 ? 5.839   7.463   -0.748  1.00 46.16 ? 156 ASN A CA  1 
ATOM   808  C C   . ASN A 1 105 ? 6.901   6.629   -1.446  1.00 46.38 ? 156 ASN A C   1 
ATOM   809  O O   . ASN A 1 105 ? 7.755   6.016   -0.808  1.00 45.34 ? 156 ASN A O   1 
ATOM   810  C CB  . ASN A 1 105 ? 6.435   8.747   -0.161  1.00 48.03 ? 156 ASN A CB  1 
ATOM   811  C CG  . ASN A 1 105 ? 7.433   9.411   -1.083  1.00 50.77 ? 156 ASN A CG  1 
ATOM   812  O OD1 . ASN A 1 105 ? 8.612   9.039   -1.116  1.00 51.77 ? 156 ASN A OD1 1 
ATOM   813  N ND2 . ASN A 1 105 ? 6.974   10.406  -1.835  1.00 51.00 ? 156 ASN A ND2 1 
ATOM   814  N N   . PRO A 1 106 ? 6.856   6.592   -2.774  1.00 47.33 ? 157 PRO A N   1 
ATOM   815  C CA  . PRO A 1 106 ? 7.814   5.822   -3.566  1.00 49.42 ? 157 PRO A CA  1 
ATOM   816  C C   . PRO A 1 106 ? 9.271   5.944   -3.114  1.00 51.08 ? 157 PRO A C   1 
ATOM   817  O O   . PRO A 1 106 ? 10.062  5.004   -3.246  1.00 48.91 ? 157 PRO A O   1 
ATOM   818  C CB  . PRO A 1 106 ? 7.588   6.350   -4.980  1.00 49.34 ? 157 PRO A CB  1 
ATOM   819  C CG  . PRO A 1 106 ? 6.148   6.722   -4.987  1.00 48.48 ? 157 PRO A CG  1 
ATOM   820  C CD  . PRO A 1 106 ? 5.882   7.295   -3.621  1.00 47.31 ? 157 PRO A CD  1 
ATOM   821  N N   . ASN A 1 107 ? 9.620   7.104   -2.573  1.00 54.27 ? 158 ASN A N   1 
ATOM   822  C CA  . ASN A 1 107 ? 10.984  7.336   -2.132  1.00 57.03 ? 158 ASN A CA  1 
ATOM   823  C C   . ASN A 1 107 ? 11.238  6.809   -0.742  1.00 57.10 ? 158 ASN A C   1 
ATOM   824  O O   . ASN A 1 107 ? 12.115  7.310   -0.040  1.00 58.21 ? 158 ASN A O   1 
ATOM   825  C CB  . ASN A 1 107 ? 11.324  8.825   -2.190  1.00 61.57 ? 158 ASN A CB  1 
ATOM   826  C CG  . ASN A 1 107 ? 12.181  9.180   -3.399  1.00 65.68 ? 158 ASN A CG  1 
ATOM   827  O OD1 . ASN A 1 107 ? 11.962  10.203  -4.068  1.00 63.60 ? 158 ASN A OD1 1 
ATOM   828  N ND2 . ASN A 1 107 ? 13.162  8.323   -3.692  1.00 69.24 ? 158 ASN A ND2 1 
ATOM   829  N N   . GLY A 1 108 ? 10.461  5.806   -0.338  1.00 56.50 ? 159 GLY A N   1 
ATOM   830  C CA  . GLY A 1 108 ? 10.654  5.203   0.970   1.00 54.92 ? 159 GLY A CA  1 
ATOM   831  C C   . GLY A 1 108 ? 9.968   5.815   2.176   1.00 54.15 ? 159 GLY A C   1 
ATOM   832  O O   . GLY A 1 108 ? 9.628   5.083   3.097   1.00 54.59 ? 159 GLY A O   1 
ATOM   833  N N   . ASN A 1 109 ? 9.776   7.131   2.206   1.00 52.86 ? 160 ASN A N   1 
ATOM   834  C CA  . ASN A 1 109 ? 9.110   7.755   3.349   1.00 54.72 ? 160 ASN A CA  1 
ATOM   835  C C   . ASN A 1 109 ? 7.664   7.255   3.527   1.00 54.00 ? 160 ASN A C   1 
ATOM   836  O O   . ASN A 1 109 ? 7.002   6.888   2.551   1.00 53.84 ? 160 ASN A O   1 
ATOM   837  C CB  . ASN A 1 109 ? 9.114   9.271   3.186   1.00 58.95 ? 160 ASN A CB  1 
ATOM   838  C CG  . ASN A 1 109 ? 9.644   9.986   4.420   1.00 64.48 ? 160 ASN A CG  1 
ATOM   839  O OD1 . ASN A 1 109 ? 9.585   9.458   5.537   1.00 66.21 ? 160 ASN A OD1 1 
ATOM   840  N ND2 . ASN A 1 109 ? 10.172  11.194  4.226   1.00 66.50 ? 160 ASN A ND2 1 
ATOM   841  N N   . ALA A 1 110 ? 7.165   7.248   4.766   1.00 51.60 ? 161 ALA A N   1 
ATOM   842  C CA  . ALA A 1 110 ? 5.798   6.776   5.021   1.00 48.79 ? 161 ALA A CA  1 
ATOM   843  C C   . ALA A 1 110 ? 5.080   7.455   6.199   1.00 46.53 ? 161 ALA A C   1 
ATOM   844  O O   . ALA A 1 110 ? 5.664   7.646   7.266   1.00 46.32 ? 161 ALA A O   1 
ATOM   845  C CB  . ALA A 1 110 ? 5.812   5.269   5.221   1.00 48.86 ? 161 ALA A CB  1 
ATOM   846  N N   . LEU A 1 111 ? 3.805   7.790   5.996   1.00 44.45 ? 162 LEU A N   1 
ATOM   847  C CA  . LEU A 1 111 ? 2.971   8.461   7.008   1.00 42.87 ? 162 LEU A CA  1 
ATOM   848  C C   . LEU A 1 111 ? 1.765   7.661   7.468   1.00 42.68 ? 162 LEU A C   1 
ATOM   849  O O   . LEU A 1 111 ? 1.402   6.642   6.884   1.00 45.00 ? 162 LEU A O   1 
ATOM   850  C CB  . LEU A 1 111 ? 2.405   9.778   6.463   1.00 40.03 ? 162 LEU A CB  1 
ATOM   851  C CG  . LEU A 1 111 ? 3.311   10.849  5.871   1.00 37.83 ? 162 LEU A CG  1 
ATOM   852  C CD1 . LEU A 1 111 ? 2.440   12.043  5.465   1.00 32.02 ? 162 LEU A CD1 1 
ATOM   853  C CD2 . LEU A 1 111 ? 4.410   11.231  6.882   1.00 35.26 ? 162 LEU A CD2 1 
ATOM   854  N N   . ASP A 1 112 ? 1.119   8.160   8.510   1.00 42.67 ? 163 ASP A N   1 
ATOM   855  C CA  . ASP A 1 112 ? -0.087  7.530   9.009   1.00 43.98 ? 163 ASP A CA  1 
ATOM   856  C C   . ASP A 1 112 ? -1.146  8.622   9.173   1.00 44.92 ? 163 ASP A C   1 
ATOM   857  O O   . ASP A 1 112 ? -0.977  9.533   9.973   1.00 45.77 ? 163 ASP A O   1 
ATOM   858  C CB  . ASP A 1 112 ? 0.195   6.829   10.333  1.00 43.51 ? 163 ASP A CB  1 
ATOM   859  C CG  . ASP A 1 112 ? 0.706   7.768   11.392  1.00 43.49 ? 163 ASP A CG  1 
ATOM   860  O OD1 . ASP A 1 112 ? 1.910   8.098   11.364  1.00 43.41 ? 163 ASP A OD1 1 
ATOM   861  O OD2 . ASP A 1 112 ? -0.102  8.168   12.261  1.00 42.51 ? 163 ASP A OD2 1 
ATOM   862  N N   . GLU A 1 113 ? -2.220  8.545   8.389   1.00 45.93 ? 164 GLU A N   1 
ATOM   863  C CA  . GLU A 1 113 ? -3.298  9.536   8.437   1.00 48.15 ? 164 GLU A CA  1 
ATOM   864  C C   . GLU A 1 113 ? -4.671  8.886   8.533   1.00 47.54 ? 164 GLU A C   1 
ATOM   865  O O   . GLU A 1 113 ? -4.872  7.794   8.028   1.00 48.99 ? 164 GLU A O   1 
ATOM   866  C CB  . GLU A 1 113 ? -3.258  10.409  7.190   1.00 51.20 ? 164 GLU A CB  1 
ATOM   867  C CG  . GLU A 1 113 ? -1.857  10.706  6.701   1.00 56.68 ? 164 GLU A CG  1 
ATOM   868  C CD  . GLU A 1 113 ? -1.742  12.091  6.105   1.00 59.02 ? 164 GLU A CD  1 
ATOM   869  O OE1 . GLU A 1 113 ? -2.363  13.023  6.666   1.00 59.73 ? 164 GLU A OE1 1 
ATOM   870  O OE2 . GLU A 1 113 ? -1.039  12.246  5.077   1.00 60.53 ? 164 GLU A OE2 1 
ATOM   871  N N   . SER A 1 114 ? -5.620  9.565   9.161   1.00 46.93 ? 165 SER A N   1 
ATOM   872  C CA  . SER A 1 114 ? -6.956  9.008   9.301   1.00 48.91 ? 165 SER A CA  1 
ATOM   873  C C   . SER A 1 114 ? -7.310  8.082   8.157   1.00 49.79 ? 165 SER A C   1 
ATOM   874  O O   . SER A 1 114 ? -7.247  8.468   6.995   1.00 51.12 ? 165 SER A O   1 
ATOM   875  C CB  . SER A 1 114 ? -8.011  10.113  9.353   1.00 51.11 ? 165 SER A CB  1 
ATOM   876  O OG  . SER A 1 114 ? -9.195  9.728   8.652   1.00 48.35 ? 165 SER A OG  1 
ATOM   877  N N   . CYS A 1 115 ? -7.693  6.860   8.486   1.00 49.80 ? 166 CYS A N   1 
ATOM   878  C CA  . CYS A 1 115 ? -8.085  5.906   7.470   1.00 49.86 ? 166 CYS A CA  1 
ATOM   879  C C   . CYS A 1 115 ? -9.231  6.467   6.652   1.00 50.29 ? 166 CYS A C   1 
ATOM   880  O O   . CYS A 1 115 ? -9.667  5.847   5.688   1.00 50.75 ? 166 CYS A O   1 
ATOM   881  C CB  . CYS A 1 115 ? -8.521  4.607   8.127   1.00 49.00 ? 166 CYS A CB  1 
ATOM   882  S SG  . CYS A 1 115 ? -7.090  3.653   8.689   1.00 50.95 ? 166 CYS A SG  1 
ATOM   883  N N   . GLU A 1 116 ? -9.729  7.634   7.052   1.00 52.70 ? 167 GLU A N   1 
ATOM   884  C CA  . GLU A 1 116 ? -10.841 8.270   6.348   1.00 54.46 ? 167 GLU A CA  1 
ATOM   885  C C   . GLU A 1 116 ? -10.423 9.489   5.525   1.00 53.13 ? 167 GLU A C   1 
ATOM   886  O O   . GLU A 1 116 ? -11.269 10.244  5.058   1.00 52.76 ? 167 GLU A O   1 
ATOM   887  C CB  . GLU A 1 116 ? -11.962 8.655   7.335   1.00 54.62 ? 167 GLU A CB  1 
ATOM   888  C CG  . GLU A 1 116 ? -13.164 7.676   7.363   1.00 55.66 ? 167 GLU A CG  1 
ATOM   889  C CD  . GLU A 1 116 ? -14.263 7.994   6.330   1.00 54.79 ? 167 GLU A CD  1 
ATOM   890  O OE1 . GLU A 1 116 ? -14.474 9.184   6.008   1.00 54.35 ? 167 GLU A OE1 1 
ATOM   891  O OE2 . GLU A 1 116 ? -14.922 7.048   5.842   1.00 52.84 ? 167 GLU A OE2 1 
ATOM   892  N N   . ASP A 1 117 ? -9.121  9.677   5.347   1.00 52.72 ? 168 ASP A N   1 
ATOM   893  C CA  . ASP A 1 117 ? -8.623  10.784  4.541   1.00 53.11 ? 168 ASP A CA  1 
ATOM   894  C C   . ASP A 1 117 ? -8.786  10.419  3.065   1.00 54.27 ? 168 ASP A C   1 
ATOM   895  O O   . ASP A 1 117 ? -9.409  9.407   2.734   1.00 55.28 ? 168 ASP A O   1 
ATOM   896  C CB  . ASP A 1 117 ? -7.152  11.053  4.849   1.00 52.54 ? 168 ASP A CB  1 
ATOM   897  C CG  . ASP A 1 117 ? -6.972  12.100  5.911   1.00 52.20 ? 168 ASP A CG  1 
ATOM   898  O OD1 . ASP A 1 117 ? -7.629  11.983  6.963   1.00 53.99 ? 168 ASP A OD1 1 
ATOM   899  O OD2 . ASP A 1 117 ? -6.188  13.044  5.697   1.00 52.76 ? 168 ASP A OD2 1 
ATOM   900  N N   . LYS A 1 118 ? -8.226  11.224  2.171   1.00 54.41 ? 169 LYS A N   1 
ATOM   901  C CA  . LYS A 1 118 ? -8.364  10.926  0.751   1.00 54.49 ? 169 LYS A CA  1 
ATOM   902  C C   . LYS A 1 118 ? -7.057  10.988  -0.049  1.00 54.35 ? 169 LYS A C   1 
ATOM   903  O O   . LYS A 1 118 ? -6.756  11.989  -0.723  1.00 55.05 ? 169 LYS A O   1 
ATOM   904  C CB  . LYS A 1 118 ? -9.416  11.854  0.130   1.00 54.25 ? 169 LYS A CB  1 
ATOM   905  C CG  . LYS A 1 118 ? -10.795 11.767  0.788   1.00 52.49 ? 169 LYS A CG  1 
ATOM   906  C CD  . LYS A 1 118 ? -11.900 11.801  -0.256  1.00 51.45 ? 169 LYS A CD  1 
ATOM   907  C CE  . LYS A 1 118 ? -13.178 11.125  0.238   1.00 51.92 ? 169 LYS A CE  1 
ATOM   908  N NZ  . LYS A 1 118 ? -14.389 11.635  -0.488  1.00 50.60 ? 169 LYS A NZ  1 
ATOM   909  N N   . ASN A 1 119 ? -6.289  9.900   0.032   1.00 51.06 ? 170 ASN A N   1 
ATOM   910  C CA  . ASN A 1 119 ? -5.020  9.775   -0.677  1.00 44.79 ? 170 ASN A CA  1 
ATOM   911  C C   . ASN A 1 119 ? -5.214  8.868   -1.885  1.00 43.42 ? 170 ASN A C   1 
ATOM   912  O O   . ASN A 1 119 ? -6.314  8.355   -2.111  1.00 41.88 ? 170 ASN A O   1 
ATOM   913  C CB  . ASN A 1 119 ? -3.977  9.187   0.258   1.00 41.24 ? 170 ASN A CB  1 
ATOM   914  C CG  . ASN A 1 119 ? -3.528  10.175  1.291   1.00 39.95 ? 170 ASN A CG  1 
ATOM   915  O OD1 . ASN A 1 119 ? -3.790  11.368  1.168   1.00 42.55 ? 170 ASN A OD1 1 
ATOM   916  N ND2 . ASN A 1 119 ? -2.847  9.695   2.319   1.00 39.42 ? 170 ASN A ND2 1 
ATOM   917  N N   . ARG A 1 120 ? -4.161  8.679   -2.674  1.00 41.31 ? 171 ARG A N   1 
ATOM   918  C CA  . ARG A 1 120 ? -4.257  7.809   -3.839  1.00 39.44 ? 171 ARG A CA  1 
ATOM   919  C C   . ARG A 1 120 ? -3.964  6.375   -3.423  1.00 37.02 ? 171 ARG A C   1 
ATOM   920  O O   . ARG A 1 120 ? -3.429  6.130   -2.345  1.00 35.91 ? 171 ARG A O   1 
ATOM   921  C CB  . ARG A 1 120 ? -3.263  8.245   -4.902  1.00 44.01 ? 171 ARG A CB  1 
ATOM   922  C CG  . ARG A 1 120 ? -3.888  9.048   -6.026  1.00 49.44 ? 171 ARG A CG  1 
ATOM   923  C CD  . ARG A 1 120 ? -2.911  10.080  -6.552  1.00 52.04 ? 171 ARG A CD  1 
ATOM   924  N NE  . ARG A 1 120 ? -3.596  11.111  -7.314  1.00 57.76 ? 171 ARG A NE  1 
ATOM   925  C CZ  . ARG A 1 120 ? -2.974  12.059  -8.003  1.00 61.17 ? 171 ARG A CZ  1 
ATOM   926  N NH1 . ARG A 1 120 ? -1.643  12.105  -8.019  1.00 64.16 ? 171 ARG A NH1 1 
ATOM   927  N NH2 . ARG A 1 120 ? -3.681  12.949  -8.687  1.00 62.28 ? 171 ARG A NH2 1 
ATOM   928  N N   . TYR A 1 121 ? -4.307  5.412   -4.266  1.00 34.17 ? 172 TYR A N   1 
ATOM   929  C CA  . TYR A 1 121 ? -4.046  4.034   -3.888  1.00 30.75 ? 172 TYR A CA  1 
ATOM   930  C C   . TYR A 1 121 ? -3.172  3.277   -4.865  1.00 28.47 ? 172 TYR A C   1 
ATOM   931  O O   . TYR A 1 121 ? -2.929  3.737   -5.980  1.00 27.07 ? 172 TYR A O   1 
ATOM   932  C CB  . TYR A 1 121 ? -5.355  3.265   -3.677  1.00 28.05 ? 172 TYR A CB  1 
ATOM   933  C CG  . TYR A 1 121 ? -6.319  3.268   -4.844  1.00 28.44 ? 172 TYR A CG  1 
ATOM   934  C CD1 . TYR A 1 121 ? -7.165  4.359   -5.059  1.00 27.72 ? 172 TYR A CD1 1 
ATOM   935  C CD2 . TYR A 1 121 ? -6.446  2.151   -5.690  1.00 26.22 ? 172 TYR A CD2 1 
ATOM   936  C CE1 . TYR A 1 121 ? -8.117  4.353   -6.078  1.00 25.69 ? 172 TYR A CE1 1 
ATOM   937  C CE2 . TYR A 1 121 ? -7.401  2.133   -6.717  1.00 25.89 ? 172 TYR A CE2 1 
ATOM   938  C CZ  . TYR A 1 121 ? -8.237  3.244   -6.901  1.00 26.68 ? 172 TYR A CZ  1 
ATOM   939  O OH  . TYR A 1 121 ? -9.206  3.276   -7.889  1.00 23.99 ? 172 TYR A OH  1 
ATOM   940  N N   . ILE A 1 122 ? -2.702  2.114   -4.421  1.00 25.87 ? 173 ILE A N   1 
ATOM   941  C CA  . ILE A 1 122 ? -1.866  1.260   -5.235  1.00 25.34 ? 173 ILE A CA  1 
ATOM   942  C C   . ILE A 1 122 ? -2.245  -0.226  -5.031  1.00 24.87 ? 173 ILE A C   1 
ATOM   943  O O   . ILE A 1 122 ? -2.070  -0.791  -3.955  1.00 22.96 ? 173 ILE A O   1 
ATOM   944  C CB  . ILE A 1 122 ? -0.343  1.501   -4.900  1.00 26.97 ? 173 ILE A CB  1 
ATOM   945  C CG1 . ILE A 1 122 ? 0.101   2.880   -5.402  1.00 23.28 ? 173 ILE A CG1 1 
ATOM   946  C CG2 . ILE A 1 122 ? 0.528   0.450   -5.572  1.00 26.71 ? 173 ILE A CG2 1 
ATOM   947  C CD1 . ILE A 1 122 ? 1.483   3.270   -4.941  1.00 19.35 ? 173 ILE A CD1 1 
ATOM   948  N N   . CYS A 1 123 ? -2.779  -0.853  -6.072  1.00 24.47 ? 174 CYS A N   1 
ATOM   949  C CA  . CYS A 1 123 ? -3.143  -2.264  -5.995  1.00 25.18 ? 174 CYS A CA  1 
ATOM   950  C C   . CYS A 1 123 ? -2.022  -3.017  -6.688  1.00 24.61 ? 174 CYS A C   1 
ATOM   951  O O   . CYS A 1 123 ? -1.260  -2.421  -7.441  1.00 25.73 ? 174 CYS A O   1 
ATOM   952  C CB  . CYS A 1 123 ? -4.459  -2.538  -6.742  1.00 28.07 ? 174 CYS A CB  1 
ATOM   953  S SG  . CYS A 1 123 ? -5.751  -1.271  -6.597  1.00 25.43 ? 174 CYS A SG  1 
ATOM   954  N N   . LYS A 1 124 ? -1.928  -4.320  -6.464  1.00 22.77 ? 175 LYS A N   1 
ATOM   955  C CA  . LYS A 1 124 ? -0.879  -5.086  -7.110  1.00 25.90 ? 175 LYS A CA  1 
ATOM   956  C C   . LYS A 1 124 ? -1.251  -6.554  -7.288  1.00 29.39 ? 175 LYS A C   1 
ATOM   957  O O   . LYS A 1 124 ? -1.534  -7.228  -6.314  1.00 32.24 ? 175 LYS A O   1 
ATOM   958  C CB  . LYS A 1 124 ? 0.408   -4.960  -6.294  1.00 22.37 ? 175 LYS A CB  1 
ATOM   959  C CG  . LYS A 1 124 ? 1.266   -6.220  -6.281  1.00 24.32 ? 175 LYS A CG  1 
ATOM   960  C CD  . LYS A 1 124 ? 2.772   -5.926  -6.135  1.00 22.50 ? 175 LYS A CD  1 
ATOM   961  C CE  . LYS A 1 124 ? 3.559   -7.186  -5.740  1.00 20.35 ? 175 LYS A CE  1 
ATOM   962  N NZ  . LYS A 1 124 ? 3.992   -7.161  -4.297  1.00 21.68 ? 175 LYS A NZ  1 
ATOM   963  N N   . GLN A 1 125 ? -1.288  -7.046  -8.522  1.00 34.37 ? 176 GLN A N   1 
ATOM   964  C CA  . GLN A 1 125 ? -1.598  -8.452  -8.756  1.00 41.18 ? 176 GLN A CA  1 
ATOM   965  C C   . GLN A 1 125 ? -0.245  -9.140  -8.619  1.00 46.78 ? 176 GLN A C   1 
ATOM   966  O O   . GLN A 1 125 ? 0.734   -8.749  -9.272  1.00 46.01 ? 176 GLN A O   1 
ATOM   967  C CB  . GLN A 1 125 ? -2.140  -8.675  -10.157 1.00 44.37 ? 176 GLN A CB  1 
ATOM   968  C CG  . GLN A 1 125 ? -3.541  -8.166  -10.414 1.00 47.05 ? 176 GLN A CG  1 
ATOM   969  C CD  . GLN A 1 125 ? -3.864  -8.202  -11.899 1.00 50.93 ? 176 GLN A CD  1 
ATOM   970  O OE1 . GLN A 1 125 ? -3.212  -8.918  -12.666 1.00 50.40 ? 176 GLN A OE1 1 
ATOM   971  N NE2 . GLN A 1 125 ? -4.867  -7.432  -12.316 1.00 54.48 ? 176 GLN A NE2 1 
ATOM   972  N N   . GLN A 1 126 ? -0.192  -10.179 -7.793  1.00 52.73 ? 177 GLN A N   1 
ATOM   973  C CA  . GLN A 1 126 ? 1.075   -10.842 -7.515  1.00 57.98 ? 177 GLN A CA  1 
ATOM   974  C C   . GLN A 1 126 ? 1.352   -12.248 -8.067  1.00 61.78 ? 177 GLN A C   1 
ATOM   975  O O   . GLN A 1 126 ? 2.497   -12.560 -8.403  1.00 63.94 ? 177 GLN A O   1 
ATOM   976  C CB  . GLN A 1 126 ? 1.289   -10.812 -5.997  1.00 56.29 ? 177 GLN A CB  1 
ATOM   977  C CG  . GLN A 1 126 ? 2.680   -11.163 -5.547  1.00 57.69 ? 177 GLN A CG  1 
ATOM   978  C CD  . GLN A 1 126 ? 2.664   -12.277 -4.523  1.00 57.97 ? 177 GLN A CD  1 
ATOM   979  O OE1 . GLN A 1 126 ? 1.600   -12.767 -4.146  1.00 57.74 ? 177 GLN A OE1 1 
ATOM   980  N NE2 . GLN A 1 126 ? 3.844   -12.682 -4.064  1.00 58.14 ? 177 GLN A NE2 1 
ATOM   981  N N   . LEU A 1 127 ? 0.339   -13.100 -8.169  1.00 66.76 ? 178 LEU A N   1 
ATOM   982  C CA  . LEU A 1 127 ? 0.560   -14.461 -8.684  1.00 70.57 ? 178 LEU A CA  1 
ATOM   983  C C   . LEU A 1 127 ? -0.573  -14.890 -9.626  1.00 72.01 ? 178 LEU A C   1 
ATOM   984  O O   . LEU A 1 127 ? -1.755  -14.744 -9.287  1.00 71.87 ? 178 LEU A O   1 
ATOM   985  C CB  . LEU A 1 127 ? 0.682   -15.464 -7.514  1.00 70.49 ? 178 LEU A CB  1 
ATOM   986  C CG  . LEU A 1 127 ? 2.024   -15.611 -6.772  1.00 69.30 ? 178 LEU A CG  1 
ATOM   987  C CD1 . LEU A 1 127 ? 1.784   -16.179 -5.378  1.00 66.60 ? 178 LEU A CD1 1 
ATOM   988  C CD2 . LEU A 1 127 ? 2.970   -16.522 -7.563  1.00 70.14 ? 178 LEU A CD2 1 
ATOM   989  N N   . ILE A 1 128 ? -0.202  -15.415 -10.796 1.00 72.90 ? 179 ILE A N   1 
ATOM   990  C CA  . ILE A 1 128 ? -1.175  -15.860 -11.802 1.00 73.23 ? 179 ILE A CA  1 
ATOM   991  C C   . ILE A 1 128 ? -2.418  -16.516 -11.176 1.00 74.71 ? 179 ILE A C   1 
ATOM   992  O O   . ILE A 1 128 ? -2.297  -17.091 -10.068 1.00 74.86 ? 179 ILE A O   1 
ATOM   993  C CB  . ILE A 1 128 ? -0.522  -16.855 -12.810 1.00 71.61 ? 179 ILE A CB  1 
ATOM   994  C CG1 . ILE A 1 128 ? -0.460  -16.223 -14.200 1.00 69.82 ? 179 ILE A CG1 1 
ATOM   995  C CG2 . ILE A 1 128 ? -1.312  -18.168 -12.862 1.00 72.75 ? 179 ILE A CG2 1 
ATOM   996  C CD1 . ILE A 1 128 ? -0.351  -17.236 -15.335 1.00 68.53 ? 179 ILE A CD1 1 
ATOM   997  O OXT . ILE A 1 128 ? -3.502  -16.444 -11.803 1.00 75.97 ? 179 ILE A OXT 1 
HETATM 998  O O   . HOH B 2 .   ? 12.471  -6.767  -9.154  1.00 50.42 ? 1   HOH A O   1 
HETATM 999  O O   . HOH B 2 .   ? -14.791 8.049   -8.234  1.00 19.72 ? 2   HOH A O   1 
HETATM 1000 O O   . HOH B 2 .   ? -8.482  -4.270  15.683  1.00 27.47 ? 3   HOH A O   1 
HETATM 1001 O O   . HOH B 2 .   ? 4.695   -6.495  13.280  1.00 29.96 ? 4   HOH A O   1 
HETATM 1002 O O   . HOH B 2 .   ? 17.753  0.635   -6.388  1.00 36.00 ? 5   HOH A O   1 
HETATM 1003 O O   . HOH B 2 .   ? -7.566  -5.762  -0.195  1.00 41.78 ? 6   HOH A O   1 
HETATM 1004 O O   . HOH B 2 .   ? 6.775   -6.561  5.437   1.00 37.24 ? 7   HOH A O   1 
HETATM 1005 O O   . HOH B 2 .   ? -7.775  -8.374  6.005   1.00 25.30 ? 8   HOH A O   1 
HETATM 1006 O O   . HOH B 2 .   ? 8.896   -3.507  17.996  1.00 43.94 ? 9   HOH A O   1 
HETATM 1007 O O   . HOH B 2 .   ? -3.968  11.592  4.436   1.00 60.47 ? 10  HOH A O   1 
HETATM 1008 O O   . HOH B 2 .   ? -1.515  2.897   -13.394 1.00 57.64 ? 11  HOH A O   1 
HETATM 1009 O O   . HOH B 2 .   ? -11.225 7.630   17.589  1.00 82.45 ? 12  HOH A O   1 
HETATM 1010 O O   . HOH B 2 .   ? 9.783   2.217   -4.244  1.00 37.90 ? 13  HOH A O   1 
HETATM 1011 O O   . HOH B 2 .   ? -1.151  -8.991  0.888   1.00 28.59 ? 14  HOH A O   1 
HETATM 1012 O O   . HOH B 2 .   ? -4.815  -14.661 7.935   1.00 22.97 ? 15  HOH A O   1 
HETATM 1013 O O   . HOH B 2 .   ? -5.977  -10.449 0.585   1.00 67.59 ? 16  HOH A O   1 
HETATM 1014 O O   . HOH B 2 .   ? 3.310   -3.912  13.993  1.00 25.62 ? 17  HOH A O   1 
HETATM 1015 O O   . HOH B 2 .   ? -17.483 8.724   -10.912 1.00 53.52 ? 18  HOH A O   1 
HETATM 1016 O O   . HOH B 2 .   ? 15.762  8.597   -2.263  1.00 52.93 ? 19  HOH A O   1 
HETATM 1017 O O   . HOH B 2 .   ? -6.805  -10.839 -18.453 1.00 40.86 ? 20  HOH A O   1 
HETATM 1018 O O   . HOH B 2 .   ? -8.773  0.356   -12.366 1.00 40.55 ? 21  HOH A O   1 
HETATM 1019 O O   . HOH B 2 .   ? 14.718  0.994   -0.919  1.00 54.57 ? 22  HOH A O   1 
HETATM 1020 O O   . HOH B 2 .   ? -4.572  -4.608  6.090   1.00 32.76 ? 23  HOH A O   1 
HETATM 1021 O O   . HOH B 2 .   ? -9.532  7.764   20.639  1.00 46.82 ? 24  HOH A O   1 
HETATM 1022 O O   . HOH B 2 .   ? -18.501 6.649   5.421   1.00 48.02 ? 25  HOH A O   1 
HETATM 1023 O O   . HOH B 2 .   ? -9.456  0.579   -9.253  1.00 18.98 ? 26  HOH A O   1 
HETATM 1024 O O   . HOH B 2 .   ? -17.471 7.548   -8.358  1.00 50.07 ? 27  HOH A O   1 
HETATM 1025 O O   . HOH B 2 .   ? -15.424 8.448   -3.002  1.00 35.70 ? 28  HOH A O   1 
HETATM 1026 O O   . HOH B 2 .   ? -8.148  14.547  2.564   1.00 44.48 ? 29  HOH A O   1 
HETATM 1027 O O   . HOH B 2 .   ? 8.216   -11.285 1.793   1.00 63.25 ? 30  HOH A O   1 
HETATM 1028 O O   . HOH B 2 .   ? 1.010   -10.086 -1.881  1.00 37.62 ? 31  HOH A O   1 
HETATM 1029 O O   . HOH B 2 .   ? 6.345   -15.029 -1.749  1.00 70.89 ? 32  HOH A O   1 
HETATM 1030 O O   . HOH B 2 .   ? -0.268  -15.214 0.654   1.00 39.33 ? 33  HOH A O   1 
HETATM 1031 O O   . HOH B 2 .   ? 4.135   -7.010  -15.552 1.00 62.00 ? 34  HOH A O   1 
HETATM 1032 O O   . HOH B 2 .   ? -9.108  7.263   3.626   1.00 38.76 ? 35  HOH A O   1 
HETATM 1033 O O   . HOH B 2 .   ? -1.529  -6.720  1.640   1.00 58.55 ? 36  HOH A O   1 
HETATM 1034 O O   . HOH B 2 .   ? 13.564  -6.892  3.666   1.00 51.73 ? 37  HOH A O   1 
HETATM 1035 O O   . HOH B 2 .   ? 11.669  -8.842  3.788   1.00 53.21 ? 38  HOH A O   1 
HETATM 1036 O O   . HOH B 2 .   ? -1.788  -10.208 20.439  1.00 49.82 ? 39  HOH A O   1 
# 
